data_1RTU
# 
_entry.id   1RTU 
# 
_audit_conform.dict_name       mmcif_pdbx.dic 
_audit_conform.dict_version    5.398 
_audit_conform.dict_location   http://mmcif.pdb.org/dictionaries/ascii/mmcif_pdbx.dic 
# 
loop_
_database_2.database_id 
_database_2.database_code 
_database_2.pdbx_database_accession 
_database_2.pdbx_DOI 
PDB   1RTU         pdb_00001rtu 10.2210/pdb1rtu/pdb 
WWPDB D_1000176226 ?            ?                   
# 
loop_
_pdbx_audit_revision_history.ordinal 
_pdbx_audit_revision_history.data_content_type 
_pdbx_audit_revision_history.major_revision 
_pdbx_audit_revision_history.minor_revision 
_pdbx_audit_revision_history.revision_date 
1 'Structure model' 1 0 1996-11-08 
2 'Structure model' 1 1 2008-03-24 
3 'Structure model' 1 2 2011-07-13 
4 'Structure model' 1 3 2011-07-27 
5 'Structure model' 1 4 2018-04-04 
6 'Structure model' 1 5 2023-08-09 
7 'Structure model' 1 6 2024-11-13 
# 
_pdbx_audit_revision_details.ordinal             1 
_pdbx_audit_revision_details.revision_ordinal    1 
_pdbx_audit_revision_details.data_content_type   'Structure model' 
_pdbx_audit_revision_details.provider            repository 
_pdbx_audit_revision_details.type                'Initial release' 
_pdbx_audit_revision_details.description         ? 
_pdbx_audit_revision_details.details             ? 
# 
loop_
_pdbx_audit_revision_group.ordinal 
_pdbx_audit_revision_group.revision_ordinal 
_pdbx_audit_revision_group.data_content_type 
_pdbx_audit_revision_group.group 
1  2 'Structure model' 'Version format compliance' 
2  3 'Structure model' 'Version format compliance' 
3  4 'Structure model' 'Database references'       
4  4 'Structure model' 'Derived calculations'      
5  4 'Structure model' 'Non-polymer description'   
6  5 'Structure model' Advisory                    
7  5 'Structure model' 'Data collection'           
8  5 'Structure model' Other                       
9  6 'Structure model' Advisory                    
10 6 'Structure model' 'Database references'       
11 6 'Structure model' 'Derived calculations'      
12 6 'Structure model' 'Refinement description'    
13 7 'Structure model' 'Data collection'           
14 7 'Structure model' 'Structure summary'         
# 
loop_
_pdbx_audit_revision_category.ordinal 
_pdbx_audit_revision_category.revision_ordinal 
_pdbx_audit_revision_category.data_content_type 
_pdbx_audit_revision_category.category 
1  5 'Structure model' diffrn_source                 
2  5 'Structure model' pdbx_database_status          
3  5 'Structure model' pdbx_unobs_or_zero_occ_atoms  
4  5 'Structure model' pdbx_validate_polymer_linkage 
5  6 'Structure model' database_2                    
6  6 'Structure model' pdbx_initial_refinement_model 
7  6 'Structure model' pdbx_unobs_or_zero_occ_atoms  
8  6 'Structure model' struct_conn                   
9  6 'Structure model' struct_site                   
10 7 'Structure model' chem_comp_atom                
11 7 'Structure model' chem_comp_bond                
12 7 'Structure model' pdbx_entry_details            
13 7 'Structure model' pdbx_modification_feature     
# 
loop_
_pdbx_audit_revision_item.ordinal 
_pdbx_audit_revision_item.revision_ordinal 
_pdbx_audit_revision_item.data_content_type 
_pdbx_audit_revision_item.item 
1  5 'Structure model' '_diffrn_source.type'                          
2  5 'Structure model' '_pdbx_database_status.process_site'           
3  6 'Structure model' '_database_2.pdbx_DOI'                         
4  6 'Structure model' '_database_2.pdbx_database_accession'          
5  6 'Structure model' '_struct_conn.pdbx_leaving_atom_flag'          
6  6 'Structure model' '_struct_conn.ptnr1_auth_comp_id'              
7  6 'Structure model' '_struct_conn.ptnr1_auth_seq_id'               
8  6 'Structure model' '_struct_conn.ptnr1_label_atom_id'             
9  6 'Structure model' '_struct_conn.ptnr1_label_comp_id'             
10 6 'Structure model' '_struct_conn.ptnr1_label_seq_id'              
11 6 'Structure model' '_struct_conn.ptnr2_auth_comp_id'              
12 6 'Structure model' '_struct_conn.ptnr2_auth_seq_id'               
13 6 'Structure model' '_struct_conn.ptnr2_label_atom_id'             
14 6 'Structure model' '_struct_conn.ptnr2_label_comp_id'             
15 6 'Structure model' '_struct_conn.ptnr2_label_seq_id'              
16 6 'Structure model' '_struct_site.pdbx_auth_asym_id'               
17 6 'Structure model' '_struct_site.pdbx_auth_comp_id'               
18 6 'Structure model' '_struct_site.pdbx_auth_seq_id'                
19 7 'Structure model' '_pdbx_entry_details.has_protein_modification' 
# 
_pdbx_database_status.status_code                     REL 
_pdbx_database_status.entry_id                        1RTU 
_pdbx_database_status.recvd_initial_deposition_date   1995-05-12 
_pdbx_database_status.deposit_site                    ? 
_pdbx_database_status.process_site                    BNL 
_pdbx_database_status.status_code_sf                  REL 
_pdbx_database_status.status_code_mr                  ? 
_pdbx_database_status.SG_entry                        ? 
_pdbx_database_status.status_code_cs                  ? 
_pdbx_database_status.pdb_format_compatible           Y 
_pdbx_database_status.methods_development_category    ? 
_pdbx_database_status.status_code_nmr_data            ? 
# 
loop_
_audit_author.name 
_audit_author.pdbx_ordinal 
'Noguchi, S.'   1 
'Satow, Y.'     2 
'Uchida, T.'    3 
'Sasaki, C.'    4 
'Matsuzaki, T.' 5 
# 
_citation.id                        primary 
_citation.title                     'Crystal structure of Ustilago sphaerogena ribonuclease U2 at 1.8 A resolution.' 
_citation.journal_abbrev            Biochemistry 
_citation.journal_volume            34 
_citation.page_first                15583 
_citation.page_last                 15591 
_citation.year                      1995 
_citation.journal_id_ASTM           BICHAW 
_citation.country                   US 
_citation.journal_id_ISSN           0006-2960 
_citation.journal_id_CSD            0033 
_citation.book_publisher            ? 
_citation.pdbx_database_id_PubMed   7492561 
_citation.pdbx_database_id_DOI      10.1021/bi00047a025 
# 
loop_
_citation_author.citation_id 
_citation_author.name 
_citation_author.ordinal 
_citation_author.identifier_ORCID 
primary 'Noguchi, S.'   1 ? 
primary 'Satow, Y.'     2 ? 
primary 'Uchida, T.'    3 ? 
primary 'Sasaki, C.'    4 ? 
primary 'Matsuzaki, T.' 5 ? 
# 
loop_
_entity.id 
_entity.type 
_entity.src_method 
_entity.pdbx_description 
_entity.formula_weight 
_entity.pdbx_number_of_molecules 
_entity.pdbx_ec 
_entity.pdbx_mutation 
_entity.pdbx_fragment 
_entity.details 
1 polymer     nat 'RIBONUCLEASE U2' 12392.090 1   ? ? ? ? 
2 non-polymer syn 'SULFATE ION'     96.063    1   ? ? ? ? 
3 water       nat water             18.015    141 ? ? ? ? 
# 
_entity_poly.entity_id                      1 
_entity_poly.type                           'polypeptide(L)' 
_entity_poly.nstd_linkage                   no 
_entity_poly.nstd_monomer                   yes 
_entity_poly.pdbx_seq_one_letter_code       
;CDIPQSTNCGGNVYSNDDINTAIQGALDDVANGDRPDNYPHQYY(IAS)EASEDITLCCGSGPWSEFPLVYNGPYYSSRD
NYVSPGPDRVIYQTNTGEFCATVTHTGAASYDGFTQCS
;
_entity_poly.pdbx_seq_one_letter_code_can   
;CDIPQSTNCGGNVYSNDDINTAIQGALDDVANGDRPDNYPHQYYDEASEDITLCCGSGPWSEFPLVYNGPYYSSRDNYVS
PGPDRVIYQTNTGEFCATVTHTGAASYDGFTQCS
;
_entity_poly.pdbx_strand_id                 A 
_entity_poly.pdbx_target_identifier         ? 
# 
loop_
_pdbx_entity_nonpoly.entity_id 
_pdbx_entity_nonpoly.name 
_pdbx_entity_nonpoly.comp_id 
2 'SULFATE ION' SO4 
3 water         HOH 
# 
loop_
_entity_poly_seq.entity_id 
_entity_poly_seq.num 
_entity_poly_seq.mon_id 
_entity_poly_seq.hetero 
1 1   CYS n 
1 2   ASP n 
1 3   ILE n 
1 4   PRO n 
1 5   GLN n 
1 6   SER n 
1 7   THR n 
1 8   ASN n 
1 9   CYS n 
1 10  GLY n 
1 11  GLY n 
1 12  ASN n 
1 13  VAL n 
1 14  TYR n 
1 15  SER n 
1 16  ASN n 
1 17  ASP n 
1 18  ASP n 
1 19  ILE n 
1 20  ASN n 
1 21  THR n 
1 22  ALA n 
1 23  ILE n 
1 24  GLN n 
1 25  GLY n 
1 26  ALA n 
1 27  LEU n 
1 28  ASP n 
1 29  ASP n 
1 30  VAL n 
1 31  ALA n 
1 32  ASN n 
1 33  GLY n 
1 34  ASP n 
1 35  ARG n 
1 36  PRO n 
1 37  ASP n 
1 38  ASN n 
1 39  TYR n 
1 40  PRO n 
1 41  HIS n 
1 42  GLN n 
1 43  TYR n 
1 44  TYR n 
1 45  IAS n 
1 46  GLU n 
1 47  ALA n 
1 48  SER n 
1 49  GLU n 
1 50  ASP n 
1 51  ILE n 
1 52  THR n 
1 53  LEU n 
1 54  CYS n 
1 55  CYS n 
1 56  GLY n 
1 57  SER n 
1 58  GLY n 
1 59  PRO n 
1 60  TRP n 
1 61  SER n 
1 62  GLU n 
1 63  PHE n 
1 64  PRO n 
1 65  LEU n 
1 66  VAL n 
1 67  TYR n 
1 68  ASN n 
1 69  GLY n 
1 70  PRO n 
1 71  TYR n 
1 72  TYR n 
1 73  SER n 
1 74  SER n 
1 75  ARG n 
1 76  ASP n 
1 77  ASN n 
1 78  TYR n 
1 79  VAL n 
1 80  SER n 
1 81  PRO n 
1 82  GLY n 
1 83  PRO n 
1 84  ASP n 
1 85  ARG n 
1 86  VAL n 
1 87  ILE n 
1 88  TYR n 
1 89  GLN n 
1 90  THR n 
1 91  ASN n 
1 92  THR n 
1 93  GLY n 
1 94  GLU n 
1 95  PHE n 
1 96  CYS n 
1 97  ALA n 
1 98  THR n 
1 99  VAL n 
1 100 THR n 
1 101 HIS n 
1 102 THR n 
1 103 GLY n 
1 104 ALA n 
1 105 ALA n 
1 106 SER n 
1 107 TYR n 
1 108 ASP n 
1 109 GLY n 
1 110 PHE n 
1 111 THR n 
1 112 GLN n 
1 113 CYS n 
1 114 SER n 
# 
_entity_src_nat.entity_id                  1 
_entity_src_nat.pdbx_src_id                1 
_entity_src_nat.pdbx_alt_source_flag       sample 
_entity_src_nat.pdbx_beg_seq_num           ? 
_entity_src_nat.pdbx_end_seq_num           ? 
_entity_src_nat.common_name                ? 
_entity_src_nat.pdbx_organism_scientific   'Ustilago sphaerogena' 
_entity_src_nat.pdbx_ncbi_taxonomy_id      5271 
_entity_src_nat.genus                      Ustilago 
_entity_src_nat.species                    ? 
_entity_src_nat.strain                     ? 
_entity_src_nat.tissue                     ? 
_entity_src_nat.tissue_fraction            ? 
_entity_src_nat.pdbx_secretion             ? 
_entity_src_nat.pdbx_fragment              ? 
_entity_src_nat.pdbx_variant               ? 
_entity_src_nat.pdbx_cell_line             ? 
_entity_src_nat.pdbx_atcc                  12421 
_entity_src_nat.pdbx_cellular_location     ? 
_entity_src_nat.pdbx_organ                 ? 
_entity_src_nat.pdbx_organelle             ? 
_entity_src_nat.pdbx_cell                  ? 
_entity_src_nat.pdbx_plasmid_name          ? 
_entity_src_nat.pdbx_plasmid_details       ? 
_entity_src_nat.details                    ? 
# 
loop_
_chem_comp.id 
_chem_comp.type 
_chem_comp.mon_nstd_flag 
_chem_comp.name 
_chem_comp.pdbx_synonyms 
_chem_comp.formula 
_chem_comp.formula_weight 
ALA 'L-peptide linking'               y ALANINE                ?                 'C3 H7 N O2'     89.093  
ARG 'L-peptide linking'               y ARGININE               ?                 'C6 H15 N4 O2 1' 175.209 
ASN 'L-peptide linking'               y ASPARAGINE             ?                 'C4 H8 N2 O3'    132.118 
ASP 'L-peptide linking'               y 'ASPARTIC ACID'        ?                 'C4 H7 N O4'     133.103 
CYS 'L-peptide linking'               y CYSTEINE               ?                 'C3 H7 N O2 S'   121.158 
GLN 'L-peptide linking'               y GLUTAMINE              ?                 'C5 H10 N2 O3'   146.144 
GLU 'L-peptide linking'               y 'GLUTAMIC ACID'        ?                 'C5 H9 N O4'     147.129 
GLY 'peptide linking'                 y GLYCINE                ?                 'C2 H5 N O2'     75.067  
HIS 'L-peptide linking'               y HISTIDINE              ?                 'C6 H10 N3 O2 1' 156.162 
HOH non-polymer                       . WATER                  ?                 'H2 O'           18.015  
IAS 'L-beta-peptide, C-gamma linking' . 'BETA-L-ASPARTIC ACID' 'L-aspartic acid' 'C4 H7 N O4'     133.103 
ILE 'L-peptide linking'               y ISOLEUCINE             ?                 'C6 H13 N O2'    131.173 
LEU 'L-peptide linking'               y LEUCINE                ?                 'C6 H13 N O2'    131.173 
PHE 'L-peptide linking'               y PHENYLALANINE          ?                 'C9 H11 N O2'    165.189 
PRO 'L-peptide linking'               y PROLINE                ?                 'C5 H9 N O2'     115.130 
SER 'L-peptide linking'               y SERINE                 ?                 'C3 H7 N O3'     105.093 
SO4 non-polymer                       . 'SULFATE ION'          ?                 'O4 S -2'        96.063  
THR 'L-peptide linking'               y THREONINE              ?                 'C4 H9 N O3'     119.119 
TRP 'L-peptide linking'               y TRYPTOPHAN             ?                 'C11 H12 N2 O2'  204.225 
TYR 'L-peptide linking'               y TYROSINE               ?                 'C9 H11 N O3'    181.189 
VAL 'L-peptide linking'               y VALINE                 ?                 'C5 H11 N O2'    117.146 
# 
loop_
_pdbx_poly_seq_scheme.asym_id 
_pdbx_poly_seq_scheme.entity_id 
_pdbx_poly_seq_scheme.seq_id 
_pdbx_poly_seq_scheme.mon_id 
_pdbx_poly_seq_scheme.ndb_seq_num 
_pdbx_poly_seq_scheme.pdb_seq_num 
_pdbx_poly_seq_scheme.auth_seq_num 
_pdbx_poly_seq_scheme.pdb_mon_id 
_pdbx_poly_seq_scheme.auth_mon_id 
_pdbx_poly_seq_scheme.pdb_strand_id 
_pdbx_poly_seq_scheme.pdb_ins_code 
_pdbx_poly_seq_scheme.hetero 
A 1 1   CYS 1   1   1   CYS CYS A . n 
A 1 2   ASP 2   2   2   ASP ASP A . n 
A 1 3   ILE 3   3   3   ILE ILE A . n 
A 1 4   PRO 4   4   4   PRO PRO A . n 
A 1 5   GLN 5   5   5   GLN GLN A . n 
A 1 6   SER 6   6   6   SER SER A . n 
A 1 7   THR 7   7   7   THR THR A . n 
A 1 8   ASN 8   8   8   ASN ASN A . n 
A 1 9   CYS 9   9   9   CYS CYS A . n 
A 1 10  GLY 10  10  10  GLY GLY A . n 
A 1 11  GLY 11  11  11  GLY GLY A . n 
A 1 12  ASN 12  12  12  ASN ASN A . n 
A 1 13  VAL 13  13  13  VAL VAL A . n 
A 1 14  TYR 14  14  14  TYR TYR A . n 
A 1 15  SER 15  15  15  SER SER A . n 
A 1 16  ASN 16  16  16  ASN ASN A . n 
A 1 17  ASP 17  17  17  ASP ASP A . n 
A 1 18  ASP 18  18  18  ASP ASP A . n 
A 1 19  ILE 19  19  19  ILE ILE A . n 
A 1 20  ASN 20  20  20  ASN ASN A . n 
A 1 21  THR 21  21  21  THR THR A . n 
A 1 22  ALA 22  22  22  ALA ALA A . n 
A 1 23  ILE 23  23  23  ILE ILE A . n 
A 1 24  GLN 24  24  24  GLN GLN A . n 
A 1 25  GLY 25  25  25  GLY GLY A . n 
A 1 26  ALA 26  26  26  ALA ALA A . n 
A 1 27  LEU 27  27  27  LEU LEU A . n 
A 1 28  ASP 28  28  28  ASP ASP A . n 
A 1 29  ASP 29  29  29  ASP ASP A . n 
A 1 30  VAL 30  30  30  VAL VAL A . n 
A 1 31  ALA 31  31  31  ALA ALA A . n 
A 1 32  ASN 32  32  32  ASN ASN A . n 
A 1 33  GLY 33  33  33  GLY GLY A . n 
A 1 34  ASP 34  34  34  ASP ASP A . n 
A 1 35  ARG 35  35  35  ARG ARG A . n 
A 1 36  PRO 36  36  36  PRO PRO A . n 
A 1 37  ASP 37  37  37  ASP ASP A . n 
A 1 38  ASN 38  38  38  ASN ASN A . n 
A 1 39  TYR 39  39  39  TYR TYR A . n 
A 1 40  PRO 40  40  40  PRO PRO A . n 
A 1 41  HIS 41  41  41  HIS HIS A . n 
A 1 42  GLN 42  42  42  GLN GLN A . n 
A 1 43  TYR 43  43  43  TYR TYR A . n 
A 1 44  TYR 44  44  44  TYR TYR A . n 
A 1 45  IAS 45  45  45  IAS ASP A . n 
A 1 46  GLU 46  46  46  GLU GLU A . n 
A 1 47  ALA 47  47  47  ALA ALA A . n 
A 1 48  SER 48  48  48  SER SER A . n 
A 1 49  GLU 49  49  49  GLU GLU A . n 
A 1 50  ASP 50  50  50  ASP ASP A . n 
A 1 51  ILE 51  51  51  ILE ILE A . n 
A 1 52  THR 52  52  52  THR THR A . n 
A 1 53  LEU 53  53  53  LEU LEU A . n 
A 1 54  CYS 54  54  54  CYS CYS A . n 
A 1 55  CYS 55  55  55  CYS CYS A . n 
A 1 56  GLY 56  56  56  GLY GLY A . n 
A 1 57  SER 57  57  57  SER SER A . n 
A 1 58  GLY 58  58  58  GLY GLY A . n 
A 1 59  PRO 59  59  59  PRO PRO A . n 
A 1 60  TRP 60  60  60  TRP TRP A . n 
A 1 61  SER 61  61  61  SER SER A . n 
A 1 62  GLU 62  62  62  GLU GLU A . n 
A 1 63  PHE 63  63  63  PHE PHE A . n 
A 1 64  PRO 64  64  64  PRO PRO A . n 
A 1 65  LEU 65  65  65  LEU LEU A . n 
A 1 66  VAL 66  66  66  VAL VAL A . n 
A 1 67  TYR 67  67  67  TYR TYR A . n 
A 1 68  ASN 68  68  68  ASN ASN A . n 
A 1 69  GLY 69  69  69  GLY GLY A . n 
A 1 70  PRO 70  70  70  PRO PRO A . n 
A 1 71  TYR 71  71  71  TYR TYR A . n 
A 1 72  TYR 72  72  72  TYR TYR A . n 
A 1 73  SER 73  73  73  SER SER A . n 
A 1 74  SER 74  74  74  SER SER A . n 
A 1 75  ARG 75  75  75  ARG ARG A . n 
A 1 76  ASP 76  76  76  ASP ASP A . n 
A 1 77  ASN 77  77  77  ASN ASN A . n 
A 1 78  TYR 78  78  78  TYR TYR A . n 
A 1 79  VAL 79  79  79  VAL VAL A . n 
A 1 80  SER 80  80  80  SER SER A . n 
A 1 81  PRO 81  81  81  PRO PRO A . n 
A 1 82  GLY 82  82  82  GLY GLY A . n 
A 1 83  PRO 83  83  83  PRO PRO A . n 
A 1 84  ASP 84  84  84  ASP ASP A . n 
A 1 85  ARG 85  85  85  ARG ARG A . n 
A 1 86  VAL 86  86  86  VAL VAL A . n 
A 1 87  ILE 87  87  87  ILE ILE A . n 
A 1 88  TYR 88  88  88  TYR TYR A . n 
A 1 89  GLN 89  89  89  GLN GLN A . n 
A 1 90  THR 90  90  90  THR THR A . n 
A 1 91  ASN 91  91  91  ASN ASN A . n 
A 1 92  THR 92  92  92  THR THR A . n 
A 1 93  GLY 93  93  93  GLY GLY A . n 
A 1 94  GLU 94  94  94  GLU GLU A . n 
A 1 95  PHE 95  95  95  PHE PHE A . n 
A 1 96  CYS 96  96  96  CYS CYS A . n 
A 1 97  ALA 97  97  97  ALA ALA A . n 
A 1 98  THR 98  98  98  THR THR A . n 
A 1 99  VAL 99  99  99  VAL VAL A . n 
A 1 100 THR 100 100 100 THR THR A . n 
A 1 101 HIS 101 101 101 HIS HIS A . n 
A 1 102 THR 102 102 102 THR THR A . n 
A 1 103 GLY 103 103 103 GLY GLY A . n 
A 1 104 ALA 104 104 104 ALA ALA A . n 
A 1 105 ALA 105 105 105 ALA ALA A . n 
A 1 106 SER 106 106 106 SER SER A . n 
A 1 107 TYR 107 107 107 TYR TYR A . n 
A 1 108 ASP 108 108 108 ASP ASP A . n 
A 1 109 GLY 109 109 109 GLY GLY A . n 
A 1 110 PHE 110 110 110 PHE PHE A . n 
A 1 111 THR 111 111 111 THR THR A . n 
A 1 112 GLN 112 112 112 GLN GLN A . n 
A 1 113 CYS 113 113 113 CYS CYS A . n 
A 1 114 SER 114 114 114 SER SER A . n 
# 
loop_
_pdbx_nonpoly_scheme.asym_id 
_pdbx_nonpoly_scheme.entity_id 
_pdbx_nonpoly_scheme.mon_id 
_pdbx_nonpoly_scheme.ndb_seq_num 
_pdbx_nonpoly_scheme.pdb_seq_num 
_pdbx_nonpoly_scheme.auth_seq_num 
_pdbx_nonpoly_scheme.pdb_mon_id 
_pdbx_nonpoly_scheme.auth_mon_id 
_pdbx_nonpoly_scheme.pdb_strand_id 
_pdbx_nonpoly_scheme.pdb_ins_code 
B 2 SO4 1   201 201 SO4 SO4 A . 
C 3 HOH 1   301 301 HOH HOH A . 
C 3 HOH 2   302 302 HOH HOH A . 
C 3 HOH 3   303 303 HOH HOH A . 
C 3 HOH 4   304 304 HOH HOH A . 
C 3 HOH 5   305 305 HOH HOH A . 
C 3 HOH 6   306 306 HOH HOH A . 
C 3 HOH 7   307 307 HOH HOH A . 
C 3 HOH 8   308 308 HOH HOH A . 
C 3 HOH 9   309 309 HOH HOH A . 
C 3 HOH 10  310 310 HOH HOH A . 
C 3 HOH 11  311 311 HOH HOH A . 
C 3 HOH 12  312 312 HOH HOH A . 
C 3 HOH 13  313 313 HOH HOH A . 
C 3 HOH 14  314 314 HOH HOH A . 
C 3 HOH 15  315 315 HOH HOH A . 
C 3 HOH 16  316 316 HOH HOH A . 
C 3 HOH 17  317 317 HOH HOH A . 
C 3 HOH 18  318 318 HOH HOH A . 
C 3 HOH 19  319 319 HOH HOH A . 
C 3 HOH 20  320 320 HOH HOH A . 
C 3 HOH 21  321 321 HOH HOH A . 
C 3 HOH 22  322 322 HOH HOH A . 
C 3 HOH 23  323 323 HOH HOH A . 
C 3 HOH 24  324 324 HOH HOH A . 
C 3 HOH 25  325 325 HOH HOH A . 
C 3 HOH 26  326 326 HOH HOH A . 
C 3 HOH 27  327 327 HOH HOH A . 
C 3 HOH 28  328 328 HOH HOH A . 
C 3 HOH 29  329 329 HOH HOH A . 
C 3 HOH 30  330 330 HOH HOH A . 
C 3 HOH 31  331 331 HOH HOH A . 
C 3 HOH 32  332 332 HOH HOH A . 
C 3 HOH 33  333 333 HOH HOH A . 
C 3 HOH 34  334 334 HOH HOH A . 
C 3 HOH 35  335 335 HOH HOH A . 
C 3 HOH 36  336 336 HOH HOH A . 
C 3 HOH 37  337 337 HOH HOH A . 
C 3 HOH 38  338 338 HOH HOH A . 
C 3 HOH 39  339 339 HOH HOH A . 
C 3 HOH 40  340 340 HOH HOH A . 
C 3 HOH 41  341 341 HOH HOH A . 
C 3 HOH 42  342 342 HOH HOH A . 
C 3 HOH 43  343 343 HOH HOH A . 
C 3 HOH 44  344 344 HOH HOH A . 
C 3 HOH 45  345 345 HOH HOH A . 
C 3 HOH 46  346 346 HOH HOH A . 
C 3 HOH 47  347 347 HOH HOH A . 
C 3 HOH 48  348 348 HOH HOH A . 
C 3 HOH 49  350 350 HOH HOH A . 
C 3 HOH 50  351 351 HOH HOH A . 
C 3 HOH 51  352 352 HOH HOH A . 
C 3 HOH 52  353 353 HOH HOH A . 
C 3 HOH 53  354 354 HOH HOH A . 
C 3 HOH 54  355 355 HOH HOH A . 
C 3 HOH 55  356 356 HOH HOH A . 
C 3 HOH 56  357 357 HOH HOH A . 
C 3 HOH 57  358 358 HOH HOH A . 
C 3 HOH 58  359 359 HOH HOH A . 
C 3 HOH 59  360 360 HOH HOH A . 
C 3 HOH 60  361 361 HOH HOH A . 
C 3 HOH 61  362 362 HOH HOH A . 
C 3 HOH 62  363 363 HOH HOH A . 
C 3 HOH 63  364 364 HOH HOH A . 
C 3 HOH 64  365 365 HOH HOH A . 
C 3 HOH 65  366 366 HOH HOH A . 
C 3 HOH 66  367 367 HOH HOH A . 
C 3 HOH 67  368 368 HOH HOH A . 
C 3 HOH 68  369 369 HOH HOH A . 
C 3 HOH 69  370 370 HOH HOH A . 
C 3 HOH 70  371 371 HOH HOH A . 
C 3 HOH 71  372 372 HOH HOH A . 
C 3 HOH 72  373 373 HOH HOH A . 
C 3 HOH 73  374 374 HOH HOH A . 
C 3 HOH 74  375 375 HOH HOH A . 
C 3 HOH 75  376 376 HOH HOH A . 
C 3 HOH 76  377 377 HOH HOH A . 
C 3 HOH 77  378 378 HOH HOH A . 
C 3 HOH 78  379 379 HOH HOH A . 
C 3 HOH 79  380 380 HOH HOH A . 
C 3 HOH 80  381 381 HOH HOH A . 
C 3 HOH 81  382 382 HOH HOH A . 
C 3 HOH 82  383 383 HOH HOH A . 
C 3 HOH 83  384 384 HOH HOH A . 
C 3 HOH 84  385 385 HOH HOH A . 
C 3 HOH 85  386 386 HOH HOH A . 
C 3 HOH 86  387 387 HOH HOH A . 
C 3 HOH 87  388 388 HOH HOH A . 
C 3 HOH 88  389 389 HOH HOH A . 
C 3 HOH 89  390 390 HOH HOH A . 
C 3 HOH 90  391 391 HOH HOH A . 
C 3 HOH 91  392 392 HOH HOH A . 
C 3 HOH 92  393 393 HOH HOH A . 
C 3 HOH 93  394 394 HOH HOH A . 
C 3 HOH 94  395 395 HOH HOH A . 
C 3 HOH 95  396 396 HOH HOH A . 
C 3 HOH 96  397 397 HOH HOH A . 
C 3 HOH 97  398 398 HOH HOH A . 
C 3 HOH 98  399 399 HOH HOH A . 
C 3 HOH 99  400 400 HOH HOH A . 
C 3 HOH 100 401 401 HOH HOH A . 
C 3 HOH 101 402 402 HOH HOH A . 
C 3 HOH 102 403 403 HOH HOH A . 
C 3 HOH 103 404 404 HOH HOH A . 
C 3 HOH 104 405 405 HOH HOH A . 
C 3 HOH 105 406 406 HOH HOH A . 
C 3 HOH 106 407 407 HOH HOH A . 
C 3 HOH 107 408 408 HOH HOH A . 
C 3 HOH 108 409 409 HOH HOH A . 
C 3 HOH 109 410 410 HOH HOH A . 
C 3 HOH 110 411 411 HOH HOH A . 
C 3 HOH 111 412 412 HOH HOH A . 
C 3 HOH 112 413 413 HOH HOH A . 
C 3 HOH 113 414 414 HOH HOH A . 
C 3 HOH 114 415 415 HOH HOH A . 
C 3 HOH 115 416 416 HOH HOH A . 
C 3 HOH 116 417 417 HOH HOH A . 
C 3 HOH 117 418 418 HOH HOH A . 
C 3 HOH 118 419 419 HOH HOH A . 
C 3 HOH 119 420 420 HOH HOH A . 
C 3 HOH 120 421 421 HOH HOH A . 
C 3 HOH 121 422 422 HOH HOH A . 
C 3 HOH 122 423 423 HOH HOH A . 
C 3 HOH 123 424 424 HOH HOH A . 
C 3 HOH 124 425 425 HOH HOH A . 
C 3 HOH 125 426 426 HOH HOH A . 
C 3 HOH 126 427 427 HOH HOH A . 
C 3 HOH 127 428 428 HOH HOH A . 
C 3 HOH 128 429 429 HOH HOH A . 
C 3 HOH 129 430 430 HOH HOH A . 
C 3 HOH 130 431 431 HOH HOH A . 
C 3 HOH 131 432 432 HOH HOH A . 
C 3 HOH 132 433 433 HOH HOH A . 
C 3 HOH 133 434 434 HOH HOH A . 
C 3 HOH 134 436 436 HOH HOH A . 
C 3 HOH 135 437 437 HOH HOH A . 
C 3 HOH 136 438 438 HOH HOH A . 
C 3 HOH 137 440 440 HOH HOH A . 
C 3 HOH 138 441 441 HOH HOH A . 
C 3 HOH 139 443 443 HOH HOH A . 
C 3 HOH 140 444 444 HOH HOH A . 
C 3 HOH 141 445 445 HOH HOH A . 
# 
loop_
_pdbx_unobs_or_zero_occ_atoms.id 
_pdbx_unobs_or_zero_occ_atoms.PDB_model_num 
_pdbx_unobs_or_zero_occ_atoms.polymer_flag 
_pdbx_unobs_or_zero_occ_atoms.occupancy_flag 
_pdbx_unobs_or_zero_occ_atoms.auth_asym_id 
_pdbx_unobs_or_zero_occ_atoms.auth_comp_id 
_pdbx_unobs_or_zero_occ_atoms.auth_seq_id 
_pdbx_unobs_or_zero_occ_atoms.PDB_ins_code 
_pdbx_unobs_or_zero_occ_atoms.auth_atom_id 
_pdbx_unobs_or_zero_occ_atoms.label_alt_id 
_pdbx_unobs_or_zero_occ_atoms.label_asym_id 
_pdbx_unobs_or_zero_occ_atoms.label_comp_id 
_pdbx_unobs_or_zero_occ_atoms.label_seq_id 
_pdbx_unobs_or_zero_occ_atoms.label_atom_id 
1 1 Y 0 A GLN 5 ? CD  ? A GLN 5 CD  
2 1 Y 0 A GLN 5 ? OE1 ? A GLN 5 OE1 
3 1 Y 0 A GLN 5 ? NE2 ? A GLN 5 NE2 
# 
loop_
_software.name 
_software.classification 
_software.version 
_software.citation_id 
_software.pdbx_ordinal 
OSCMGR 'data collection' '(LOCAL VERSION)'   ? 1  
TOMOKO 'data reduction'  .                   ? 2  
MARIKO 'data reduction'  '(LOCAL PROGRAM)'   ? 3  
X-PLOR 'model building'  .                   ? 4  
PROLSQ refinement        .                   ? 5  
X-PLOR refinement        .                   ? 6  
OSC    'data reduction'  '(LOCAL VERSION)'   ? 7  
A      'data scaling'    'PROGRAM BY TOMOKO' ? 8  
MARIKO 'data scaling'    .                   ? 9  
X-PLOR phasing           .                   ? 10 
# 
_cell.entry_id           1RTU 
_cell.length_a           49.320 
_cell.length_b           61.270 
_cell.length_c           34.950 
_cell.angle_alpha        90.00 
_cell.angle_beta         90.00 
_cell.angle_gamma        90.00 
_cell.Z_PDB              4 
_cell.pdbx_unique_axis   ? 
_cell.length_a_esd       ? 
_cell.length_b_esd       ? 
_cell.length_c_esd       ? 
_cell.angle_alpha_esd    ? 
_cell.angle_beta_esd     ? 
_cell.angle_gamma_esd    ? 
# 
_symmetry.entry_id                         1RTU 
_symmetry.space_group_name_H-M             'P 21 21 21' 
_symmetry.pdbx_full_space_group_name_H-M   ? 
_symmetry.cell_setting                     ? 
_symmetry.Int_Tables_number                19 
_symmetry.space_group_name_Hall            ? 
# 
_exptl.entry_id          1RTU 
_exptl.method            'X-RAY DIFFRACTION' 
_exptl.crystals_number   1 
# 
_exptl_crystal.id                    1 
_exptl_crystal.density_meas          ? 
_exptl_crystal.density_Matthews      2.13 
_exptl_crystal.density_percent_sol   42.4 
_exptl_crystal.description           ? 
_exptl_crystal.F_000                 ? 
_exptl_crystal.preparation           ? 
# 
_exptl_crystal_grow.crystal_id      1 
_exptl_crystal_grow.method          'VAPOR DIFFUSION, HANGING DROP' 
_exptl_crystal_grow.temp            293 
_exptl_crystal_grow.temp_details    ? 
_exptl_crystal_grow.pH              4.5 
_exptl_crystal_grow.pdbx_pH_range   ? 
_exptl_crystal_grow.pdbx_details    
;CRYSTALS WERE PREPARED BY HANGING-DROP VAPOUR-DIFFUSION METHOD AT 293 KELVIN FROM A 20 MG/ML PROTEIN SOLUTION CONTAINING 15 MG/ML 2'-DEOXY 2'-FLUORO ADENYLYL-3',5'-CYTIDINE, 0.4M AMMONIUM SULFATE, EQUILIBRATED AGAINST A RESERVOIR OF 0.9M AMMONIUM SULFATE CONTAINING 0.1M ACETATE BUFFER (PH 4.5)., vapor diffusion - hanging drop
;
# 
_diffrn.id                     1 
_diffrn.ambient_temp           284 
_diffrn.ambient_temp_details   ? 
_diffrn.crystal_id             1 
# 
_diffrn_detector.diffrn_id              1 
_diffrn_detector.detector               'IMAGE PLATE' 
_diffrn_detector.type                   FUJI 
_diffrn_detector.pdbx_collection_date   1990-05-22 
_diffrn_detector.details                'DOUBLE FOCUSSING MIRROR' 
# 
_diffrn_radiation.diffrn_id                        1 
_diffrn_radiation.wavelength_id                    1 
_diffrn_radiation.pdbx_monochromatic_or_laue_m_l   M 
_diffrn_radiation.monochromator                    'SI(111)' 
_diffrn_radiation.pdbx_diffrn_protocol             ? 
_diffrn_radiation.pdbx_scattering_type             x-ray 
# 
_diffrn_radiation_wavelength.id           1 
_diffrn_radiation_wavelength.wavelength   0.9000 
_diffrn_radiation_wavelength.wt           1.0 
# 
_diffrn_source.diffrn_id                   1 
_diffrn_source.source                      SYNCHROTRON 
_diffrn_source.type                        'PHOTON FACTORY' 
_diffrn_source.pdbx_synchrotron_site       'Photon Factory' 
_diffrn_source.pdbx_synchrotron_beamline   ? 
_diffrn_source.pdbx_wavelength             0.9000 
_diffrn_source.pdbx_wavelength_list        ? 
# 
_reflns.entry_id                     1RTU 
_reflns.observed_criterion_sigma_I   1. 
_reflns.observed_criterion_sigma_F   ? 
_reflns.d_resolution_low             12.0 
_reflns.d_resolution_high            1.8 
_reflns.number_obs                   9903 
_reflns.number_all                   ? 
_reflns.percent_possible_obs         96.1 
_reflns.pdbx_Rmerge_I_obs            0.0342 
_reflns.pdbx_Rsym_value              ? 
_reflns.pdbx_netI_over_sigmaI        ? 
_reflns.B_iso_Wilson_estimate        ? 
_reflns.pdbx_redundancy              4.0 
_reflns.R_free_details               ? 
_reflns.limit_h_max                  ? 
_reflns.limit_h_min                  ? 
_reflns.limit_k_max                  ? 
_reflns.limit_k_min                  ? 
_reflns.limit_l_max                  ? 
_reflns.limit_l_min                  ? 
_reflns.observed_criterion_F_max     ? 
_reflns.observed_criterion_F_min     ? 
_reflns.pdbx_chi_squared             ? 
_reflns.pdbx_scaling_rejects         ? 
_reflns.pdbx_ordinal                 1 
_reflns.pdbx_diffrn_id               1 
# 
_reflns_shell.d_res_high             1.80 
_reflns_shell.d_res_low              1.87 
_reflns_shell.percent_possible_all   86.4 
_reflns_shell.Rmerge_I_obs           0.077 
_reflns_shell.pdbx_Rsym_value        ? 
_reflns_shell.meanI_over_sigI_obs    ? 
_reflns_shell.pdbx_redundancy        3.0 
_reflns_shell.percent_possible_obs   ? 
_reflns_shell.number_unique_all      ? 
_reflns_shell.number_measured_all    ? 
_reflns_shell.number_measured_obs    ? 
_reflns_shell.number_unique_obs      ? 
_reflns_shell.pdbx_chi_squared       ? 
_reflns_shell.pdbx_ordinal           1 
_reflns_shell.pdbx_diffrn_id         1 
# 
_refine.entry_id                                 1RTU 
_refine.ls_number_reflns_obs                     9807 
_refine.ls_number_reflns_all                     9807 
_refine.pdbx_ls_sigma_I                          ? 
_refine.pdbx_ls_sigma_F                          0.0 
_refine.pdbx_data_cutoff_high_absF               ? 
_refine.pdbx_data_cutoff_low_absF                ? 
_refine.pdbx_data_cutoff_high_rms_absF           ? 
_refine.ls_d_res_low                             8.0 
_refine.ls_d_res_high                            1.8 
_refine.ls_percent_reflns_obs                    96.5 
_refine.ls_R_factor_obs                          ? 
_refine.ls_R_factor_all                          0.143 
_refine.ls_R_factor_R_work                       ? 
_refine.ls_R_factor_R_free                       ? 
_refine.ls_R_factor_R_free_error                 ? 
_refine.ls_R_factor_R_free_error_details         ? 
_refine.ls_percent_reflns_R_free                 ? 
_refine.ls_number_reflns_R_free                  ? 
_refine.ls_number_parameters                     ? 
_refine.ls_number_restraints                     ? 
_refine.occupancy_min                            ? 
_refine.occupancy_max                            ? 
_refine.B_iso_mean                               13.4 
_refine.aniso_B[1][1]                            ? 
_refine.aniso_B[2][2]                            ? 
_refine.aniso_B[3][3]                            ? 
_refine.aniso_B[1][2]                            ? 
_refine.aniso_B[1][3]                            ? 
_refine.aniso_B[2][3]                            ? 
_refine.solvent_model_details                    ? 
_refine.solvent_model_param_ksol                 ? 
_refine.solvent_model_param_bsol                 ? 
_refine.pdbx_ls_cross_valid_method               ? 
_refine.details                                  ? 
_refine.pdbx_starting_model                      'RNASE T1 (PDB ENTRY 1RNT)' 
_refine.pdbx_method_to_determine_struct          'MOLECULAR REPLACEMENT' 
_refine.pdbx_isotropic_thermal_model             ? 
_refine.pdbx_stereochemistry_target_values       ? 
_refine.pdbx_stereochem_target_val_spec_case     ? 
_refine.pdbx_R_Free_selection_details            ? 
_refine.pdbx_overall_ESU_R_Free                  ? 
_refine.overall_SU_ML                            ? 
_refine.overall_SU_B                             ? 
_refine.pdbx_refine_id                           'X-RAY DIFFRACTION' 
_refine.ls_redundancy_reflns_obs                 ? 
_refine.pdbx_overall_phase_error                 ? 
_refine.B_iso_min                                ? 
_refine.B_iso_max                                ? 
_refine.correlation_coeff_Fo_to_Fc               ? 
_refine.correlation_coeff_Fo_to_Fc_free          ? 
_refine.pdbx_solvent_vdw_probe_radii             ? 
_refine.pdbx_solvent_ion_probe_radii             ? 
_refine.pdbx_solvent_shrinkage_radii             ? 
_refine.overall_SU_R_Cruickshank_DPI             ? 
_refine.overall_SU_R_free                        ? 
_refine.ls_wR_factor_R_free                      ? 
_refine.ls_wR_factor_R_work                      ? 
_refine.overall_FOM_free_R_set                   ? 
_refine.overall_FOM_work_R_set                   ? 
_refine.pdbx_overall_ESU_R                       ? 
_refine.pdbx_diffrn_id                           1 
_refine.pdbx_TLS_residual_ADP_flag               ? 
_refine.pdbx_overall_SU_R_free_Cruickshank_DPI   ? 
_refine.pdbx_overall_SU_R_Blow_DPI               ? 
_refine.pdbx_overall_SU_R_free_Blow_DPI          ? 
# 
_refine_analyze.entry_id                        1RTU 
_refine_analyze.Luzzati_coordinate_error_obs    0.13 
_refine_analyze.Luzzati_sigma_a_obs             ? 
_refine_analyze.Luzzati_d_res_low_obs           ? 
_refine_analyze.Luzzati_coordinate_error_free   ? 
_refine_analyze.Luzzati_sigma_a_free            ? 
_refine_analyze.Luzzati_d_res_low_free          ? 
_refine_analyze.number_disordered_residues      ? 
_refine_analyze.occupancy_sum_hydrogen          ? 
_refine_analyze.occupancy_sum_non_hydrogen      ? 
_refine_analyze.pdbx_refine_id                  'X-RAY DIFFRACTION' 
_refine_analyze.pdbx_Luzzati_d_res_high_obs     ? 
# 
_refine_hist.pdbx_refine_id                   'X-RAY DIFFRACTION' 
_refine_hist.cycle_id                         LAST 
_refine_hist.pdbx_number_atoms_protein        870 
_refine_hist.pdbx_number_atoms_nucleic_acid   0 
_refine_hist.pdbx_number_atoms_ligand         5 
_refine_hist.number_atoms_solvent             141 
_refine_hist.number_atoms_total               1016 
_refine_hist.d_res_high                       1.8 
_refine_hist.d_res_low                        8.0 
# 
loop_
_refine_ls_restr.type 
_refine_ls_restr.dev_ideal 
_refine_ls_restr.dev_ideal_target 
_refine_ls_restr.weight 
_refine_ls_restr.number 
_refine_ls_restr.pdbx_refine_id 
_refine_ls_restr.pdbx_restraint_function 
p_bond_d            0.014 0.020 ? ? 'X-RAY DIFFRACTION' ? 
p_angle_d           0.028 0.030 ? ? 'X-RAY DIFFRACTION' ? 
p_angle_deg         ?     ?     ? ? 'X-RAY DIFFRACTION' ? 
p_planar_d          0.041 0.050 ? ? 'X-RAY DIFFRACTION' ? 
p_hb_or_metal_coord ?     ?     ? ? 'X-RAY DIFFRACTION' ? 
p_mcbond_it         0.760 1.000 ? ? 'X-RAY DIFFRACTION' ? 
p_mcangle_it        1.214 1.500 ? ? 'X-RAY DIFFRACTION' ? 
p_scbond_it         1.730 1.500 ? ? 'X-RAY DIFFRACTION' ? 
p_scangle_it        2.720 2.000 ? ? 'X-RAY DIFFRACTION' ? 
p_plane_restr       0.014 0.020 ? ? 'X-RAY DIFFRACTION' ? 
p_chiral_restr      0.170 0.150 ? ? 'X-RAY DIFFRACTION' ? 
p_singtor_nbd       0.157 0.300 ? ? 'X-RAY DIFFRACTION' ? 
p_multtor_nbd       0.147 0.300 ? ? 'X-RAY DIFFRACTION' ? 
p_xhyhbond_nbd      ?     ?     ? ? 'X-RAY DIFFRACTION' ? 
p_xyhbond_nbd       0.173 0.300 ? ? 'X-RAY DIFFRACTION' ? 
p_planar_tor        2.6   3.0   ? ? 'X-RAY DIFFRACTION' ? 
p_staggered_tor     12.4  15.0  ? ? 'X-RAY DIFFRACTION' ? 
p_orthonormal_tor   ?     ?     ? ? 'X-RAY DIFFRACTION' ? 
p_transverse_tor    25.2  20.0  ? ? 'X-RAY DIFFRACTION' ? 
p_special_tor       ?     ?     ? ? 'X-RAY DIFFRACTION' ? 
# 
_pdbx_refine.entry_id                                    1RTU 
_pdbx_refine.R_factor_all_no_cutoff                      0.143 
_pdbx_refine.R_factor_obs_no_cutoff                      0.141 
_pdbx_refine.free_R_factor_no_cutoff                     0.178 
_pdbx_refine.free_R_val_test_set_size_perc_no_cutoff     10. 
_pdbx_refine.free_R_val_test_set_ct_no_cutoff            ? 
_pdbx_refine.R_factor_all_4sig_cutoff                    ? 
_pdbx_refine.R_factor_obs_4sig_cutoff                    ? 
_pdbx_refine.free_R_factor_4sig_cutoff                   ? 
_pdbx_refine.free_R_val_test_set_size_perc_4sig_cutoff   ? 
_pdbx_refine.free_R_val_test_set_ct_4sig_cutoff          ? 
_pdbx_refine.number_reflns_obs_4sig_cutoff               ? 
_pdbx_refine.pdbx_refine_id                              'X-RAY DIFFRACTION' 
_pdbx_refine.free_R_error_no_cutoff                      ? 
# 
_struct.entry_id                  1RTU 
_struct.title                     'USTILAGO SPHAEROGENA RIBONUCLEASE U2' 
_struct.pdbx_model_details        ? 
_struct.pdbx_CASP_flag            ? 
_struct.pdbx_model_type_details   ? 
# 
_struct_keywords.entry_id        1RTU 
_struct_keywords.pdbx_keywords   HYDROLASE 
_struct_keywords.text            'HYDROLASE, ENDORIBONUCLEASE, BETA-ISOMERIZED ASPARTATE' 
# 
loop_
_struct_asym.id 
_struct_asym.pdbx_blank_PDB_chainid_flag 
_struct_asym.pdbx_modified 
_struct_asym.entity_id 
_struct_asym.details 
A N N 1 ? 
B N N 2 ? 
C N N 3 ? 
# 
_struct_ref.id                         1 
_struct_ref.db_name                    UNP 
_struct_ref.db_code                    RNU2_USTSP 
_struct_ref.entity_id                  1 
_struct_ref.pdbx_db_accession          P00654 
_struct_ref.pdbx_align_begin           1 
_struct_ref.pdbx_seq_one_letter_code   
;CDIPQSTNCGGNVYSNDDINTAIQGALDDVANGDRPDNYPHQYYDEASEDITLCCGSGPWSEFPLVYNGPYYSSRDNYVS
PGPDRVIYQTNTGEFCATVTHTGAASYDGFTQCS
;
_struct_ref.pdbx_db_isoform            ? 
# 
_struct_ref_seq.align_id                      1 
_struct_ref_seq.ref_id                        1 
_struct_ref_seq.pdbx_PDB_id_code              1RTU 
_struct_ref_seq.pdbx_strand_id                A 
_struct_ref_seq.seq_align_beg                 1 
_struct_ref_seq.pdbx_seq_align_beg_ins_code   ? 
_struct_ref_seq.seq_align_end                 114 
_struct_ref_seq.pdbx_seq_align_end_ins_code   ? 
_struct_ref_seq.pdbx_db_accession             P00654 
_struct_ref_seq.db_align_beg                  1 
_struct_ref_seq.pdbx_db_align_beg_ins_code    ? 
_struct_ref_seq.db_align_end                  114 
_struct_ref_seq.pdbx_db_align_end_ins_code    ? 
_struct_ref_seq.pdbx_auth_seq_align_beg       1 
_struct_ref_seq.pdbx_auth_seq_align_end       114 
# 
_pdbx_struct_assembly.id                   1 
_pdbx_struct_assembly.details              author_defined_assembly 
_pdbx_struct_assembly.method_details       ? 
_pdbx_struct_assembly.oligomeric_details   monomeric 
_pdbx_struct_assembly.oligomeric_count     1 
# 
_pdbx_struct_assembly_gen.assembly_id       1 
_pdbx_struct_assembly_gen.oper_expression   1 
_pdbx_struct_assembly_gen.asym_id_list      A,B,C 
# 
_pdbx_struct_oper_list.id                   1 
_pdbx_struct_oper_list.type                 'identity operation' 
_pdbx_struct_oper_list.name                 1_555 
_pdbx_struct_oper_list.symmetry_operation   x,y,z 
_pdbx_struct_oper_list.matrix[1][1]         1.0000000000 
_pdbx_struct_oper_list.matrix[1][2]         0.0000000000 
_pdbx_struct_oper_list.matrix[1][3]         0.0000000000 
_pdbx_struct_oper_list.vector[1]            0.0000000000 
_pdbx_struct_oper_list.matrix[2][1]         0.0000000000 
_pdbx_struct_oper_list.matrix[2][2]         1.0000000000 
_pdbx_struct_oper_list.matrix[2][3]         0.0000000000 
_pdbx_struct_oper_list.vector[2]            0.0000000000 
_pdbx_struct_oper_list.matrix[3][1]         0.0000000000 
_pdbx_struct_oper_list.matrix[3][2]         0.0000000000 
_pdbx_struct_oper_list.matrix[3][3]         1.0000000000 
_pdbx_struct_oper_list.vector[3]            0.0000000000 
# 
_struct_biol.id        1 
_struct_biol.details   ? 
# 
loop_
_struct_conf.conf_type_id 
_struct_conf.id 
_struct_conf.pdbx_PDB_helix_id 
_struct_conf.beg_label_comp_id 
_struct_conf.beg_label_asym_id 
_struct_conf.beg_label_seq_id 
_struct_conf.pdbx_beg_PDB_ins_code 
_struct_conf.end_label_comp_id 
_struct_conf.end_label_asym_id 
_struct_conf.end_label_seq_id 
_struct_conf.pdbx_end_PDB_ins_code 
_struct_conf.beg_auth_comp_id 
_struct_conf.beg_auth_asym_id 
_struct_conf.beg_auth_seq_id 
_struct_conf.end_auth_comp_id 
_struct_conf.end_auth_asym_id 
_struct_conf.end_auth_seq_id 
_struct_conf.pdbx_PDB_helix_class 
_struct_conf.details 
_struct_conf.pdbx_PDB_helix_length 
HELX_P HELX_P1 1 ASN A 16 ? ASN A 32 ? ASN A 16 ASN A 32 1 ? 17 
HELX_P HELX_P2 2 PRO A 36 ? ASN A 38 ? PRO A 36 ASN A 38 5 ? 3  
# 
_struct_conf_type.id          HELX_P 
_struct_conf_type.criteria    ? 
_struct_conf_type.reference   ? 
# 
loop_
_struct_conn.id 
_struct_conn.conn_type_id 
_struct_conn.pdbx_leaving_atom_flag 
_struct_conn.pdbx_PDB_id 
_struct_conn.ptnr1_label_asym_id 
_struct_conn.ptnr1_label_comp_id 
_struct_conn.ptnr1_label_seq_id 
_struct_conn.ptnr1_label_atom_id 
_struct_conn.pdbx_ptnr1_label_alt_id 
_struct_conn.pdbx_ptnr1_PDB_ins_code 
_struct_conn.pdbx_ptnr1_standard_comp_id 
_struct_conn.ptnr1_symmetry 
_struct_conn.ptnr2_label_asym_id 
_struct_conn.ptnr2_label_comp_id 
_struct_conn.ptnr2_label_seq_id 
_struct_conn.ptnr2_label_atom_id 
_struct_conn.pdbx_ptnr2_label_alt_id 
_struct_conn.pdbx_ptnr2_PDB_ins_code 
_struct_conn.ptnr1_auth_asym_id 
_struct_conn.ptnr1_auth_comp_id 
_struct_conn.ptnr1_auth_seq_id 
_struct_conn.ptnr2_auth_asym_id 
_struct_conn.ptnr2_auth_comp_id 
_struct_conn.ptnr2_auth_seq_id 
_struct_conn.ptnr2_symmetry 
_struct_conn.pdbx_ptnr3_label_atom_id 
_struct_conn.pdbx_ptnr3_label_seq_id 
_struct_conn.pdbx_ptnr3_label_comp_id 
_struct_conn.pdbx_ptnr3_label_asym_id 
_struct_conn.pdbx_ptnr3_label_alt_id 
_struct_conn.pdbx_ptnr3_PDB_ins_code 
_struct_conn.details 
_struct_conn.pdbx_dist_value 
_struct_conn.pdbx_value_order 
_struct_conn.pdbx_role 
disulf1 disulf ?    ? A CYS 1  SG ? ? ? 1_555 A CYS 54  SG ? ? A CYS 1  A CYS 54  1_555 ? ? ? ? ? ? ? 2.074 ? ? 
disulf2 disulf ?    ? A CYS 9  SG ? ? ? 1_555 A CYS 113 SG ? ? A CYS 9  A CYS 113 1_555 ? ? ? ? ? ? ? 2.041 ? ? 
disulf3 disulf ?    ? A CYS 55 SG ? ? ? 1_555 A CYS 96  SG ? ? A CYS 55 A CYS 96  1_555 ? ? ? ? ? ? ? 2.004 ? ? 
covale1 covale both ? A TYR 44 C  ? ? ? 1_555 A IAS 45  N  ? ? A TYR 44 A IAS 45  1_555 ? ? ? ? ? ? ? 1.304 ? ? 
covale2 covale both ? A IAS 45 CG ? ? ? 1_555 A GLU 46  N  ? ? A IAS 45 A GLU 46  1_555 ? ? ? ? ? ? ? 1.353 ? ? 
# 
loop_
_struct_conn_type.id 
_struct_conn_type.criteria 
_struct_conn_type.reference 
disulf ? ? 
covale ? ? 
# 
loop_
_pdbx_modification_feature.ordinal 
_pdbx_modification_feature.label_comp_id 
_pdbx_modification_feature.label_asym_id 
_pdbx_modification_feature.label_seq_id 
_pdbx_modification_feature.label_alt_id 
_pdbx_modification_feature.modified_residue_label_comp_id 
_pdbx_modification_feature.modified_residue_label_asym_id 
_pdbx_modification_feature.modified_residue_label_seq_id 
_pdbx_modification_feature.modified_residue_label_alt_id 
_pdbx_modification_feature.auth_comp_id 
_pdbx_modification_feature.auth_asym_id 
_pdbx_modification_feature.auth_seq_id 
_pdbx_modification_feature.PDB_ins_code 
_pdbx_modification_feature.symmetry 
_pdbx_modification_feature.modified_residue_auth_comp_id 
_pdbx_modification_feature.modified_residue_auth_asym_id 
_pdbx_modification_feature.modified_residue_auth_seq_id 
_pdbx_modification_feature.modified_residue_PDB_ins_code 
_pdbx_modification_feature.modified_residue_symmetry 
_pdbx_modification_feature.comp_id_linking_atom 
_pdbx_modification_feature.modified_residue_id_linking_atom 
_pdbx_modification_feature.modified_residue_id 
_pdbx_modification_feature.ref_pcm_id 
_pdbx_modification_feature.ref_comp_id 
_pdbx_modification_feature.type 
_pdbx_modification_feature.category 
1 IAS A 45 ? .   . .   . IAS A 45 ? 1_555 .   . .   . .     .  .  ? 1 IAS None 'Non-standard residue' 
2 CYS A 1  ? CYS A 54  ? CYS A 1  ? 1_555 CYS A 54  ? 1_555 SG SG . . .   None 'Disulfide bridge'     
3 CYS A 9  ? CYS A 113 ? CYS A 9  ? 1_555 CYS A 113 ? 1_555 SG SG . . .   None 'Disulfide bridge'     
4 CYS A 55 ? CYS A 96  ? CYS A 55 ? 1_555 CYS A 96  ? 1_555 SG SG . . .   None 'Disulfide bridge'     
5 IAS A 45 ? GLU A 46  ? IAS A 45 ? 1_555 GLU A 46  ? 1_555 CG N  . . .   None 'Non-standard linkage' 
# 
loop_
_struct_mon_prot_cis.pdbx_id 
_struct_mon_prot_cis.label_comp_id 
_struct_mon_prot_cis.label_seq_id 
_struct_mon_prot_cis.label_asym_id 
_struct_mon_prot_cis.label_alt_id 
_struct_mon_prot_cis.pdbx_PDB_ins_code 
_struct_mon_prot_cis.auth_comp_id 
_struct_mon_prot_cis.auth_seq_id 
_struct_mon_prot_cis.auth_asym_id 
_struct_mon_prot_cis.pdbx_label_comp_id_2 
_struct_mon_prot_cis.pdbx_label_seq_id_2 
_struct_mon_prot_cis.pdbx_label_asym_id_2 
_struct_mon_prot_cis.pdbx_PDB_ins_code_2 
_struct_mon_prot_cis.pdbx_auth_comp_id_2 
_struct_mon_prot_cis.pdbx_auth_seq_id_2 
_struct_mon_prot_cis.pdbx_auth_asym_id_2 
_struct_mon_prot_cis.pdbx_PDB_model_num 
_struct_mon_prot_cis.pdbx_omega_angle 
1 TYR 39 A . ? TYR 39 A PRO 40 A ? PRO 40 A 1 -3.98 
2 GLY 58 A . ? GLY 58 A PRO 59 A ? PRO 59 A 1 0.88  
3 GLY 69 A . ? GLY 69 A PRO 70 A ? PRO 70 A 1 1.45  
# 
loop_
_struct_sheet.id 
_struct_sheet.type 
_struct_sheet.number_strands 
_struct_sheet.details 
A ? 2 ? 
B ? 4 ? 
# 
loop_
_struct_sheet_order.sheet_id 
_struct_sheet_order.range_id_1 
_struct_sheet_order.range_id_2 
_struct_sheet_order.offset 
_struct_sheet_order.sense 
A 1 2 ? anti-parallel 
B 1 2 ? anti-parallel 
B 2 3 ? anti-parallel 
B 3 4 ? anti-parallel 
# 
loop_
_struct_sheet_range.sheet_id 
_struct_sheet_range.id 
_struct_sheet_range.beg_label_comp_id 
_struct_sheet_range.beg_label_asym_id 
_struct_sheet_range.beg_label_seq_id 
_struct_sheet_range.pdbx_beg_PDB_ins_code 
_struct_sheet_range.end_label_comp_id 
_struct_sheet_range.end_label_asym_id 
_struct_sheet_range.end_label_seq_id 
_struct_sheet_range.pdbx_end_PDB_ins_code 
_struct_sheet_range.beg_auth_comp_id 
_struct_sheet_range.beg_auth_asym_id 
_struct_sheet_range.beg_auth_seq_id 
_struct_sheet_range.end_auth_comp_id 
_struct_sheet_range.end_auth_asym_id 
_struct_sheet_range.end_auth_seq_id 
A 1 SER A 6  ? CYS A 9   ? SER A 6  CYS A 9   
A 2 ASN A 12 ? SER A 15  ? ASN A 12 SER A 15  
B 1 HIS A 41 ? TYR A 43  ? HIS A 41 TYR A 43  
B 2 TRP A 60 ? PRO A 64  ? TRP A 60 PRO A 64  
B 3 ASP A 84 ? GLN A 89  ? ASP A 84 GLN A 89  
B 4 PHE A 95 ? THR A 100 ? PHE A 95 THR A 100 
# 
loop_
_pdbx_struct_sheet_hbond.sheet_id 
_pdbx_struct_sheet_hbond.range_id_1 
_pdbx_struct_sheet_hbond.range_id_2 
_pdbx_struct_sheet_hbond.range_1_label_atom_id 
_pdbx_struct_sheet_hbond.range_1_label_comp_id 
_pdbx_struct_sheet_hbond.range_1_label_asym_id 
_pdbx_struct_sheet_hbond.range_1_label_seq_id 
_pdbx_struct_sheet_hbond.range_1_PDB_ins_code 
_pdbx_struct_sheet_hbond.range_1_auth_atom_id 
_pdbx_struct_sheet_hbond.range_1_auth_comp_id 
_pdbx_struct_sheet_hbond.range_1_auth_asym_id 
_pdbx_struct_sheet_hbond.range_1_auth_seq_id 
_pdbx_struct_sheet_hbond.range_2_label_atom_id 
_pdbx_struct_sheet_hbond.range_2_label_comp_id 
_pdbx_struct_sheet_hbond.range_2_label_asym_id 
_pdbx_struct_sheet_hbond.range_2_label_seq_id 
_pdbx_struct_sheet_hbond.range_2_PDB_ins_code 
_pdbx_struct_sheet_hbond.range_2_auth_atom_id 
_pdbx_struct_sheet_hbond.range_2_auth_comp_id 
_pdbx_struct_sheet_hbond.range_2_auth_asym_id 
_pdbx_struct_sheet_hbond.range_2_auth_seq_id 
A 1 2 O THR A 7  ? O THR A 7  N TYR A 14 ? N TYR A 14 
B 1 2 O HIS A 41 ? O HIS A 41 N GLU A 62 ? N GLU A 62 
B 2 3 O SER A 61 ? O SER A 61 N TYR A 88 ? N TYR A 88 
B 3 4 O ARG A 85 ? O ARG A 85 N VAL A 99 ? N VAL A 99 
# 
loop_
_struct_site.id 
_struct_site.pdbx_evidence_code 
_struct_site.pdbx_auth_asym_id 
_struct_site.pdbx_auth_comp_id 
_struct_site.pdbx_auth_seq_id 
_struct_site.pdbx_auth_ins_code 
_struct_site.pdbx_num_residues 
_struct_site.details 
CAT Unknown  ? ?   ?   ? 5 'CATALYTIC SITE.'                    
AC1 Software A SO4 201 ? 7 'BINDING SITE FOR RESIDUE SO4 A 201' 
# 
loop_
_struct_site_gen.id 
_struct_site_gen.site_id 
_struct_site_gen.pdbx_num_res 
_struct_site_gen.label_comp_id 
_struct_site_gen.label_asym_id 
_struct_site_gen.label_seq_id 
_struct_site_gen.pdbx_auth_ins_code 
_struct_site_gen.auth_comp_id 
_struct_site_gen.auth_asym_id 
_struct_site_gen.auth_seq_id 
_struct_site_gen.label_atom_id 
_struct_site_gen.label_alt_id 
_struct_site_gen.symmetry 
_struct_site_gen.details 
1  CAT 5 TYR A 39  ? TYR A 39  . ? 1_555 ? 
2  CAT 5 HIS A 41  ? HIS A 41  . ? 1_555 ? 
3  CAT 5 GLU A 62  ? GLU A 62  . ? 1_555 ? 
4  CAT 5 ARG A 85  ? ARG A 85  . ? 1_555 ? 
5  CAT 5 HIS A 101 ? HIS A 101 . ? 1_555 ? 
6  AC1 7 TYR A 39  ? TYR A 39  . ? 1_555 ? 
7  AC1 7 HIS A 41  ? HIS A 41  . ? 1_555 ? 
8  AC1 7 GLU A 62  ? GLU A 62  . ? 1_555 ? 
9  AC1 7 ARG A 85  ? ARG A 85  . ? 1_555 ? 
10 AC1 7 HIS A 101 ? HIS A 101 . ? 1_555 ? 
11 AC1 7 PHE A 110 ? PHE A 110 . ? 1_555 ? 
12 AC1 7 HOH C .   ? HOH A 396 . ? 1_555 ? 
# 
_pdbx_entry_details.entry_id                   1RTU 
_pdbx_entry_details.compound_details           
;ASP 45 IS ISOMERIZED TO L-ISOASPARTATE.  A PEPTIDE
BOND IS FORMED BETWEEN ASP 45 CG AND GLU 46 N.
;
_pdbx_entry_details.source_details             ? 
_pdbx_entry_details.nonpolymer_details         ? 
_pdbx_entry_details.sequence_details           ? 
_pdbx_entry_details.has_ligand_of_interest     ? 
_pdbx_entry_details.has_protein_modification   Y 
# 
_pdbx_validate_symm_contact.id                1 
_pdbx_validate_symm_contact.PDB_model_num     1 
_pdbx_validate_symm_contact.auth_atom_id_1    O 
_pdbx_validate_symm_contact.auth_asym_id_1    A 
_pdbx_validate_symm_contact.auth_comp_id_1    HOH 
_pdbx_validate_symm_contact.auth_seq_id_1     392 
_pdbx_validate_symm_contact.PDB_ins_code_1    ? 
_pdbx_validate_symm_contact.label_alt_id_1    ? 
_pdbx_validate_symm_contact.site_symmetry_1   1_555 
_pdbx_validate_symm_contact.auth_atom_id_2    O 
_pdbx_validate_symm_contact.auth_asym_id_2    A 
_pdbx_validate_symm_contact.auth_comp_id_2    HOH 
_pdbx_validate_symm_contact.auth_seq_id_2     431 
_pdbx_validate_symm_contact.PDB_ins_code_2    ? 
_pdbx_validate_symm_contact.label_alt_id_2    ? 
_pdbx_validate_symm_contact.site_symmetry_2   2_565 
_pdbx_validate_symm_contact.dist              2.15 
# 
loop_
_chem_comp_atom.comp_id 
_chem_comp_atom.atom_id 
_chem_comp_atom.type_symbol 
_chem_comp_atom.pdbx_aromatic_flag 
_chem_comp_atom.pdbx_stereo_config 
_chem_comp_atom.pdbx_ordinal 
ALA N    N N N 1   
ALA CA   C N S 2   
ALA C    C N N 3   
ALA O    O N N 4   
ALA CB   C N N 5   
ALA OXT  O N N 6   
ALA H    H N N 7   
ALA H2   H N N 8   
ALA HA   H N N 9   
ALA HB1  H N N 10  
ALA HB2  H N N 11  
ALA HB3  H N N 12  
ALA HXT  H N N 13  
ARG N    N N N 14  
ARG CA   C N S 15  
ARG C    C N N 16  
ARG O    O N N 17  
ARG CB   C N N 18  
ARG CG   C N N 19  
ARG CD   C N N 20  
ARG NE   N N N 21  
ARG CZ   C N N 22  
ARG NH1  N N N 23  
ARG NH2  N N N 24  
ARG OXT  O N N 25  
ARG H    H N N 26  
ARG H2   H N N 27  
ARG HA   H N N 28  
ARG HB2  H N N 29  
ARG HB3  H N N 30  
ARG HG2  H N N 31  
ARG HG3  H N N 32  
ARG HD2  H N N 33  
ARG HD3  H N N 34  
ARG HE   H N N 35  
ARG HH11 H N N 36  
ARG HH12 H N N 37  
ARG HH21 H N N 38  
ARG HH22 H N N 39  
ARG HXT  H N N 40  
ASN N    N N N 41  
ASN CA   C N S 42  
ASN C    C N N 43  
ASN O    O N N 44  
ASN CB   C N N 45  
ASN CG   C N N 46  
ASN OD1  O N N 47  
ASN ND2  N N N 48  
ASN OXT  O N N 49  
ASN H    H N N 50  
ASN H2   H N N 51  
ASN HA   H N N 52  
ASN HB2  H N N 53  
ASN HB3  H N N 54  
ASN HD21 H N N 55  
ASN HD22 H N N 56  
ASN HXT  H N N 57  
ASP N    N N N 58  
ASP CA   C N S 59  
ASP C    C N N 60  
ASP O    O N N 61  
ASP CB   C N N 62  
ASP CG   C N N 63  
ASP OD1  O N N 64  
ASP OD2  O N N 65  
ASP OXT  O N N 66  
ASP H    H N N 67  
ASP H2   H N N 68  
ASP HA   H N N 69  
ASP HB2  H N N 70  
ASP HB3  H N N 71  
ASP HD2  H N N 72  
ASP HXT  H N N 73  
CYS N    N N N 74  
CYS CA   C N R 75  
CYS C    C N N 76  
CYS O    O N N 77  
CYS CB   C N N 78  
CYS SG   S N N 79  
CYS OXT  O N N 80  
CYS H    H N N 81  
CYS H2   H N N 82  
CYS HA   H N N 83  
CYS HB2  H N N 84  
CYS HB3  H N N 85  
CYS HG   H N N 86  
CYS HXT  H N N 87  
GLN N    N N N 88  
GLN CA   C N S 89  
GLN C    C N N 90  
GLN O    O N N 91  
GLN CB   C N N 92  
GLN CG   C N N 93  
GLN CD   C N N 94  
GLN OE1  O N N 95  
GLN NE2  N N N 96  
GLN OXT  O N N 97  
GLN H    H N N 98  
GLN H2   H N N 99  
GLN HA   H N N 100 
GLN HB2  H N N 101 
GLN HB3  H N N 102 
GLN HG2  H N N 103 
GLN HG3  H N N 104 
GLN HE21 H N N 105 
GLN HE22 H N N 106 
GLN HXT  H N N 107 
GLU N    N N N 108 
GLU CA   C N S 109 
GLU C    C N N 110 
GLU O    O N N 111 
GLU CB   C N N 112 
GLU CG   C N N 113 
GLU CD   C N N 114 
GLU OE1  O N N 115 
GLU OE2  O N N 116 
GLU OXT  O N N 117 
GLU H    H N N 118 
GLU H2   H N N 119 
GLU HA   H N N 120 
GLU HB2  H N N 121 
GLU HB3  H N N 122 
GLU HG2  H N N 123 
GLU HG3  H N N 124 
GLU HE2  H N N 125 
GLU HXT  H N N 126 
GLY N    N N N 127 
GLY CA   C N N 128 
GLY C    C N N 129 
GLY O    O N N 130 
GLY OXT  O N N 131 
GLY H    H N N 132 
GLY H2   H N N 133 
GLY HA2  H N N 134 
GLY HA3  H N N 135 
GLY HXT  H N N 136 
HIS N    N N N 137 
HIS CA   C N S 138 
HIS C    C N N 139 
HIS O    O N N 140 
HIS CB   C N N 141 
HIS CG   C Y N 142 
HIS ND1  N Y N 143 
HIS CD2  C Y N 144 
HIS CE1  C Y N 145 
HIS NE2  N Y N 146 
HIS OXT  O N N 147 
HIS H    H N N 148 
HIS H2   H N N 149 
HIS HA   H N N 150 
HIS HB2  H N N 151 
HIS HB3  H N N 152 
HIS HD1  H N N 153 
HIS HD2  H N N 154 
HIS HE1  H N N 155 
HIS HE2  H N N 156 
HIS HXT  H N N 157 
HOH O    O N N 158 
HOH H1   H N N 159 
HOH H2   H N N 160 
IAS N    N N N 161 
IAS CA   C N S 162 
IAS C    C N N 163 
IAS O    O N N 164 
IAS CB   C N N 165 
IAS CG   C N N 166 
IAS OD1  O N N 167 
IAS OXT  O N N 168 
IAS H    H N N 169 
IAS H2   H N N 170 
IAS HA   H N N 171 
IAS HB2  H N N 172 
IAS HB3  H N N 173 
IAS HXT  H N N 174 
IAS OD2  O N N 175 
IAS HD2  H N N 176 
ILE N    N N N 177 
ILE CA   C N S 178 
ILE C    C N N 179 
ILE O    O N N 180 
ILE CB   C N S 181 
ILE CG1  C N N 182 
ILE CG2  C N N 183 
ILE CD1  C N N 184 
ILE OXT  O N N 185 
ILE H    H N N 186 
ILE H2   H N N 187 
ILE HA   H N N 188 
ILE HB   H N N 189 
ILE HG12 H N N 190 
ILE HG13 H N N 191 
ILE HG21 H N N 192 
ILE HG22 H N N 193 
ILE HG23 H N N 194 
ILE HD11 H N N 195 
ILE HD12 H N N 196 
ILE HD13 H N N 197 
ILE HXT  H N N 198 
LEU N    N N N 199 
LEU CA   C N S 200 
LEU C    C N N 201 
LEU O    O N N 202 
LEU CB   C N N 203 
LEU CG   C N N 204 
LEU CD1  C N N 205 
LEU CD2  C N N 206 
LEU OXT  O N N 207 
LEU H    H N N 208 
LEU H2   H N N 209 
LEU HA   H N N 210 
LEU HB2  H N N 211 
LEU HB3  H N N 212 
LEU HG   H N N 213 
LEU HD11 H N N 214 
LEU HD12 H N N 215 
LEU HD13 H N N 216 
LEU HD21 H N N 217 
LEU HD22 H N N 218 
LEU HD23 H N N 219 
LEU HXT  H N N 220 
PHE N    N N N 221 
PHE CA   C N S 222 
PHE C    C N N 223 
PHE O    O N N 224 
PHE CB   C N N 225 
PHE CG   C Y N 226 
PHE CD1  C Y N 227 
PHE CD2  C Y N 228 
PHE CE1  C Y N 229 
PHE CE2  C Y N 230 
PHE CZ   C Y N 231 
PHE OXT  O N N 232 
PHE H    H N N 233 
PHE H2   H N N 234 
PHE HA   H N N 235 
PHE HB2  H N N 236 
PHE HB3  H N N 237 
PHE HD1  H N N 238 
PHE HD2  H N N 239 
PHE HE1  H N N 240 
PHE HE2  H N N 241 
PHE HZ   H N N 242 
PHE HXT  H N N 243 
PRO N    N N N 244 
PRO CA   C N S 245 
PRO C    C N N 246 
PRO O    O N N 247 
PRO CB   C N N 248 
PRO CG   C N N 249 
PRO CD   C N N 250 
PRO OXT  O N N 251 
PRO H    H N N 252 
PRO HA   H N N 253 
PRO HB2  H N N 254 
PRO HB3  H N N 255 
PRO HG2  H N N 256 
PRO HG3  H N N 257 
PRO HD2  H N N 258 
PRO HD3  H N N 259 
PRO HXT  H N N 260 
SER N    N N N 261 
SER CA   C N S 262 
SER C    C N N 263 
SER O    O N N 264 
SER CB   C N N 265 
SER OG   O N N 266 
SER OXT  O N N 267 
SER H    H N N 268 
SER H2   H N N 269 
SER HA   H N N 270 
SER HB2  H N N 271 
SER HB3  H N N 272 
SER HG   H N N 273 
SER HXT  H N N 274 
SO4 S    S N N 275 
SO4 O1   O N N 276 
SO4 O2   O N N 277 
SO4 O3   O N N 278 
SO4 O4   O N N 279 
THR N    N N N 280 
THR CA   C N S 281 
THR C    C N N 282 
THR O    O N N 283 
THR CB   C N R 284 
THR OG1  O N N 285 
THR CG2  C N N 286 
THR OXT  O N N 287 
THR H    H N N 288 
THR H2   H N N 289 
THR HA   H N N 290 
THR HB   H N N 291 
THR HG1  H N N 292 
THR HG21 H N N 293 
THR HG22 H N N 294 
THR HG23 H N N 295 
THR HXT  H N N 296 
TRP N    N N N 297 
TRP CA   C N S 298 
TRP C    C N N 299 
TRP O    O N N 300 
TRP CB   C N N 301 
TRP CG   C Y N 302 
TRP CD1  C Y N 303 
TRP CD2  C Y N 304 
TRP NE1  N Y N 305 
TRP CE2  C Y N 306 
TRP CE3  C Y N 307 
TRP CZ2  C Y N 308 
TRP CZ3  C Y N 309 
TRP CH2  C Y N 310 
TRP OXT  O N N 311 
TRP H    H N N 312 
TRP H2   H N N 313 
TRP HA   H N N 314 
TRP HB2  H N N 315 
TRP HB3  H N N 316 
TRP HD1  H N N 317 
TRP HE1  H N N 318 
TRP HE3  H N N 319 
TRP HZ2  H N N 320 
TRP HZ3  H N N 321 
TRP HH2  H N N 322 
TRP HXT  H N N 323 
TYR N    N N N 324 
TYR CA   C N S 325 
TYR C    C N N 326 
TYR O    O N N 327 
TYR CB   C N N 328 
TYR CG   C Y N 329 
TYR CD1  C Y N 330 
TYR CD2  C Y N 331 
TYR CE1  C Y N 332 
TYR CE2  C Y N 333 
TYR CZ   C Y N 334 
TYR OH   O N N 335 
TYR OXT  O N N 336 
TYR H    H N N 337 
TYR H2   H N N 338 
TYR HA   H N N 339 
TYR HB2  H N N 340 
TYR HB3  H N N 341 
TYR HD1  H N N 342 
TYR HD2  H N N 343 
TYR HE1  H N N 344 
TYR HE2  H N N 345 
TYR HH   H N N 346 
TYR HXT  H N N 347 
VAL N    N N N 348 
VAL CA   C N S 349 
VAL C    C N N 350 
VAL O    O N N 351 
VAL CB   C N N 352 
VAL CG1  C N N 353 
VAL CG2  C N N 354 
VAL OXT  O N N 355 
VAL H    H N N 356 
VAL H2   H N N 357 
VAL HA   H N N 358 
VAL HB   H N N 359 
VAL HG11 H N N 360 
VAL HG12 H N N 361 
VAL HG13 H N N 362 
VAL HG21 H N N 363 
VAL HG22 H N N 364 
VAL HG23 H N N 365 
VAL HXT  H N N 366 
# 
loop_
_chem_comp_bond.comp_id 
_chem_comp_bond.atom_id_1 
_chem_comp_bond.atom_id_2 
_chem_comp_bond.value_order 
_chem_comp_bond.pdbx_aromatic_flag 
_chem_comp_bond.pdbx_stereo_config 
_chem_comp_bond.pdbx_ordinal 
ALA N   CA   sing N N 1   
ALA N   H    sing N N 2   
ALA N   H2   sing N N 3   
ALA CA  C    sing N N 4   
ALA CA  CB   sing N N 5   
ALA CA  HA   sing N N 6   
ALA C   O    doub N N 7   
ALA C   OXT  sing N N 8   
ALA CB  HB1  sing N N 9   
ALA CB  HB2  sing N N 10  
ALA CB  HB3  sing N N 11  
ALA OXT HXT  sing N N 12  
ARG N   CA   sing N N 13  
ARG N   H    sing N N 14  
ARG N   H2   sing N N 15  
ARG CA  C    sing N N 16  
ARG CA  CB   sing N N 17  
ARG CA  HA   sing N N 18  
ARG C   O    doub N N 19  
ARG C   OXT  sing N N 20  
ARG CB  CG   sing N N 21  
ARG CB  HB2  sing N N 22  
ARG CB  HB3  sing N N 23  
ARG CG  CD   sing N N 24  
ARG CG  HG2  sing N N 25  
ARG CG  HG3  sing N N 26  
ARG CD  NE   sing N N 27  
ARG CD  HD2  sing N N 28  
ARG CD  HD3  sing N N 29  
ARG NE  CZ   sing N N 30  
ARG NE  HE   sing N N 31  
ARG CZ  NH1  sing N N 32  
ARG CZ  NH2  doub N N 33  
ARG NH1 HH11 sing N N 34  
ARG NH1 HH12 sing N N 35  
ARG NH2 HH21 sing N N 36  
ARG NH2 HH22 sing N N 37  
ARG OXT HXT  sing N N 38  
ASN N   CA   sing N N 39  
ASN N   H    sing N N 40  
ASN N   H2   sing N N 41  
ASN CA  C    sing N N 42  
ASN CA  CB   sing N N 43  
ASN CA  HA   sing N N 44  
ASN C   O    doub N N 45  
ASN C   OXT  sing N N 46  
ASN CB  CG   sing N N 47  
ASN CB  HB2  sing N N 48  
ASN CB  HB3  sing N N 49  
ASN CG  OD1  doub N N 50  
ASN CG  ND2  sing N N 51  
ASN ND2 HD21 sing N N 52  
ASN ND2 HD22 sing N N 53  
ASN OXT HXT  sing N N 54  
ASP N   CA   sing N N 55  
ASP N   H    sing N N 56  
ASP N   H2   sing N N 57  
ASP CA  C    sing N N 58  
ASP CA  CB   sing N N 59  
ASP CA  HA   sing N N 60  
ASP C   O    doub N N 61  
ASP C   OXT  sing N N 62  
ASP CB  CG   sing N N 63  
ASP CB  HB2  sing N N 64  
ASP CB  HB3  sing N N 65  
ASP CG  OD1  doub N N 66  
ASP CG  OD2  sing N N 67  
ASP OD2 HD2  sing N N 68  
ASP OXT HXT  sing N N 69  
CYS N   CA   sing N N 70  
CYS N   H    sing N N 71  
CYS N   H2   sing N N 72  
CYS CA  C    sing N N 73  
CYS CA  CB   sing N N 74  
CYS CA  HA   sing N N 75  
CYS C   O    doub N N 76  
CYS C   OXT  sing N N 77  
CYS CB  SG   sing N N 78  
CYS CB  HB2  sing N N 79  
CYS CB  HB3  sing N N 80  
CYS SG  HG   sing N N 81  
CYS OXT HXT  sing N N 82  
GLN N   CA   sing N N 83  
GLN N   H    sing N N 84  
GLN N   H2   sing N N 85  
GLN CA  C    sing N N 86  
GLN CA  CB   sing N N 87  
GLN CA  HA   sing N N 88  
GLN C   O    doub N N 89  
GLN C   OXT  sing N N 90  
GLN CB  CG   sing N N 91  
GLN CB  HB2  sing N N 92  
GLN CB  HB3  sing N N 93  
GLN CG  CD   sing N N 94  
GLN CG  HG2  sing N N 95  
GLN CG  HG3  sing N N 96  
GLN CD  OE1  doub N N 97  
GLN CD  NE2  sing N N 98  
GLN NE2 HE21 sing N N 99  
GLN NE2 HE22 sing N N 100 
GLN OXT HXT  sing N N 101 
GLU N   CA   sing N N 102 
GLU N   H    sing N N 103 
GLU N   H2   sing N N 104 
GLU CA  C    sing N N 105 
GLU CA  CB   sing N N 106 
GLU CA  HA   sing N N 107 
GLU C   O    doub N N 108 
GLU C   OXT  sing N N 109 
GLU CB  CG   sing N N 110 
GLU CB  HB2  sing N N 111 
GLU CB  HB3  sing N N 112 
GLU CG  CD   sing N N 113 
GLU CG  HG2  sing N N 114 
GLU CG  HG3  sing N N 115 
GLU CD  OE1  doub N N 116 
GLU CD  OE2  sing N N 117 
GLU OE2 HE2  sing N N 118 
GLU OXT HXT  sing N N 119 
GLY N   CA   sing N N 120 
GLY N   H    sing N N 121 
GLY N   H2   sing N N 122 
GLY CA  C    sing N N 123 
GLY CA  HA2  sing N N 124 
GLY CA  HA3  sing N N 125 
GLY C   O    doub N N 126 
GLY C   OXT  sing N N 127 
GLY OXT HXT  sing N N 128 
HIS N   CA   sing N N 129 
HIS N   H    sing N N 130 
HIS N   H2   sing N N 131 
HIS CA  C    sing N N 132 
HIS CA  CB   sing N N 133 
HIS CA  HA   sing N N 134 
HIS C   O    doub N N 135 
HIS C   OXT  sing N N 136 
HIS CB  CG   sing N N 137 
HIS CB  HB2  sing N N 138 
HIS CB  HB3  sing N N 139 
HIS CG  ND1  sing Y N 140 
HIS CG  CD2  doub Y N 141 
HIS ND1 CE1  doub Y N 142 
HIS ND1 HD1  sing N N 143 
HIS CD2 NE2  sing Y N 144 
HIS CD2 HD2  sing N N 145 
HIS CE1 NE2  sing Y N 146 
HIS CE1 HE1  sing N N 147 
HIS NE2 HE2  sing N N 148 
HIS OXT HXT  sing N N 149 
HOH O   H1   sing N N 150 
HOH O   H2   sing N N 151 
IAS N   CA   sing N N 152 
IAS N   H    sing N N 153 
IAS N   H2   sing N N 154 
IAS CA  C    sing N N 155 
IAS CA  CB   sing N N 156 
IAS CA  HA   sing N N 157 
IAS C   O    doub N N 158 
IAS C   OXT  sing N N 159 
IAS CB  CG   sing N N 160 
IAS CB  HB2  sing N N 161 
IAS CB  HB3  sing N N 162 
IAS CG  OD1  doub N N 163 
IAS OXT HXT  sing N N 164 
IAS CG  OD2  sing N N 165 
IAS OD2 HD2  sing N N 166 
ILE N   CA   sing N N 167 
ILE N   H    sing N N 168 
ILE N   H2   sing N N 169 
ILE CA  C    sing N N 170 
ILE CA  CB   sing N N 171 
ILE CA  HA   sing N N 172 
ILE C   O    doub N N 173 
ILE C   OXT  sing N N 174 
ILE CB  CG1  sing N N 175 
ILE CB  CG2  sing N N 176 
ILE CB  HB   sing N N 177 
ILE CG1 CD1  sing N N 178 
ILE CG1 HG12 sing N N 179 
ILE CG1 HG13 sing N N 180 
ILE CG2 HG21 sing N N 181 
ILE CG2 HG22 sing N N 182 
ILE CG2 HG23 sing N N 183 
ILE CD1 HD11 sing N N 184 
ILE CD1 HD12 sing N N 185 
ILE CD1 HD13 sing N N 186 
ILE OXT HXT  sing N N 187 
LEU N   CA   sing N N 188 
LEU N   H    sing N N 189 
LEU N   H2   sing N N 190 
LEU CA  C    sing N N 191 
LEU CA  CB   sing N N 192 
LEU CA  HA   sing N N 193 
LEU C   O    doub N N 194 
LEU C   OXT  sing N N 195 
LEU CB  CG   sing N N 196 
LEU CB  HB2  sing N N 197 
LEU CB  HB3  sing N N 198 
LEU CG  CD1  sing N N 199 
LEU CG  CD2  sing N N 200 
LEU CG  HG   sing N N 201 
LEU CD1 HD11 sing N N 202 
LEU CD1 HD12 sing N N 203 
LEU CD1 HD13 sing N N 204 
LEU CD2 HD21 sing N N 205 
LEU CD2 HD22 sing N N 206 
LEU CD2 HD23 sing N N 207 
LEU OXT HXT  sing N N 208 
PHE N   CA   sing N N 209 
PHE N   H    sing N N 210 
PHE N   H2   sing N N 211 
PHE CA  C    sing N N 212 
PHE CA  CB   sing N N 213 
PHE CA  HA   sing N N 214 
PHE C   O    doub N N 215 
PHE C   OXT  sing N N 216 
PHE CB  CG   sing N N 217 
PHE CB  HB2  sing N N 218 
PHE CB  HB3  sing N N 219 
PHE CG  CD1  doub Y N 220 
PHE CG  CD2  sing Y N 221 
PHE CD1 CE1  sing Y N 222 
PHE CD1 HD1  sing N N 223 
PHE CD2 CE2  doub Y N 224 
PHE CD2 HD2  sing N N 225 
PHE CE1 CZ   doub Y N 226 
PHE CE1 HE1  sing N N 227 
PHE CE2 CZ   sing Y N 228 
PHE CE2 HE2  sing N N 229 
PHE CZ  HZ   sing N N 230 
PHE OXT HXT  sing N N 231 
PRO N   CA   sing N N 232 
PRO N   CD   sing N N 233 
PRO N   H    sing N N 234 
PRO CA  C    sing N N 235 
PRO CA  CB   sing N N 236 
PRO CA  HA   sing N N 237 
PRO C   O    doub N N 238 
PRO C   OXT  sing N N 239 
PRO CB  CG   sing N N 240 
PRO CB  HB2  sing N N 241 
PRO CB  HB3  sing N N 242 
PRO CG  CD   sing N N 243 
PRO CG  HG2  sing N N 244 
PRO CG  HG3  sing N N 245 
PRO CD  HD2  sing N N 246 
PRO CD  HD3  sing N N 247 
PRO OXT HXT  sing N N 248 
SER N   CA   sing N N 249 
SER N   H    sing N N 250 
SER N   H2   sing N N 251 
SER CA  C    sing N N 252 
SER CA  CB   sing N N 253 
SER CA  HA   sing N N 254 
SER C   O    doub N N 255 
SER C   OXT  sing N N 256 
SER CB  OG   sing N N 257 
SER CB  HB2  sing N N 258 
SER CB  HB3  sing N N 259 
SER OG  HG   sing N N 260 
SER OXT HXT  sing N N 261 
SO4 S   O1   doub N N 262 
SO4 S   O2   doub N N 263 
SO4 S   O3   sing N N 264 
SO4 S   O4   sing N N 265 
THR N   CA   sing N N 266 
THR N   H    sing N N 267 
THR N   H2   sing N N 268 
THR CA  C    sing N N 269 
THR CA  CB   sing N N 270 
THR CA  HA   sing N N 271 
THR C   O    doub N N 272 
THR C   OXT  sing N N 273 
THR CB  OG1  sing N N 274 
THR CB  CG2  sing N N 275 
THR CB  HB   sing N N 276 
THR OG1 HG1  sing N N 277 
THR CG2 HG21 sing N N 278 
THR CG2 HG22 sing N N 279 
THR CG2 HG23 sing N N 280 
THR OXT HXT  sing N N 281 
TRP N   CA   sing N N 282 
TRP N   H    sing N N 283 
TRP N   H2   sing N N 284 
TRP CA  C    sing N N 285 
TRP CA  CB   sing N N 286 
TRP CA  HA   sing N N 287 
TRP C   O    doub N N 288 
TRP C   OXT  sing N N 289 
TRP CB  CG   sing N N 290 
TRP CB  HB2  sing N N 291 
TRP CB  HB3  sing N N 292 
TRP CG  CD1  doub Y N 293 
TRP CG  CD2  sing Y N 294 
TRP CD1 NE1  sing Y N 295 
TRP CD1 HD1  sing N N 296 
TRP CD2 CE2  doub Y N 297 
TRP CD2 CE3  sing Y N 298 
TRP NE1 CE2  sing Y N 299 
TRP NE1 HE1  sing N N 300 
TRP CE2 CZ2  sing Y N 301 
TRP CE3 CZ3  doub Y N 302 
TRP CE3 HE3  sing N N 303 
TRP CZ2 CH2  doub Y N 304 
TRP CZ2 HZ2  sing N N 305 
TRP CZ3 CH2  sing Y N 306 
TRP CZ3 HZ3  sing N N 307 
TRP CH2 HH2  sing N N 308 
TRP OXT HXT  sing N N 309 
TYR N   CA   sing N N 310 
TYR N   H    sing N N 311 
TYR N   H2   sing N N 312 
TYR CA  C    sing N N 313 
TYR CA  CB   sing N N 314 
TYR CA  HA   sing N N 315 
TYR C   O    doub N N 316 
TYR C   OXT  sing N N 317 
TYR CB  CG   sing N N 318 
TYR CB  HB2  sing N N 319 
TYR CB  HB3  sing N N 320 
TYR CG  CD1  doub Y N 321 
TYR CG  CD2  sing Y N 322 
TYR CD1 CE1  sing Y N 323 
TYR CD1 HD1  sing N N 324 
TYR CD2 CE2  doub Y N 325 
TYR CD2 HD2  sing N N 326 
TYR CE1 CZ   doub Y N 327 
TYR CE1 HE1  sing N N 328 
TYR CE2 CZ   sing Y N 329 
TYR CE2 HE2  sing N N 330 
TYR CZ  OH   sing N N 331 
TYR OH  HH   sing N N 332 
TYR OXT HXT  sing N N 333 
VAL N   CA   sing N N 334 
VAL N   H    sing N N 335 
VAL N   H2   sing N N 336 
VAL CA  C    sing N N 337 
VAL CA  CB   sing N N 338 
VAL CA  HA   sing N N 339 
VAL C   O    doub N N 340 
VAL C   OXT  sing N N 341 
VAL CB  CG1  sing N N 342 
VAL CB  CG2  sing N N 343 
VAL CB  HB   sing N N 344 
VAL CG1 HG11 sing N N 345 
VAL CG1 HG12 sing N N 346 
VAL CG1 HG13 sing N N 347 
VAL CG2 HG21 sing N N 348 
VAL CG2 HG22 sing N N 349 
VAL CG2 HG23 sing N N 350 
VAL OXT HXT  sing N N 351 
# 
_pdbx_initial_refinement_model.id               1 
_pdbx_initial_refinement_model.entity_id_list   ? 
_pdbx_initial_refinement_model.type             'experimental model' 
_pdbx_initial_refinement_model.source_name      PDB 
_pdbx_initial_refinement_model.accession_code   1RNT 
_pdbx_initial_refinement_model.details          'RNASE T1 (PDB ENTRY 1RNT)' 
# 
_atom_sites.entry_id                    1RTU 
_atom_sites.fract_transf_matrix[1][1]   -0.01829550 
_atom_sites.fract_transf_matrix[1][2]   0.00822948 
_atom_sites.fract_transf_matrix[1][3]   -0.00294388 
_atom_sites.fract_transf_matrix[2][1]   0.00044802 
_atom_sites.fract_transf_matrix[2][2]   -0.00460308 
_atom_sites.fract_transf_matrix[2][3]   -0.01565203 
_atom_sites.fract_transf_matrix[3][1]   -0.01230846 
_atom_sites.fract_transf_matrix[3][2]   -0.02487310 
_atom_sites.fract_transf_matrix[3][3]   0.00696256 
_atom_sites.fract_transf_vector[1]      0.106563 
_atom_sites.fract_transf_vector[2]      0.389713 
_atom_sites.fract_transf_vector[3]      0.305050 
# 
loop_
_atom_type.symbol 
C 
N 
O 
S 
# 
loop_
_atom_site.group_PDB 
_atom_site.id 
_atom_site.type_symbol 
_atom_site.label_atom_id 
_atom_site.label_alt_id 
_atom_site.label_comp_id 
_atom_site.label_asym_id 
_atom_site.label_entity_id 
_atom_site.label_seq_id 
_atom_site.pdbx_PDB_ins_code 
_atom_site.Cartn_x 
_atom_site.Cartn_y 
_atom_site.Cartn_z 
_atom_site.occupancy 
_atom_site.B_iso_or_equiv 
_atom_site.pdbx_formal_charge 
_atom_site.auth_seq_id 
_atom_site.auth_comp_id 
_atom_site.auth_asym_id 
_atom_site.auth_atom_id 
_atom_site.pdbx_PDB_model_num 
ATOM   1    N N   . CYS A 1 1   ? 5.802   -9.458  7.675   1.00 5.83  ? 1   CYS A N   1 
ATOM   2    C CA  . CYS A 1 1   ? 7.223   -9.571  8.006   1.00 7.72  ? 1   CYS A CA  1 
ATOM   3    C C   . CYS A 1 1   ? 7.721   -8.203  8.468   1.00 8.17  ? 1   CYS A C   1 
ATOM   4    O O   . CYS A 1 1   ? 6.948   -7.236  8.461   1.00 8.08  ? 1   CYS A O   1 
ATOM   5    C CB  . CYS A 1 1   ? 8.054   -10.151 6.861   1.00 6.94  ? 1   CYS A CB  1 
ATOM   6    S SG  . CYS A 1 1   ? 8.170   -9.125  5.368   1.00 8.61  ? 1   CYS A SG  1 
ATOM   7    N N   . ASP A 1 2   ? 9.001   -8.131  8.851   1.00 9.26  ? 2   ASP A N   1 
ATOM   8    C CA  . ASP A 1 2   ? 9.512   -6.795  9.290   1.00 10.15 ? 2   ASP A CA  1 
ATOM   9    C C   . ASP A 1 2   ? 9.616   -5.887  8.055   1.00 10.42 ? 2   ASP A C   1 
ATOM   10   O O   . ASP A 1 2   ? 9.913   -6.327  6.962   1.00 10.79 ? 2   ASP A O   1 
ATOM   11   C CB  . ASP A 1 2   ? 10.843  -6.912  10.009  1.00 12.45 ? 2   ASP A CB  1 
ATOM   12   C CG  . ASP A 1 2   ? 10.770  -7.431  11.423  1.00 14.01 ? 2   ASP A CG  1 
ATOM   13   O OD1 . ASP A 1 2   ? 9.670   -7.604  11.963  1.00 13.73 ? 2   ASP A OD1 1 
ATOM   14   O OD2 . ASP A 1 2   ? 11.871  -7.630  12.016  1.00 15.92 ? 2   ASP A OD2 1 
ATOM   15   N N   . ILE A 1 3   ? 9.357   -4.612  8.325   1.00 11.22 ? 3   ILE A N   1 
ATOM   16   C CA  . ILE A 1 3   ? 9.424   -3.592  7.240   1.00 11.67 ? 3   ILE A CA  1 
ATOM   17   C C   . ILE A 1 3   ? 10.866  -3.456  6.777   1.00 11.60 ? 3   ILE A C   1 
ATOM   18   O O   . ILE A 1 3   ? 11.783  -3.235  7.593   1.00 11.15 ? 3   ILE A O   1 
ATOM   19   C CB  . ILE A 1 3   ? 8.770   -2.253  7.700   1.00 11.95 ? 3   ILE A CB  1 
ATOM   20   C CG1 . ILE A 1 3   ? 7.228   -2.459  7.863   1.00 13.29 ? 3   ILE A CG1 1 
ATOM   21   C CG2 . ILE A 1 3   ? 9.066   -1.103  6.662   1.00 12.35 ? 3   ILE A CG2 1 
ATOM   22   C CD1 . ILE A 1 3   ? 6.534   -1.267  8.568   1.00 14.83 ? 3   ILE A CD1 1 
ATOM   23   N N   . PRO A 1 4   ? 11.057  -3.608  5.479   1.00 12.00 ? 4   PRO A N   1 
ATOM   24   C CA  . PRO A 1 4   ? 12.412  -3.508  4.904   1.00 11.96 ? 4   PRO A CA  1 
ATOM   25   C C   . PRO A 1 4   ? 12.952  -2.096  5.041   1.00 11.97 ? 4   PRO A C   1 
ATOM   26   O O   . PRO A 1 4   ? 12.242  -1.078  5.116   1.00 11.11 ? 4   PRO A O   1 
ATOM   27   C CB  . PRO A 1 4   ? 12.233  -4.007  3.479   1.00 12.44 ? 4   PRO A CB  1 
ATOM   28   C CG  . PRO A 1 4   ? 10.804  -3.738  3.144   1.00 12.34 ? 4   PRO A CG  1 
ATOM   29   C CD  . PRO A 1 4   ? 10.034  -3.888  4.454   1.00 12.07 ? 4   PRO A CD  1 
ATOM   30   N N   . GLN A 1 5   ? 14.283  -1.977  5.052   1.00 11.16 ? 5   GLN A N   1 
ATOM   31   C CA  . GLN A 1 5   ? 14.926  -0.675  5.163   1.00 11.28 ? 5   GLN A CA  1 
ATOM   32   C C   . GLN A 1 5   ? 14.571  0.230   3.985   1.00 11.04 ? 5   GLN A C   1 
ATOM   33   O O   . GLN A 1 5   ? 14.474  1.450   4.140   1.00 10.93 ? 5   GLN A O   1 
ATOM   34   C CB  . GLN A 1 5   ? 16.471  -0.909  5.234   1.00 13.09 ? 5   GLN A CB  1 
ATOM   35   C CG  . GLN A 1 5   ? 17.119  0.478   5.234   1.00 13.73 ? 5   GLN A CG  1 
ATOM   36   C CD  . GLN A 1 5   ? 18.618  0.423   5.389   0.00 13.59 ? 5   GLN A CD  1 
ATOM   37   O OE1 . GLN A 1 5   ? 19.354  1.264   4.876   0.00 13.65 ? 5   GLN A OE1 1 
ATOM   38   N NE2 . GLN A 1 5   ? 19.090  -0.586  6.117   0.00 13.65 ? 5   GLN A NE2 1 
ATOM   39   N N   . SER A 1 6   ? 14.423  -0.330  2.783   1.00 11.36 ? 6   SER A N   1 
ATOM   40   C CA  . SER A 1 6   ? 14.045  0.440   1.592   1.00 12.23 ? 6   SER A CA  1 
ATOM   41   C C   . SER A 1 6   ? 13.395  -0.541  0.596   1.00 12.31 ? 6   SER A C   1 
ATOM   42   O O   . SER A 1 6   ? 13.511  -1.765  0.738   1.00 12.81 ? 6   SER A O   1 
ATOM   43   C CB  . SER A 1 6   ? 15.151  1.210   0.928   1.00 14.35 ? 6   SER A CB  1 
ATOM   44   O OG  . SER A 1 6   ? 16.074  0.352   0.245   1.00 17.52 ? 6   SER A OG  1 
ATOM   45   N N   . THR A 1 7   ? 12.694  0.035   -0.354  1.00 11.33 ? 7   THR A N   1 
ATOM   46   C CA  . THR A 1 7   ? 11.963  -0.765  -1.363  1.00 10.06 ? 7   THR A CA  1 
ATOM   47   C C   . THR A 1 7   ? 12.036  0.068   -2.646  1.00 9.14  ? 7   THR A C   1 
ATOM   48   O O   . THR A 1 7   ? 11.981  1.314   -2.547  1.00 8.71  ? 7   THR A O   1 
ATOM   49   C CB  . THR A 1 7   ? 10.502  -1.094  -0.923  1.00 10.53 ? 7   THR A CB  1 
ATOM   50   O OG1 . THR A 1 7   ? 9.991   -2.157  -1.782  1.00 12.33 ? 7   THR A OG1 1 
ATOM   51   C CG2 . THR A 1 7   ? 9.506   0.094   -1.021  1.00 11.48 ? 7   THR A CG2 1 
ATOM   52   N N   . ASN A 1 8   ? 12.202  -0.615  -3.744  1.00 8.88  ? 8   ASN A N   1 
ATOM   53   C CA  . ASN A 1 8   ? 12.281  0.078   -5.056  1.00 9.19  ? 8   ASN A CA  1 
ATOM   54   C C   . ASN A 1 8   ? 11.032  -0.230  -5.880  1.00 8.48  ? 8   ASN A C   1 
ATOM   55   O O   . ASN A 1 8   ? 10.923  -1.373  -6.349  1.00 8.13  ? 8   ASN A O   1 
ATOM   56   C CB  . ASN A 1 8   ? 13.567  -0.387  -5.785  1.00 11.26 ? 8   ASN A CB  1 
ATOM   57   C CG  . ASN A 1 8   ? 13.844  0.537   -6.956  1.00 14.02 ? 8   ASN A CG  1 
ATOM   58   O OD1 . ASN A 1 8   ? 12.934  1.066   -7.579  1.00 13.90 ? 8   ASN A OD1 1 
ATOM   59   N ND2 . ASN A 1 8   ? 15.131  0.788   -7.279  1.00 16.02 ? 8   ASN A ND2 1 
ATOM   60   N N   . CYS A 1 9   ? 10.142  0.758   -6.064  1.00 8.65  ? 9   CYS A N   1 
ATOM   61   C CA  . CYS A 1 9   ? 8.933   0.535   -6.861  1.00 8.85  ? 9   CYS A CA  1 
ATOM   62   C C   . CYS A 1 9   ? 9.085   1.269   -8.207  1.00 9.53  ? 9   CYS A C   1 
ATOM   63   O O   . CYS A 1 9   ? 8.782   2.467   -8.257  1.00 9.41  ? 9   CYS A O   1 
ATOM   64   C CB  . CYS A 1 9   ? 7.645   1.084   -6.177  1.00 8.74  ? 9   CYS A CB  1 
ATOM   65   S SG  . CYS A 1 9   ? 7.237   0.185   -4.658  1.00 8.09  ? 9   CYS A SG  1 
ATOM   66   N N   . GLY A 1 10  ? 9.581   0.499   -9.162  1.00 10.93 ? 10  GLY A N   1 
ATOM   67   C CA  . GLY A 1 10  ? 9.765   1.056   -10.528 1.00 13.35 ? 10  GLY A CA  1 
ATOM   68   C C   . GLY A 1 10  ? 10.537  2.343   -10.591 1.00 14.60 ? 10  GLY A C   1 
ATOM   69   O O   . GLY A 1 10  ? 10.220  3.248   -11.431 1.00 15.82 ? 10  GLY A O   1 
ATOM   70   N N   . GLY A 1 11  ? 11.568  2.502   -9.756  1.00 14.24 ? 11  GLY A N   1 
ATOM   71   C CA  . GLY A 1 11  ? 12.345  3.757   -9.797  1.00 13.85 ? 11  GLY A CA  1 
ATOM   72   C C   . GLY A 1 11  ? 12.091  4.627   -8.597  1.00 13.69 ? 11  GLY A C   1 
ATOM   73   O O   . GLY A 1 11  ? 12.987  5.423   -8.242  1.00 14.77 ? 11  GLY A O   1 
ATOM   74   N N   . ASN A 1 12  ? 10.935  4.536   -7.948  1.00 12.49 ? 12  ASN A N   1 
ATOM   75   C CA  . ASN A 1 12  ? 10.657  5.316   -6.742  1.00 11.68 ? 12  ASN A CA  1 
ATOM   76   C C   . ASN A 1 12  ? 11.181  4.500   -5.533  1.00 10.92 ? 12  ASN A C   1 
ATOM   77   O O   . ASN A 1 12  ? 10.616  3.414   -5.300  1.00 9.94  ? 12  ASN A O   1 
ATOM   78   C CB  . ASN A 1 12  ? 9.168   5.595   -6.569  1.00 11.81 ? 12  ASN A CB  1 
ATOM   79   C CG  . ASN A 1 12  ? 8.598   6.571   -7.566  1.00 14.69 ? 12  ASN A CG  1 
ATOM   80   O OD1 . ASN A 1 12  ? 9.347   7.430   -8.076  1.00 15.40 ? 12  ASN A OD1 1 
ATOM   81   N ND2 . ASN A 1 12  ? 7.305   6.439   -7.870  1.00 13.12 ? 12  ASN A ND2 1 
ATOM   82   N N   . VAL A 1 13  ? 12.157  5.037   -4.840  1.00 10.17 ? 13  VAL A N   1 
ATOM   83   C CA  . VAL A 1 13  ? 12.688  4.310   -3.654  1.00 10.25 ? 13  VAL A CA  1 
ATOM   84   C C   . VAL A 1 13  ? 12.036  4.867   -2.391  1.00 8.76  ? 13  VAL A C   1 
ATOM   85   O O   . VAL A 1 13  ? 12.050  6.094   -2.247  1.00 9.02  ? 13  VAL A O   1 
ATOM   86   C CB  . VAL A 1 13  ? 14.224  4.470   -3.610  1.00 11.76 ? 13  VAL A CB  1 
ATOM   87   C CG1 . VAL A 1 13  ? 14.808  3.869   -2.326  1.00 12.51 ? 13  VAL A CG1 1 
ATOM   88   C CG2 . VAL A 1 13  ? 14.806  3.817   -4.866  1.00 14.34 ? 13  VAL A CG2 1 
ATOM   89   N N   . TYR A 1 14  ? 11.491  4.001   -1.572  1.00 8.39  ? 14  TYR A N   1 
ATOM   90   C CA  . TYR A 1 14  ? 10.829  4.425   -0.318  1.00 8.02  ? 14  TYR A CA  1 
ATOM   91   C C   . TYR A 1 14  ? 11.575  3.788   0.857   1.00 7.83  ? 14  TYR A C   1 
ATOM   92   O O   . TYR A 1 14  ? 12.087  2.685   0.737   1.00 7.91  ? 14  TYR A O   1 
ATOM   93   C CB  . TYR A 1 14  ? 9.336   4.036   -0.283  1.00 6.49  ? 14  TYR A CB  1 
ATOM   94   C CG  . TYR A 1 14  ? 8.496   4.641   -1.398  1.00 5.37  ? 14  TYR A CG  1 
ATOM   95   C CD1 . TYR A 1 14  ? 7.969   5.920   -1.227  1.00 5.37  ? 14  TYR A CD1 1 
ATOM   96   C CD2 . TYR A 1 14  ? 8.237   3.917   -2.575  1.00 4.52  ? 14  TYR A CD2 1 
ATOM   97   C CE1 . TYR A 1 14  ? 7.184   6.503   -2.245  1.00 5.12  ? 14  TYR A CE1 1 
ATOM   98   C CE2 . TYR A 1 14  ? 7.440   4.468   -3.591  1.00 4.09  ? 14  TYR A CE2 1 
ATOM   99   C CZ  . TYR A 1 14  ? 6.926   5.769   -3.384  1.00 4.87  ? 14  TYR A CZ  1 
ATOM   100  O OH  . TYR A 1 14  ? 6.133   6.356   -4.357  1.00 5.38  ? 14  TYR A OH  1 
ATOM   101  N N   . SER A 1 15  ? 11.601  4.538   1.954   1.00 7.91  ? 15  SER A N   1 
ATOM   102  C CA  . SER A 1 15  ? 12.291  3.999   3.151   1.00 7.17  ? 15  SER A CA  1 
ATOM   103  C C   . SER A 1 15  ? 11.296  3.235   4.008   1.00 7.23  ? 15  SER A C   1 
ATOM   104  O O   . SER A 1 15  ? 10.052  3.275   3.813   1.00 6.59  ? 15  SER A O   1 
ATOM   105  C CB  . SER A 1 15  ? 12.811  5.188   3.971   1.00 7.52  ? 15  SER A CB  1 
ATOM   106  O OG  . SER A 1 15  ? 11.703  5.931   4.518   1.00 8.45  ? 15  SER A OG  1 
ATOM   107  N N   . ASN A 1 16  ? 11.863  2.632   5.047   1.00 6.20  ? 16  ASN A N   1 
ATOM   108  C CA  . ASN A 1 16  ? 11.057  1.949   6.059   1.00 6.16  ? 16  ASN A CA  1 
ATOM   109  C C   . ASN A 1 16  ? 10.073  2.978   6.689   1.00 6.08  ? 16  ASN A C   1 
ATOM   110  O O   . ASN A 1 16  ? 8.952   2.601   7.037   1.00 5.23  ? 16  ASN A O   1 
ATOM   111  C CB  . ASN A 1 16  ? 11.920  1.328   7.134   1.00 8.58  ? 16  ASN A CB  1 
ATOM   112  C CG  . ASN A 1 16  ? 12.978  2.238   7.718   1.00 10.53 ? 16  ASN A CG  1 
ATOM   113  O OD1 . ASN A 1 16  ? 13.181  3.403   7.343   1.00 10.82 ? 16  ASN A OD1 1 
ATOM   114  N ND2 . ASN A 1 16  ? 13.695  1.733   8.740   1.00 11.47 ? 16  ASN A ND2 1 
ATOM   115  N N   . ASP A 1 17  ? 10.482  4.232   6.836   1.00 5.87  ? 17  ASP A N   1 
ATOM   116  C CA  . ASP A 1 17  ? 9.566   5.223   7.454   1.00 6.60  ? 17  ASP A CA  1 
ATOM   117  C C   . ASP A 1 17  ? 8.361   5.494   6.526   1.00 5.99  ? 17  ASP A C   1 
ATOM   118  O O   . ASP A 1 17  ? 7.218   5.584   7.020   1.00 5.72  ? 17  ASP A O   1 
ATOM   119  C CB  . ASP A 1 17  ? 10.354  6.493   7.798   1.00 9.40  ? 17  ASP A CB  1 
ATOM   120  C CG  . ASP A 1 17  ? 9.592   7.467   8.652   1.00 12.49 ? 17  ASP A CG  1 
ATOM   121  O OD1 . ASP A 1 17  ? 8.788   7.118   9.542   1.00 15.02 ? 17  ASP A OD1 1 
ATOM   122  O OD2 . ASP A 1 17  ? 9.836   8.683   8.498   1.00 15.98 ? 17  ASP A OD2 1 
ATOM   123  N N   . ASP A 1 18  ? 8.654   5.613   5.214   1.00 4.91  ? 18  ASP A N   1 
ATOM   124  C CA  . ASP A 1 18  ? 7.552   5.859   4.255   1.00 4.58  ? 18  ASP A CA  1 
ATOM   125  C C   . ASP A 1 18  ? 6.523   4.698   4.330   1.00 4.19  ? 18  ASP A C   1 
ATOM   126  O O   . ASP A 1 18  ? 5.312   4.932   4.263   1.00 3.03  ? 18  ASP A O   1 
ATOM   127  C CB  . ASP A 1 18  ? 8.047   5.988   2.805   1.00 5.48  ? 18  ASP A CB  1 
ATOM   128  C CG  . ASP A 1 18  ? 8.948   7.174   2.600   1.00 5.70  ? 18  ASP A CG  1 
ATOM   129  O OD1 . ASP A 1 18  ? 8.640   8.248   3.173   1.00 6.06  ? 18  ASP A OD1 1 
ATOM   130  O OD2 . ASP A 1 18  ? 9.954   7.010   1.893   1.00 7.31  ? 18  ASP A OD2 1 
ATOM   131  N N   . ILE A 1 19  ? 7.052   3.477   4.393   1.00 3.82  ? 19  ILE A N   1 
ATOM   132  C CA  . ILE A 1 19  ? 6.182   2.290   4.434   1.00 3.90  ? 19  ILE A CA  1 
ATOM   133  C C   . ILE A 1 19  ? 5.339   2.242   5.709   1.00 4.19  ? 19  ILE A C   1 
ATOM   134  O O   . ILE A 1 19  ? 4.103   2.020   5.695   1.00 3.95  ? 19  ILE A O   1 
ATOM   135  C CB  . ILE A 1 19  ? 6.988   0.970   4.214   1.00 4.65  ? 19  ILE A CB  1 
ATOM   136  C CG1 . ILE A 1 19  ? 7.613   0.963   2.776   1.00 5.94  ? 19  ILE A CG1 1 
ATOM   137  C CG2 . ILE A 1 19  ? 6.056   -0.295  4.372   1.00 4.86  ? 19  ILE A CG2 1 
ATOM   138  C CD1 . ILE A 1 19  ? 8.835   -0.012  2.683   1.00 8.81  ? 19  ILE A CD1 1 
ATOM   139  N N   . ASN A 1 20  ? 6.056   2.388   6.831   1.00 4.28  ? 20  ASN A N   1 
ATOM   140  C CA  . ASN A 1 20  ? 5.383   2.345   8.148   1.00 4.86  ? 20  ASN A CA  1 
ATOM   141  C C   . ASN A 1 20  ? 4.324   3.452   8.220   1.00 4.65  ? 20  ASN A C   1 
ATOM   142  O O   . ASN A 1 20  ? 3.244   3.197   8.783   1.00 5.67  ? 20  ASN A O   1 
ATOM   143  C CB  . ASN A 1 20  ? 6.458   2.431   9.267   1.00 4.75  ? 20  ASN A CB  1 
ATOM   144  C CG  . ASN A 1 20  ? 5.883   2.174   10.661  1.00 6.57  ? 20  ASN A CG  1 
ATOM   145  O OD1 . ASN A 1 20  ? 5.317   1.080   10.814  1.00 8.48  ? 20  ASN A OD1 1 
ATOM   146  N ND2 . ASN A 1 20  ? 6.006   3.105   11.583  1.00 6.00  ? 20  ASN A ND2 1 
ATOM   147  N N   . THR A 1 21  ? 4.671   4.621   7.735   1.00 4.84  ? 21  THR A N   1 
ATOM   148  C CA  . THR A 1 21  ? 3.764   5.795   7.743   1.00 5.48  ? 21  THR A CA  1 
ATOM   149  C C   . THR A 1 21  ? 2.470   5.492   6.996   1.00 5.15  ? 21  THR A C   1 
ATOM   150  O O   . THR A 1 21  ? 1.370   5.821   7.472   1.00 5.21  ? 21  THR A O   1 
ATOM   151  C CB  . THR A 1 21  ? 4.499   7.085   7.223   1.00 6.05  ? 21  THR A CB  1 
ATOM   152  O OG1 . THR A 1 21  ? 5.563   7.372   8.200   1.00 7.19  ? 21  THR A OG1 1 
ATOM   153  C CG2 . THR A 1 21  ? 3.609   8.338   7.093   1.00 6.10  ? 21  THR A CG2 1 
ATOM   154  N N   . ALA A 1 22  ? 2.604   4.838   5.860   1.00 5.49  ? 22  ALA A N   1 
ATOM   155  C CA  . ALA A 1 22  ? 1.428   4.425   5.050   1.00 5.46  ? 22  ALA A CA  1 
ATOM   156  C C   . ALA A 1 22  ? 0.533   3.487   5.857   1.00 5.10  ? 22  ALA A C   1 
ATOM   157  O O   . ALA A 1 22  ? -0.671  3.727   5.903   1.00 5.59  ? 22  ALA A O   1 
ATOM   158  C CB  . ALA A 1 22  ? 1.896   3.739   3.764   1.00 5.60  ? 22  ALA A CB  1 
ATOM   159  N N   . ILE A 1 23  ? 1.095   2.446   6.463   1.00 4.87  ? 23  ILE A N   1 
ATOM   160  C CA  . ILE A 1 23  ? 0.273   1.479   7.249   1.00 5.12  ? 23  ILE A CA  1 
ATOM   161  C C   . ILE A 1 23  ? -0.383  2.166   8.438   1.00 5.54  ? 23  ILE A C   1 
ATOM   162  O O   . ILE A 1 23  ? -1.597  1.966   8.670   1.00 5.81  ? 23  ILE A O   1 
ATOM   163  C CB  . ILE A 1 23  ? 1.151   0.255   7.727   1.00 4.71  ? 23  ILE A CB  1 
ATOM   164  C CG1 . ILE A 1 23  ? 1.706   -0.474  6.457   1.00 5.68  ? 23  ILE A CG1 1 
ATOM   165  C CG2 . ILE A 1 23  ? 0.303   -0.765  8.558   1.00 6.42  ? 23  ILE A CG2 1 
ATOM   166  C CD1 . ILE A 1 23  ? 2.695   -1.640  6.842   1.00 7.09  ? 23  ILE A CD1 1 
ATOM   167  N N   . GLN A 1 24  ? 0.433   2.849   9.230   1.00 6.05  ? 24  GLN A N   1 
ATOM   168  C CA  . GLN A 1 24  ? -0.094  3.522   10.446  1.00 7.16  ? 24  GLN A CA  1 
ATOM   169  C C   . GLN A 1 24  ? -1.196  4.524   10.067  1.00 7.11  ? 24  GLN A C   1 
ATOM   170  O O   . GLN A 1 24  ? -2.217  4.624   10.773  1.00 6.65  ? 24  GLN A O   1 
ATOM   171  C CB  . GLN A 1 24  ? 1.000   4.128   11.307  1.00 10.15 ? 24  GLN A CB  1 
ATOM   172  C CG  . GLN A 1 24  ? 2.026   3.147   11.853  1.00 13.36 ? 24  GLN A CG  1 
ATOM   173  C CD  . GLN A 1 24  ? 1.430   2.006   12.616  1.00 16.91 ? 24  GLN A CD  1 
ATOM   174  O OE1 . GLN A 1 24  ? 0.543   2.166   13.459  1.00 18.81 ? 24  GLN A OE1 1 
ATOM   175  N NE2 . GLN A 1 24  ? 1.861   0.775   12.319  1.00 19.17 ? 24  GLN A NE2 1 
ATOM   176  N N   . GLY A 1 25  ? -0.955  5.264   9.018   1.00 6.43  ? 25  GLY A N   1 
ATOM   177  C CA  . GLY A 1 25  ? -1.865  6.243   8.437   1.00 7.07  ? 25  GLY A CA  1 
ATOM   178  C C   . GLY A 1 25  ? -3.206  5.595   8.104   1.00 7.48  ? 25  GLY A C   1 
ATOM   179  O O   . GLY A 1 25  ? -4.287  6.106   8.461   1.00 7.52  ? 25  GLY A O   1 
ATOM   180  N N   . ALA A 1 26  ? -3.142  4.481   7.385   1.00 7.13  ? 26  ALA A N   1 
ATOM   181  C CA  . ALA A 1 26  ? -4.338  3.746   6.947   1.00 7.33  ? 26  ALA A CA  1 
ATOM   182  C C   . ALA A 1 26  ? -5.125  3.246   8.168   1.00 8.29  ? 26  ALA A C   1 
ATOM   183  O O   . ALA A 1 26  ? -6.352  3.317   8.170   1.00 8.60  ? 26  ALA A O   1 
ATOM   184  C CB  . ALA A 1 26  ? -3.927  2.548   6.085   1.00 6.70  ? 26  ALA A CB  1 
ATOM   185  N N   . LEU A 1 27  ? -4.389  2.737   9.160   1.00 8.14  ? 27  LEU A N   1 
ATOM   186  C CA  . LEU A 1 27  ? -5.099  2.193   10.363  1.00 9.00  ? 27  LEU A CA  1 
ATOM   187  C C   . LEU A 1 27  ? -5.824  3.302   11.110  1.00 9.33  ? 27  LEU A C   1 
ATOM   188  O O   . LEU A 1 27  ? -6.984  3.092   11.513  1.00 9.65  ? 27  LEU A O   1 
ATOM   189  C CB  . LEU A 1 27  ? -4.075  1.454   11.217  1.00 8.07  ? 27  LEU A CB  1 
ATOM   190  C CG  . LEU A 1 27  ? -3.509  0.180   10.614  1.00 9.33  ? 27  LEU A CG  1 
ATOM   191  C CD1 . LEU A 1 27  ? -2.324  -0.241  11.490  1.00 10.06 ? 27  LEU A CD1 1 
ATOM   192  C CD2 . LEU A 1 27  ? -4.550  -0.924  10.513  1.00 9.71  ? 27  LEU A CD2 1 
ATOM   193  N N   . ASP A 1 28  ? -5.126  4.410   11.292  1.00 10.20 ? 28  ASP A N   1 
ATOM   194  C CA  . ASP A 1 28  ? -5.688  5.590   11.966  1.00 11.12 ? 28  ASP A CA  1 
ATOM   195  C C   . ASP A 1 28  ? -6.908  6.095   11.176  1.00 11.14 ? 28  ASP A C   1 
ATOM   196  O O   . ASP A 1 28  ? -7.908  6.510   11.788  1.00 10.97 ? 28  ASP A O   1 
ATOM   197  C CB  . ASP A 1 28  ? -4.657  6.698   12.073  1.00 15.05 ? 28  ASP A CB  1 
ATOM   198  C CG  . ASP A 1 28  ? -3.565  6.476   13.085  1.00 19.31 ? 28  ASP A CG  1 
ATOM   199  O OD1 . ASP A 1 28  ? -3.604  5.463   13.833  1.00 21.27 ? 28  ASP A OD1 1 
ATOM   200  O OD2 . ASP A 1 28  ? -2.637  7.330   13.172  1.00 21.25 ? 28  ASP A OD2 1 
ATOM   201  N N   . ASP A 1 29  ? -6.792  6.118   9.857   1.00 10.69 ? 29  ASP A N   1 
ATOM   202  C CA  . ASP A 1 29  ? -7.850  6.624   8.974   1.00 10.76 ? 29  ASP A CA  1 
ATOM   203  C C   . ASP A 1 29  ? -9.133  5.794   9.189   1.00 11.36 ? 29  ASP A C   1 
ATOM   204  O O   . ASP A 1 29  ? -10.228 6.376   9.388   1.00 12.20 ? 29  ASP A O   1 
ATOM   205  C CB  . ASP A 1 29  ? -7.452  6.627   7.490   1.00 10.81 ? 29  ASP A CB  1 
ATOM   206  C CG  . ASP A 1 29  ? -6.513  7.762   7.135   1.00 12.15 ? 29  ASP A CG  1 
ATOM   207  O OD1 . ASP A 1 29  ? -6.280  8.651   7.959   1.00 11.02 ? 29  ASP A OD1 1 
ATOM   208  O OD2 . ASP A 1 29  ? -5.956  7.707   6.008   1.00 13.20 ? 29  ASP A OD2 1 
ATOM   209  N N   . VAL A 1 30  ? -8.943  4.501   9.135   1.00 10.53 ? 30  VAL A N   1 
ATOM   210  C CA  . VAL A 1 30  ? -10.082 3.565   9.310   1.00 11.53 ? 30  VAL A CA  1 
ATOM   211  C C   . VAL A 1 30  ? -10.695 3.724   10.702  1.00 10.75 ? 30  VAL A C   1 
ATOM   212  O O   . VAL A 1 30  ? -11.947 3.757   10.818  1.00 10.31 ? 30  VAL A O   1 
ATOM   213  C CB  . VAL A 1 30  ? -9.719  2.145   8.906   1.00 12.48 ? 30  VAL A CB  1 
ATOM   214  C CG1 . VAL A 1 30  ? -10.838 1.123   9.243   1.00 14.12 ? 30  VAL A CG1 1 
ATOM   215  C CG2 . VAL A 1 30  ? -9.462  2.075   7.407   1.00 12.96 ? 30  VAL A CG2 1 
ATOM   216  N N   . ALA A 1 31  ? -9.868  3.876   11.689  1.00 9.62  ? 31  ALA A N   1 
ATOM   217  C CA  . ALA A 1 31  ? -10.314 4.002   13.083  1.00 10.28 ? 31  ALA A CA  1 
ATOM   218  C C   . ALA A 1 31  ? -11.188 5.227   13.299  1.00 11.07 ? 31  ALA A C   1 
ATOM   219  O O   . ALA A 1 31  ? -12.037 5.246   14.219  1.00 10.75 ? 31  ALA A O   1 
ATOM   220  C CB  . ALA A 1 31  ? -9.123  3.976   14.017  1.00 10.12 ? 31  ALA A CB  1 
ATOM   221  N N   . ASN A 1 32  ? -11.004 6.236   12.474  1.00 11.65 ? 32  ASN A N   1 
ATOM   222  C CA  . ASN A 1 32  ? -11.745 7.503   12.554  1.00 12.60 ? 32  ASN A CA  1 
ATOM   223  C C   . ASN A 1 32  ? -12.776 7.666   11.448  1.00 11.81 ? 32  ASN A C   1 
ATOM   224  O O   . ASN A 1 32  ? -13.359 8.766   11.378  1.00 11.74 ? 32  ASN A O   1 
ATOM   225  C CB  . ASN A 1 32  ? -10.758 8.690   12.571  1.00 16.40 ? 32  ASN A CB  1 
ATOM   226  C CG  . ASN A 1 32  ? -9.937  8.675   13.840  1.00 19.24 ? 32  ASN A CG  1 
ATOM   227  O OD1 . ASN A 1 32  ? -10.532 8.578   14.933  1.00 22.53 ? 32  ASN A OD1 1 
ATOM   228  N ND2 . ASN A 1 32  ? -8.615  8.688   13.727  1.00 21.35 ? 32  ASN A ND2 1 
ATOM   229  N N   . GLY A 1 33  ? -12.953 6.684   10.607  1.00 11.42 ? 33  GLY A N   1 
ATOM   230  C CA  . GLY A 1 33  ? -13.950 6.747   9.520   1.00 11.87 ? 33  GLY A CA  1 
ATOM   231  C C   . GLY A 1 33  ? -13.569 7.684   8.389   1.00 12.74 ? 33  GLY A C   1 
ATOM   232  O O   . GLY A 1 33  ? -14.446 8.205   7.664   1.00 12.75 ? 33  GLY A O   1 
ATOM   233  N N   . ASP A 1 34  ? -12.282 7.933   8.228   1.00 12.73 ? 34  ASP A N   1 
ATOM   234  C CA  . ASP A 1 34  ? -11.768 8.830   7.152   1.00 14.03 ? 34  ASP A CA  1 
ATOM   235  C C   . ASP A 1 34  ? -11.104 7.892   6.134   1.00 13.73 ? 34  ASP A C   1 
ATOM   236  O O   . ASP A 1 34  ? -10.184 7.151   6.551   1.00 15.44 ? 34  ASP A O   1 
ATOM   237  C CB  . ASP A 1 34  ? -10.836 9.878   7.749   1.00 16.74 ? 34  ASP A CB  1 
ATOM   238  C CG  . ASP A 1 34  ? -10.660 11.120  6.910   1.00 19.79 ? 34  ASP A CG  1 
ATOM   239  O OD1 . ASP A 1 34  ? -11.215 11.238  5.792   1.00 21.87 ? 34  ASP A OD1 1 
ATOM   240  O OD2 . ASP A 1 34  ? -9.943  12.022  7.412   1.00 21.44 ? 34  ASP A OD2 1 
ATOM   241  N N   . ARG A 1 35  ? -11.637 7.797   4.946   1.00 12.10 ? 35  ARG A N   1 
ATOM   242  C CA  . ARG A 1 35  ? -11.071 6.857   3.905   1.00 10.83 ? 35  ARG A CA  1 
ATOM   243  C C   . ARG A 1 35  ? -10.757 7.761   2.701   1.00 9.59  ? 35  ARG A C   1 
ATOM   244  O O   . ARG A 1 35  ? -11.655 7.976   1.854   1.00 9.75  ? 35  ARG A O   1 
ATOM   245  C CB  . ARG A 1 35  ? -12.126 5.801   3.604   1.00 11.56 ? 35  ARG A CB  1 
ATOM   246  C CG  . ARG A 1 35  ? -12.625 5.045   4.846   1.00 12.97 ? 35  ARG A CG  1 
ATOM   247  C CD  . ARG A 1 35  ? -13.902 4.318   4.591   1.00 14.16 ? 35  ARG A CD  1 
ATOM   248  N NE  . ARG A 1 35  ? -14.439 3.755   5.829   1.00 14.46 ? 35  ARG A NE  1 
ATOM   249  C CZ  . ARG A 1 35  ? -14.037 2.625   6.401   1.00 15.03 ? 35  ARG A CZ  1 
ATOM   250  N NH1 . ARG A 1 35  ? -13.075 1.860   5.849   1.00 13.80 ? 35  ARG A NH1 1 
ATOM   251  N NH2 . ARG A 1 35  ? -14.617 2.258   7.543   1.00 14.08 ? 35  ARG A NH2 1 
ATOM   252  N N   . PRO A 1 36  ? -9.573  8.282   2.667   1.00 8.42  ? 36  PRO A N   1 
ATOM   253  C CA  . PRO A 1 36  ? -9.142  9.220   1.601   1.00 7.93  ? 36  PRO A CA  1 
ATOM   254  C C   . PRO A 1 36  ? -9.213  8.572   0.235   1.00 7.74  ? 36  PRO A C   1 
ATOM   255  O O   . PRO A 1 36  ? -8.589  7.526   0.007   1.00 8.15  ? 36  PRO A O   1 
ATOM   256  C CB  . PRO A 1 36  ? -7.755  9.677   2.053   1.00 8.00  ? 36  PRO A CB  1 
ATOM   257  C CG  . PRO A 1 36  ? -7.229  8.487   2.836   1.00 8.43  ? 36  PRO A CG  1 
ATOM   258  C CD  . PRO A 1 36  ? -8.446  7.992   3.614   1.00 8.35  ? 36  PRO A CD  1 
ATOM   259  N N   . ASP A 1 37  ? -9.994  9.187   -0.650  1.00 7.45  ? 37  ASP A N   1 
ATOM   260  C CA  . ASP A 1 37  ? -10.180 8.625   -2.008  1.00 7.77  ? 37  ASP A CA  1 
ATOM   261  C C   . ASP A 1 37  ? -10.666 7.178   -1.919  1.00 8.24  ? 37  ASP A C   1 
ATOM   262  O O   . ASP A 1 37  ? -10.408 6.397   -2.859  1.00 7.97  ? 37  ASP A O   1 
ATOM   263  C CB  . ASP A 1 37  ? -8.904  8.759   -2.844  1.00 8.61  ? 37  ASP A CB  1 
ATOM   264  C CG  . ASP A 1 37  ? -9.229  8.823   -4.334  1.00 9.61  ? 37  ASP A CG  1 
ATOM   265  O OD1 . ASP A 1 37  ? -10.137 9.618   -4.656  1.00 10.17 ? 37  ASP A OD1 1 
ATOM   266  O OD2 . ASP A 1 37  ? -8.650  8.140   -5.191  1.00 9.52  ? 37  ASP A OD2 1 
ATOM   267  N N   . ASN A 1 38  ? -11.377 6.841   -0.854  1.00 8.66  ? 38  ASN A N   1 
ATOM   268  C CA  . ASN A 1 38  ? -11.920 5.492   -0.665  1.00 9.82  ? 38  ASN A CA  1 
ATOM   269  C C   . ASN A 1 38  ? -10.866 4.399   -0.444  1.00 9.48  ? 38  ASN A C   1 
ATOM   270  O O   . ASN A 1 38  ? -11.128 3.203   -0.704  1.00 10.13 ? 38  ASN A O   1 
ATOM   271  C CB  . ASN A 1 38  ? -12.954 5.080   -1.729  1.00 14.30 ? 38  ASN A CB  1 
ATOM   272  C CG  . ASN A 1 38  ? -14.183 5.959   -1.738  1.00 18.59 ? 38  ASN A CG  1 
ATOM   273  O OD1 . ASN A 1 38  ? -14.894 6.129   -2.775  1.00 21.88 ? 38  ASN A OD1 1 
ATOM   274  N ND2 . ASN A 1 38  ? -14.519 6.589   -0.618  1.00 19.82 ? 38  ASN A ND2 1 
ATOM   275  N N   . TYR A 1 39  ? -9.705  4.805   0.011   1.00 8.74  ? 39  TYR A N   1 
ATOM   276  C CA  . TYR A 1 39  ? -8.627  3.863   0.409   1.00 7.70  ? 39  TYR A CA  1 
ATOM   277  C C   . TYR A 1 39  ? -8.696  3.832   1.941   1.00 8.13  ? 39  TYR A C   1 
ATOM   278  O O   . TYR A 1 39  ? -9.141  4.814   2.570   1.00 8.24  ? 39  TYR A O   1 
ATOM   279  C CB  . TYR A 1 39  ? -7.218  4.429   0.020   1.00 7.26  ? 39  TYR A CB  1 
ATOM   280  C CG  . TYR A 1 39  ? -6.926  4.295   -1.457  1.00 7.11  ? 39  TYR A CG  1 
ATOM   281  C CD1 . TYR A 1 39  ? -6.442  3.106   -1.982  1.00 8.08  ? 39  TYR A CD1 1 
ATOM   282  C CD2 . TYR A 1 39  ? -7.192  5.352   -2.341  1.00 7.44  ? 39  TYR A CD2 1 
ATOM   283  C CE1 . TYR A 1 39  ? -6.175  2.956   -3.344  1.00 7.89  ? 39  TYR A CE1 1 
ATOM   284  C CE2 . TYR A 1 39  ? -6.953  5.225   -3.717  1.00 8.00  ? 39  TYR A CE2 1 
ATOM   285  C CZ  . TYR A 1 39  ? -6.410  4.026   -4.182  1.00 8.29  ? 39  TYR A CZ  1 
ATOM   286  O OH  . TYR A 1 39  ? -6.188  3.936   -5.531  1.00 11.71 ? 39  TYR A OH  1 
ATOM   287  N N   . PRO A 1 40  ? -8.238  2.761   2.596   1.00 8.61  ? 40  PRO A N   1 
ATOM   288  C CA  . PRO A 1 40  ? -7.736  1.552   1.990   1.00 8.28  ? 40  PRO A CA  1 
ATOM   289  C C   . PRO A 1 40  ? -8.791  0.777   1.215   1.00 9.05  ? 40  PRO A C   1 
ATOM   290  O O   . PRO A 1 40  ? -9.994  0.883   1.519   1.00 9.09  ? 40  PRO A O   1 
ATOM   291  C CB  . PRO A 1 40  ? -7.300  0.704   3.205   1.00 8.25  ? 40  PRO A CB  1 
ATOM   292  C CG  . PRO A 1 40  ? -7.934  1.294   4.412   1.00 8.22  ? 40  PRO A CG  1 
ATOM   293  C CD  . PRO A 1 40  ? -8.273  2.726   4.071   1.00 8.38  ? 40  PRO A CD  1 
ATOM   294  N N   . HIS A 1 41  ? -8.322  0.014   0.242   1.00 9.03  ? 41  HIS A N   1 
ATOM   295  C CA  . HIS A 1 41  ? -9.172  -0.881  -0.532  1.00 9.72  ? 41  HIS A CA  1 
ATOM   296  C C   . HIS A 1 41  ? -8.816  -2.288  0.026   1.00 10.04 ? 41  HIS A C   1 
ATOM   297  O O   . HIS A 1 41  ? -7.736  -2.536  0.586   1.00 9.35  ? 41  HIS A O   1 
ATOM   298  C CB  . HIS A 1 41  ? -8.823  -1.022  -2.027  1.00 11.99 ? 41  HIS A CB  1 
ATOM   299  C CG  . HIS A 1 41  ? -9.051  0.184   -2.846  1.00 15.28 ? 41  HIS A CG  1 
ATOM   300  N ND1 . HIS A 1 41  ? -8.577  0.300   -4.137  1.00 17.33 ? 41  HIS A ND1 1 
ATOM   301  C CD2 . HIS A 1 41  ? -9.707  1.329   -2.569  1.00 16.49 ? 41  HIS A CD2 1 
ATOM   302  C CE1 . HIS A 1 41  ? -8.950  1.506   -4.608  1.00 18.00 ? 41  HIS A CE1 1 
ATOM   303  N NE2 . HIS A 1 41  ? -9.635  2.145   -3.674  1.00 17.58 ? 41  HIS A NE2 1 
ATOM   304  N N   . GLN A 1 42  ? -9.716  -3.220  -0.251  1.00 9.76  ? 42  GLN A N   1 
ATOM   305  C CA  . GLN A 1 42  ? -9.389  -4.620  0.154   1.00 9.82  ? 42  GLN A CA  1 
ATOM   306  C C   . GLN A 1 42  ? -8.466  -5.212  -0.910  1.00 8.65  ? 42  GLN A C   1 
ATOM   307  O O   . GLN A 1 42  ? -8.628  -4.925  -2.113  1.00 9.44  ? 42  GLN A O   1 
ATOM   308  C CB  . GLN A 1 42  ? -10.681 -5.449  0.300   1.00 11.27 ? 42  GLN A CB  1 
ATOM   309  C CG  . GLN A 1 42  ? -10.406 -6.917  0.379   1.00 15.50 ? 42  GLN A CG  1 
ATOM   310  C CD  . GLN A 1 42  ? -11.533 -7.757  0.949   1.00 17.66 ? 42  GLN A CD  1 
ATOM   311  O OE1 . GLN A 1 42  ? -11.270 -8.900  1.346   1.00 19.17 ? 42  GLN A OE1 1 
ATOM   312  N NE2 . GLN A 1 42  ? -12.756 -7.238  1.018   1.00 18.60 ? 42  GLN A NE2 1 
ATOM   313  N N   . TYR A 1 43  ? -7.492  -6.026  -0.505  1.00 7.54  ? 43  TYR A N   1 
ATOM   314  C CA  . TYR A 1 43  ? -6.600  -6.732  -1.440  1.00 7.95  ? 43  TYR A CA  1 
ATOM   315  C C   . TYR A 1 43  ? -7.156  -8.173  -1.454  1.00 8.09  ? 43  TYR A C   1 
ATOM   316  O O   . TYR A 1 43  ? -7.166  -8.785  -0.380  1.00 7.19  ? 43  TYR A O   1 
ATOM   317  C CB  . TYR A 1 43  ? -5.131  -6.737  -1.050  1.00 7.23  ? 43  TYR A CB  1 
ATOM   318  C CG  . TYR A 1 43  ? -4.252  -7.599  -1.946  1.00 7.99  ? 43  TYR A CG  1 
ATOM   319  C CD1 . TYR A 1 43  ? -3.899  -7.170  -3.235  1.00 8.61  ? 43  TYR A CD1 1 
ATOM   320  C CD2 . TYR A 1 43  ? -3.749  -8.806  -1.462  1.00 8.44  ? 43  TYR A CD2 1 
ATOM   321  C CE1 . TYR A 1 43  ? -3.119  -7.997  -4.035  1.00 10.16 ? 43  TYR A CE1 1 
ATOM   322  C CE2 . TYR A 1 43  ? -2.933  -9.636  -2.244  1.00 9.42  ? 43  TYR A CE2 1 
ATOM   323  C CZ  . TYR A 1 43  ? -2.637  -9.194  -3.548  1.00 10.64 ? 43  TYR A CZ  1 
ATOM   324  O OH  . TYR A 1 43  ? -1.844  -9.949  -4.372  1.00 13.52 ? 43  TYR A OH  1 
ATOM   325  N N   . TYR A 1 44  ? -7.661  -8.596  -2.612  1.00 8.55  ? 44  TYR A N   1 
ATOM   326  C CA  . TYR A 1 44  ? -8.294  -9.951  -2.654  1.00 9.77  ? 44  TYR A CA  1 
ATOM   327  C C   . TYR A 1 44  ? -7.407  -11.114 -2.987  1.00 10.93 ? 44  TYR A C   1 
ATOM   328  O O   . TYR A 1 44  ? -7.883  -12.304 -2.983  1.00 11.28 ? 44  TYR A O   1 
ATOM   329  C CB  . TYR A 1 44  ? -9.365  -9.878  -3.809  1.00 9.88  ? 44  TYR A CB  1 
ATOM   330  C CG  . TYR A 1 44  ? -10.472 -8.947  -3.434  1.00 10.65 ? 44  TYR A CG  1 
ATOM   331  C CD1 . TYR A 1 44  ? -11.433 -9.416  -2.514  1.00 11.93 ? 44  TYR A CD1 1 
ATOM   332  C CD2 . TYR A 1 44  ? -10.565 -7.648  -3.924  1.00 10.91 ? 44  TYR A CD2 1 
ATOM   333  C CE1 . TYR A 1 44  ? -12.469 -8.584  -2.110  1.00 13.68 ? 44  TYR A CE1 1 
ATOM   334  C CE2 . TYR A 1 44  ? -11.582 -6.795  -3.495  1.00 12.21 ? 44  TYR A CE2 1 
ATOM   335  C CZ  . TYR A 1 44  ? -12.539 -7.289  -2.613  1.00 13.09 ? 44  TYR A CZ  1 
ATOM   336  O OH  . TYR A 1 44  ? -13.520 -6.448  -2.176  1.00 16.21 ? 44  TYR A OH  1 
HETATM 337  N N   . IAS A 1 45  ? -6.193  -10.837 -3.376  1.00 11.92 ? 45  IAS A N   1 
HETATM 338  C CA  . IAS A 1 45  ? -5.247  -11.917 -3.806  1.00 12.54 ? 45  IAS A CA  1 
HETATM 339  C C   . IAS A 1 45  ? -5.890  -12.771 -4.899  1.00 12.01 ? 45  IAS A C   1 
HETATM 340  O O   . IAS A 1 45  ? -6.486  -12.166 -5.817  1.00 11.26 ? 45  IAS A O   1 
HETATM 341  C CB  . IAS A 1 45  ? -4.879  -12.723 -2.576  1.00 14.26 ? 45  IAS A CB  1 
HETATM 342  C CG  . IAS A 1 45  ? -3.787  -13.732 -2.850  1.00 16.22 ? 45  IAS A CG  1 
HETATM 343  O OD1 . IAS A 1 45  ? -2.754  -13.466 -3.465  1.00 16.32 ? 45  IAS A OD1 1 
HETATM 344  O OXT . IAS A 1 45  ? -5.817  -14.007 -4.758  1.00 12.96 ? 45  IAS A OXT 1 
ATOM   345  N N   . GLU A 1 46  ? -4.056  -14.957 -2.344  1.00 17.17 ? 46  GLU A N   1 
ATOM   346  C CA  . GLU A 1 46  ? -3.096  -16.042 -2.466  1.00 18.82 ? 46  GLU A CA  1 
ATOM   347  C C   . GLU A 1 46  ? -3.006  -16.618 -3.865  1.00 18.25 ? 46  GLU A C   1 
ATOM   348  O O   . GLU A 1 46  ? -1.992  -17.318 -4.132  1.00 18.52 ? 46  GLU A O   1 
ATOM   349  C CB  . GLU A 1 46  ? -3.340  -17.167 -1.475  1.00 22.75 ? 46  GLU A CB  1 
ATOM   350  C CG  . GLU A 1 46  ? -3.216  -16.930 0.014   1.00 26.76 ? 46  GLU A CG  1 
ATOM   351  C CD  . GLU A 1 46  ? -2.007  -16.256 0.567   1.00 29.23 ? 46  GLU A CD  1 
ATOM   352  O OE1 . GLU A 1 46  ? -1.079  -15.793 -0.092  1.00 31.12 ? 46  GLU A OE1 1 
ATOM   353  O OE2 . GLU A 1 46  ? -2.027  -16.220 1.844   1.00 30.00 ? 46  GLU A OE2 1 
ATOM   354  N N   . ALA A 1 47  ? -3.970  -16.349 -4.698  1.00 17.66 ? 47  ALA A N   1 
ATOM   355  C CA  . ALA A 1 47  ? -4.056  -16.814 -6.092  1.00 16.77 ? 47  ALA A CA  1 
ATOM   356  C C   . ALA A 1 47  ? -3.097  -16.018 -6.966  1.00 16.80 ? 47  ALA A C   1 
ATOM   357  O O   . ALA A 1 47  ? -2.815  -16.437 -8.096  1.00 17.35 ? 47  ALA A O   1 
ATOM   358  C CB  . ALA A 1 47  ? -5.478  -16.712 -6.625  1.00 14.48 ? 47  ALA A CB  1 
ATOM   359  N N   . SER A 1 48  ? -2.634  -14.871 -6.462  1.00 16.62 ? 48  SER A N   1 
ATOM   360  C CA  . SER A 1 48  ? -1.708  -14.031 -7.211  1.00 17.23 ? 48  SER A CA  1 
ATOM   361  C C   . SER A 1 48  ? -0.407  -14.783 -7.492  1.00 17.95 ? 48  SER A C   1 
ATOM   362  O O   . SER A 1 48  ? 0.213   -15.412 -6.611  1.00 17.99 ? 48  SER A O   1 
ATOM   363  C CB  . SER A 1 48  ? -1.417  -12.685 -6.544  1.00 16.72 ? 48  SER A CB  1 
ATOM   364  O OG  . SER A 1 48  ? -0.358  -12.103 -7.292  1.00 16.14 ? 48  SER A OG  1 
ATOM   365  N N   . GLU A 1 49  ? 0.010   -14.723 -8.753  1.00 18.67 ? 49  GLU A N   1 
ATOM   366  C CA  . GLU A 1 49  ? 1.230   -15.395 -9.190  1.00 19.28 ? 49  GLU A CA  1 
ATOM   367  C C   . GLU A 1 49  ? 2.464   -14.543 -9.177  1.00 19.03 ? 49  GLU A C   1 
ATOM   368  O O   . GLU A 1 49  ? 3.590   -15.104 -9.257  1.00 19.03 ? 49  GLU A O   1 
ATOM   369  C CB  . GLU A 1 49  ? 1.017   -15.988 -10.599 1.00 23.37 ? 49  GLU A CB  1 
ATOM   370  C CG  . GLU A 1 49  ? -0.147  -17.015 -10.588 1.00 28.08 ? 49  GLU A CG  1 
ATOM   371  C CD  . GLU A 1 49  ? -0.377  -17.756 -11.865 1.00 31.39 ? 49  GLU A CD  1 
ATOM   372  O OE1 . GLU A 1 49  ? 0.448   -18.520 -12.345 1.00 33.13 ? 49  GLU A OE1 1 
ATOM   373  O OE2 . GLU A 1 49  ? -1.505  -17.540 -12.389 1.00 34.64 ? 49  GLU A OE2 1 
ATOM   374  N N   . ASP A 1 50  ? 2.357   -13.224 -9.097  1.00 17.29 ? 50  ASP A N   1 
ATOM   375  C CA  . ASP A 1 50  ? 3.570   -12.383 -9.124  1.00 16.42 ? 50  ASP A CA  1 
ATOM   376  C C   . ASP A 1 50  ? 3.696   -11.579 -7.836  1.00 15.36 ? 50  ASP A C   1 
ATOM   377  O O   . ASP A 1 50  ? 4.606   -10.731 -7.765  1.00 15.40 ? 50  ASP A O   1 
ATOM   378  C CB  . ASP A 1 50  ? 3.602   -11.512 -10.378 1.00 16.15 ? 50  ASP A CB  1 
ATOM   379  C CG  . ASP A 1 50  ? 2.634   -10.364 -10.420 1.00 17.21 ? 50  ASP A CG  1 
ATOM   380  O OD1 . ASP A 1 50  ? 1.617   -10.421 -9.692  1.00 17.88 ? 50  ASP A OD1 1 
ATOM   381  O OD2 . ASP A 1 50  ? 2.787   -9.385  -11.154 1.00 16.19 ? 50  ASP A OD2 1 
ATOM   382  N N   . ILE A 1 51  ? 2.759   -11.778 -6.918  1.00 13.79 ? 51  ILE A N   1 
ATOM   383  C CA  . ILE A 1 51  ? 2.858   -11.012 -5.663  1.00 12.75 ? 51  ILE A CA  1 
ATOM   384  C C   . ILE A 1 51  ? 2.931   -12.040 -4.516  1.00 11.85 ? 51  ILE A C   1 
ATOM   385  O O   . ILE A 1 51  ? 2.000   -12.849 -4.352  1.00 12.16 ? 51  ILE A O   1 
ATOM   386  C CB  . ILE A 1 51  ? 1.678   -10.018 -5.487  1.00 12.24 ? 51  ILE A CB  1 
ATOM   387  C CG1 . ILE A 1 51  ? 1.669   -8.969  -6.648  1.00 12.08 ? 51  ILE A CG1 1 
ATOM   388  C CG2 . ILE A 1 51  ? 1.715   -9.382  -4.074  1.00 12.08 ? 51  ILE A CG2 1 
ATOM   389  C CD1 . ILE A 1 51  ? 0.318   -8.187  -6.671  1.00 13.56 ? 51  ILE A CD1 1 
ATOM   390  N N   . THR A 1 52  ? 4.011   -11.965 -3.797  1.00 11.59 ? 52  THR A N   1 
ATOM   391  C CA  . THR A 1 52  ? 4.224   -12.898 -2.666  1.00 12.17 ? 52  THR A CA  1 
ATOM   392  C C   . THR A 1 52  ? 4.076   -12.131 -1.363  1.00 11.02 ? 52  THR A C   1 
ATOM   393  O O   . THR A 1 52  ? 4.830   -11.164 -1.175  1.00 11.47 ? 52  THR A O   1 
ATOM   394  C CB  . THR A 1 52  ? 5.641   -13.611 -2.704  1.00 15.09 ? 52  THR A CB  1 
ATOM   395  O OG1 . THR A 1 52  ? 5.673   -14.248 -4.019  1.00 17.31 ? 52  THR A OG1 1 
ATOM   396  C CG2 . THR A 1 52  ? 5.724   -14.654 -1.579  1.00 15.92 ? 52  THR A CG2 1 
ATOM   397  N N   . LEU A 1 53  ? 3.135   -12.552 -0.543  1.00 9.59  ? 53  LEU A N   1 
ATOM   398  C CA  . LEU A 1 53  ? 2.958   -11.814 0.729   1.00 9.20  ? 53  LEU A CA  1 
ATOM   399  C C   . LEU A 1 53  ? 3.867   -12.409 1.811   1.00 9.40  ? 53  LEU A C   1 
ATOM   400  O O   . LEU A 1 53  ? 4.082   -13.635 1.830   1.00 9.63  ? 53  LEU A O   1 
ATOM   401  C CB  . LEU A 1 53  ? 1.487   -11.881 1.139   1.00 9.93  ? 53  LEU A CB  1 
ATOM   402  C CG  . LEU A 1 53  ? 0.451   -11.454 0.095   1.00 9.24  ? 53  LEU A CG  1 
ATOM   403  C CD1 . LEU A 1 53  ? -0.919  -11.653 0.793   1.00 11.41 ? 53  LEU A CD1 1 
ATOM   404  C CD2 . LEU A 1 53  ? 0.740   -10.009 -0.269  1.00 9.27  ? 53  LEU A CD2 1 
ATOM   405  N N   . CYS A 1 54  ? 4.388   -11.523 2.645   1.00 8.69  ? 54  CYS A N   1 
ATOM   406  C CA  . CYS A 1 54  ? 5.252   -11.991 3.762   1.00 8.26  ? 54  CYS A CA  1 
ATOM   407  C C   . CYS A 1 54  ? 4.471   -11.925 5.079   1.00 8.06  ? 54  CYS A C   1 
ATOM   408  O O   . CYS A 1 54  ? 5.055   -11.827 6.164   1.00 7.88  ? 54  CYS A O   1 
ATOM   409  C CB  . CYS A 1 54  ? 6.573   -11.219 3.785   1.00 8.11  ? 54  CYS A CB  1 
ATOM   410  S SG  . CYS A 1 54  ? 6.412   -9.506  4.335   1.00 7.95  ? 54  CYS A SG  1 
ATOM   411  N N   . CYS A 1 55  ? 3.148   -11.969 4.988   1.00 8.18  ? 55  CYS A N   1 
ATOM   412  C CA  . CYS A 1 55  ? 2.236   -11.960 6.135   1.00 8.63  ? 55  CYS A CA  1 
ATOM   413  C C   . CYS A 1 55  ? 1.309   -13.179 6.007   1.00 9.17  ? 55  CYS A C   1 
ATOM   414  O O   . CYS A 1 55  ? 1.361   -13.912 4.974   1.00 9.56  ? 55  CYS A O   1 
ATOM   415  C CB  . CYS A 1 55  ? 1.478   -10.640 6.315   1.00 7.70  ? 55  CYS A CB  1 
ATOM   416  S SG  . CYS A 1 55  ? 0.258   -10.511 4.928   1.00 7.78  ? 55  CYS A SG  1 
ATOM   417  N N   . GLY A 1 56  ? 0.555   -13.427 7.047   1.00 8.94  ? 56  GLY A N   1 
ATOM   418  C CA  . GLY A 1 56  ? -0.346  -14.575 7.064   1.00 10.38 ? 56  GLY A CA  1 
ATOM   419  C C   . GLY A 1 56  ? -1.649  -14.386 6.311   1.00 11.37 ? 56  GLY A C   1 
ATOM   420  O O   . GLY A 1 56  ? -1.772  -13.793 5.215   1.00 11.92 ? 56  GLY A O   1 
ATOM   421  N N   . SER A 1 57  ? -2.683  -15.004 6.923   1.00 11.91 ? 57  SER A N   1 
ATOM   422  C CA  . SER A 1 57  ? -4.046  -15.016 6.391   1.00 12.43 ? 57  SER A CA  1 
ATOM   423  C C   . SER A 1 57  ? -4.666  -13.643 6.274   1.00 11.75 ? 57  SER A C   1 
ATOM   424  O O   . SER A 1 57  ? -4.323  -12.738 7.040   1.00 12.03 ? 57  SER A O   1 
ATOM   425  C CB  . SER A 1 57  ? -4.934  -15.857 7.361   1.00 14.46 ? 57  SER A CB  1 
ATOM   426  O OG  . SER A 1 57  ? -4.604  -17.208 6.993   1.00 20.44 ? 57  SER A OG  1 
ATOM   427  N N   . GLY A 1 58  ? -5.634  -13.559 5.372   1.00 11.82 ? 58  GLY A N   1 
ATOM   428  C CA  . GLY A 1 58  ? -6.370  -12.297 5.144   1.00 12.11 ? 58  GLY A CA  1 
ATOM   429  C C   . GLY A 1 58  ? -7.428  -12.115 6.232   1.00 13.12 ? 58  GLY A C   1 
ATOM   430  O O   . GLY A 1 58  ? -7.548  -12.925 7.197   1.00 13.94 ? 58  GLY A O   1 
ATOM   431  N N   . PRO A 1 59  ? -8.234  -11.064 6.153   1.00 13.19 ? 59  PRO A N   1 
ATOM   432  C CA  . PRO A 1 59  ? -8.231  -10.043 5.099   1.00 12.25 ? 59  PRO A CA  1 
ATOM   433  C C   . PRO A 1 59  ? -6.968  -9.194  5.025   1.00 10.56 ? 59  PRO A C   1 
ATOM   434  O O   . PRO A 1 59  ? -6.213  -9.050  5.993   1.00 10.04 ? 59  PRO A O   1 
ATOM   435  C CB  . PRO A 1 59  ? -9.470  -9.176  5.448   1.00 12.95 ? 59  PRO A CB  1 
ATOM   436  C CG  . PRO A 1 59  ? -9.601  -9.332  6.938   1.00 13.68 ? 59  PRO A CG  1 
ATOM   437  C CD  . PRO A 1 59  ? -9.261  -10.814 7.179   1.00 13.27 ? 59  PRO A CD  1 
ATOM   438  N N   . TRP A 1 60  ? -6.739  -8.678  3.822   1.00 9.28  ? 60  TRP A N   1 
ATOM   439  C CA  . TRP A 1 60  ? -5.580  -7.817  3.521   1.00 8.75  ? 60  TRP A CA  1 
ATOM   440  C C   . TRP A 1 60  ? -6.122  -6.489  2.954   1.00 8.13  ? 60  TRP A C   1 
ATOM   441  O O   . TRP A 1 60  ? -7.147  -6.533  2.283   1.00 7.86  ? 60  TRP A O   1 
ATOM   442  C CB  . TRP A 1 60  ? -4.651  -8.501  2.487   1.00 8.03  ? 60  TRP A CB  1 
ATOM   443  C CG  . TRP A 1 60  ? -4.169  -9.879  2.882   1.00 8.49  ? 60  TRP A CG  1 
ATOM   444  C CD1 . TRP A 1 60  ? -3.245  -10.219 3.826   1.00 9.87  ? 60  TRP A CD1 1 
ATOM   445  C CD2 . TRP A 1 60  ? -4.541  -11.115 2.238   1.00 8.96  ? 60  TRP A CD2 1 
ATOM   446  N NE1 . TRP A 1 60  ? -3.000  -11.599 3.816   1.00 9.26  ? 60  TRP A NE1 1 
ATOM   447  C CE2 . TRP A 1 60  ? -3.826  -12.153 2.861   1.00 9.18  ? 60  TRP A CE2 1 
ATOM   448  C CE3 . TRP A 1 60  ? -5.424  -11.413 1.210   1.00 9.04  ? 60  TRP A CE3 1 
ATOM   449  C CZ2 . TRP A 1 60  ? -3.985  -13.492 2.507   1.00 10.13 ? 60  TRP A CZ2 1 
ATOM   450  C CZ3 . TRP A 1 60  ? -5.578  -12.759 0.854   1.00 10.23 ? 60  TRP A CZ3 1 
ATOM   451  C CH2 . TRP A 1 60  ? -4.854  -13.761 1.475   1.00 10.06 ? 60  TRP A CH2 1 
ATOM   452  N N   . SER A 1 61  ? -5.475  -5.396  3.298   1.00 7.22  ? 61  SER A N   1 
ATOM   453  C CA  . SER A 1 61  ? -5.863  -4.052  2.839   1.00 7.02  ? 61  SER A CA  1 
ATOM   454  C C   . SER A 1 61  ? -4.726  -3.468  1.998   1.00 6.87  ? 61  SER A C   1 
ATOM   455  O O   . SER A 1 61  ? -3.569  -3.877  2.150   1.00 7.20  ? 61  SER A O   1 
ATOM   456  C CB  . SER A 1 61  ? -6.191  -3.133  4.020   1.00 6.98  ? 61  SER A CB  1 
ATOM   457  O OG  . SER A 1 61  ? -7.319  -3.699  4.700   1.00 8.23  ? 61  SER A OG  1 
ATOM   458  N N   . GLU A 1 62  ? -5.045  -2.460  1.180   1.00 6.79  ? 62  GLU A N   1 
ATOM   459  C CA  . GLU A 1 62  ? -3.975  -1.840  0.360   1.00 7.45  ? 62  GLU A CA  1 
ATOM   460  C C   . GLU A 1 62  ? -4.163  -0.325  0.413   1.00 6.71  ? 62  GLU A C   1 
ATOM   461  O O   . GLU A 1 62  ? -5.331  0.147   0.430   1.00 6.38  ? 62  GLU A O   1 
ATOM   462  C CB  . GLU A 1 62  ? -3.927  -2.363  -1.052  1.00 12.58 ? 62  GLU A CB  1 
ATOM   463  C CG  . GLU A 1 62  ? -4.816  -1.883  -2.130  1.00 20.29 ? 62  GLU A CG  1 
ATOM   464  C CD  . GLU A 1 62  ? -4.306  -1.804  -3.536  1.00 24.26 ? 62  GLU A CD  1 
ATOM   465  O OE1 . GLU A 1 62  ? -3.570  -2.795  -3.830  1.00 27.19 ? 62  GLU A OE1 1 
ATOM   466  O OE2 . GLU A 1 62  ? -4.530  -0.899  -4.324  1.00 26.36 ? 62  GLU A OE2 1 
ATOM   467  N N   . PHE A 1 63  ? -3.077  0.408   0.519   1.00 4.73  ? 63  PHE A N   1 
ATOM   468  C CA  . PHE A 1 63  ? -3.142  1.884   0.676   1.00 4.93  ? 63  PHE A CA  1 
ATOM   469  C C   . PHE A 1 63  ? -2.005  2.481   -0.130  1.00 4.41  ? 63  PHE A C   1 
ATOM   470  O O   . PHE A 1 63  ? -0.962  1.830   -0.272  1.00 4.76  ? 63  PHE A O   1 
ATOM   471  C CB  . PHE A 1 63  ? -2.985  2.215   2.193   1.00 4.39  ? 63  PHE A CB  1 
ATOM   472  C CG  . PHE A 1 63  ? -3.327  3.599   2.629   1.00 4.82  ? 63  PHE A CG  1 
ATOM   473  C CD1 . PHE A 1 63  ? -4.650  3.987   2.847   1.00 4.10  ? 63  PHE A CD1 1 
ATOM   474  C CD2 . PHE A 1 63  ? -2.287  4.533   2.860   1.00 5.26  ? 63  PHE A CD2 1 
ATOM   475  C CE1 . PHE A 1 63  ? -4.965  5.279   3.281   1.00 4.44  ? 63  PHE A CE1 1 
ATOM   476  C CE2 . PHE A 1 63  ? -2.577  5.838   3.261   1.00 5.11  ? 63  PHE A CE2 1 
ATOM   477  C CZ  . PHE A 1 63  ? -3.932  6.206   3.474   1.00 5.53  ? 63  PHE A CZ  1 
ATOM   478  N N   . PRO A 1 64  ? -2.169  3.717   -0.603  1.00 4.20  ? 64  PRO A N   1 
ATOM   479  C CA  . PRO A 1 64  ? -1.111  4.345   -1.407  1.00 3.73  ? 64  PRO A CA  1 
ATOM   480  C C   . PRO A 1 64  ? 0.159   4.556   -0.594  1.00 4.47  ? 64  PRO A C   1 
ATOM   481  O O   . PRO A 1 64  ? 0.110   4.872   0.605   1.00 4.57  ? 64  PRO A O   1 
ATOM   482  C CB  . PRO A 1 64  ? -1.761  5.667   -1.865  1.00 4.10  ? 64  PRO A CB  1 
ATOM   483  C CG  . PRO A 1 64  ? -3.243  5.327   -1.853  1.00 3.43  ? 64  PRO A CG  1 
ATOM   484  C CD  . PRO A 1 64  ? -3.396  4.534   -0.542  1.00 3.80  ? 64  PRO A CD  1 
ATOM   485  N N   . LEU A 1 65  ? 1.287   4.339   -1.266  1.00 4.09  ? 65  LEU A N   1 
ATOM   486  C CA  . LEU A 1 65  ? 2.651   4.551   -0.757  1.00 4.35  ? 65  LEU A CA  1 
ATOM   487  C C   . LEU A 1 65  ? 3.148   5.845   -1.423  1.00 4.58  ? 65  LEU A C   1 
ATOM   488  O O   . LEU A 1 65  ? 3.263   5.860   -2.656  1.00 4.30  ? 65  LEU A O   1 
ATOM   489  C CB  . LEU A 1 65  ? 3.537   3.322   -1.020  1.00 4.96  ? 65  LEU A CB  1 
ATOM   490  C CG  . LEU A 1 65  ? 5.009   3.458   -0.599  1.00 4.18  ? 65  LEU A CG  1 
ATOM   491  C CD1 . LEU A 1 65  ? 5.136   3.737   0.906   1.00 4.05  ? 65  LEU A CD1 1 
ATOM   492  C CD2 . LEU A 1 65  ? 5.686   2.113   -0.884  1.00 6.28  ? 65  LEU A CD2 1 
ATOM   493  N N   . VAL A 1 66  ? 3.379   6.883   -0.618  1.00 4.53  ? 66  VAL A N   1 
ATOM   494  C CA  . VAL A 1 66  ? 3.825   8.184   -1.181  1.00 6.14  ? 66  VAL A CA  1 
ATOM   495  C C   . VAL A 1 66  ? 4.881   8.821   -0.271  1.00 5.89  ? 66  VAL A C   1 
ATOM   496  O O   . VAL A 1 66  ? 5.044   8.411   0.887   1.00 6.50  ? 66  VAL A O   1 
ATOM   497  C CB  . VAL A 1 66  ? 2.597   9.132   -1.255  1.00 6.07  ? 66  VAL A CB  1 
ATOM   498  C CG1 . VAL A 1 66  ? 1.510   8.707   -2.238  1.00 7.51  ? 66  VAL A CG1 1 
ATOM   499  C CG2 . VAL A 1 66  ? 1.982   9.461   0.104   1.00 6.98  ? 66  VAL A CG2 1 
ATOM   500  N N   . TYR A 1 67  ? 5.553   9.837   -0.828  1.00 6.40  ? 67  TYR A N   1 
ATOM   501  C CA  . TYR A 1 67  ? 6.522   10.557  0.060   1.00 7.49  ? 67  TYR A CA  1 
ATOM   502  C C   . TYR A 1 67  ? 5.729   11.534  0.928   1.00 8.40  ? 67  TYR A C   1 
ATOM   503  O O   . TYR A 1 67  ? 4.636   11.971  0.516   1.00 8.51  ? 67  TYR A O   1 
ATOM   504  C CB  . TYR A 1 67  ? 7.536   11.354  -0.799  1.00 7.77  ? 67  TYR A CB  1 
ATOM   505  C CG  . TYR A 1 67  ? 8.378   10.416  -1.654  1.00 7.16  ? 67  TYR A CG  1 
ATOM   506  C CD1 . TYR A 1 67  ? 9.263   9.549   -1.022  1.00 7.34  ? 67  TYR A CD1 1 
ATOM   507  C CD2 . TYR A 1 67  ? 8.254   10.403  -3.026  1.00 9.09  ? 67  TYR A CD2 1 
ATOM   508  C CE1 . TYR A 1 67  ? 10.057  8.695   -1.757  1.00 9.10  ? 67  TYR A CE1 1 
ATOM   509  C CE2 . TYR A 1 67  ? 9.051   9.536   -3.799  1.00 9.85  ? 67  TYR A CE2 1 
ATOM   510  C CZ  . TYR A 1 67  ? 9.948   8.708   -3.134  1.00 9.97  ? 67  TYR A CZ  1 
ATOM   511  O OH  . TYR A 1 67  ? 10.683  7.842   -3.918  1.00 12.15 ? 67  TYR A OH  1 
ATOM   512  N N   . ASN A 1 68  ? 6.301   11.913  2.040   1.00 9.98  ? 68  ASN A N   1 
ATOM   513  C CA  . ASN A 1 68  ? 5.705   12.854  3.024   1.00 11.03 ? 68  ASN A CA  1 
ATOM   514  C C   . ASN A 1 68  ? 4.279   12.413  3.341   1.00 9.79  ? 68  ASN A C   1 
ATOM   515  O O   . ASN A 1 68  ? 3.334   13.213  3.297   1.00 9.15  ? 68  ASN A O   1 
ATOM   516  C CB  . ASN A 1 68  ? 5.802   14.310  2.546   1.00 15.31 ? 68  ASN A CB  1 
ATOM   517  C CG  . ASN A 1 68  ? 7.282   14.704  2.410   1.00 17.73 ? 68  ASN A CG  1 
ATOM   518  O OD1 . ASN A 1 68  ? 8.041   14.659  3.390   1.00 19.84 ? 68  ASN A OD1 1 
ATOM   519  N ND2 . ASN A 1 68  ? 7.667   14.983  1.170   1.00 19.62 ? 68  ASN A ND2 1 
ATOM   520  N N   . GLY A 1 69  ? 4.190   11.142  3.645   1.00 9.10  ? 69  GLY A N   1 
ATOM   521  C CA  . GLY A 1 69  ? 2.914   10.496  3.948   1.00 8.56  ? 69  GLY A CA  1 
ATOM   522  C C   . GLY A 1 69  ? 2.408   10.852  5.362   1.00 8.33  ? 69  GLY A C   1 
ATOM   523  O O   . GLY A 1 69  ? 2.994   11.606  6.129   1.00 7.92  ? 69  GLY A O   1 
ATOM   524  N N   . PRO A 1 70  ? 1.259   10.268  5.697   1.00 7.87  ? 70  PRO A N   1 
ATOM   525  C CA  . PRO A 1 70  ? 0.519   9.334   4.841   1.00 7.65  ? 70  PRO A CA  1 
ATOM   526  C C   . PRO A 1 70  ? -0.280  10.023  3.744   1.00 6.99  ? 70  PRO A C   1 
ATOM   527  O O   . PRO A 1 70  ? -0.608  11.228  3.861   1.00 6.61  ? 70  PRO A O   1 
ATOM   528  C CB  . PRO A 1 70  ? -0.512  8.697   5.833   1.00 8.49  ? 70  PRO A CB  1 
ATOM   529  C CG  . PRO A 1 70  ? -0.752  9.808   6.813   1.00 9.08  ? 70  PRO A CG  1 
ATOM   530  C CD  . PRO A 1 70  ? 0.625   10.488  7.005   1.00 8.42  ? 70  PRO A CD  1 
ATOM   531  N N   . TYR A 1 71  ? -0.627  9.280   2.732   1.00 6.10  ? 71  TYR A N   1 
ATOM   532  C CA  . TYR A 1 71  ? -1.478  9.757   1.636   1.00 6.07  ? 71  TYR A CA  1 
ATOM   533  C C   . TYR A 1 71  ? -2.786  10.335  2.224   1.00 5.88  ? 71  TYR A C   1 
ATOM   534  O O   . TYR A 1 71  ? -3.414  9.765   3.128   1.00 5.42  ? 71  TYR A O   1 
ATOM   535  C CB  . TYR A 1 71  ? -1.846  8.552   0.720   1.00 5.86  ? 71  TYR A CB  1 
ATOM   536  C CG  . TYR A 1 71  ? -2.906  8.924   -0.330  1.00 5.72  ? 71  TYR A CG  1 
ATOM   537  C CD1 . TYR A 1 71  ? -2.612  9.765   -1.402  1.00 5.00  ? 71  TYR A CD1 1 
ATOM   538  C CD2 . TYR A 1 71  ? -4.216  8.474   -0.170  1.00 5.48  ? 71  TYR A CD2 1 
ATOM   539  C CE1 . TYR A 1 71  ? -3.566  10.088  -2.353  1.00 4.90  ? 71  TYR A CE1 1 
ATOM   540  C CE2 . TYR A 1 71  ? -5.193  8.794   -1.120  1.00 5.68  ? 71  TYR A CE2 1 
ATOM   541  C CZ  . TYR A 1 71  ? -4.866  9.598   -2.193  1.00 6.25  ? 71  TYR A CZ  1 
ATOM   542  O OH  . TYR A 1 71  ? -5.889  9.852   -3.099  1.00 5.88  ? 71  TYR A OH  1 
ATOM   543  N N   . TYR A 1 72  ? -3.228  11.427  1.654   1.00 6.18  ? 72  TYR A N   1 
ATOM   544  C CA  . TYR A 1 72  ? -4.504  12.055  2.069   1.00 7.79  ? 72  TYR A CA  1 
ATOM   545  C C   . TYR A 1 72  ? -5.109  12.784  0.883   1.00 6.98  ? 72  TYR A C   1 
ATOM   546  O O   . TYR A 1 72  ? -4.347  13.373  0.115   1.00 7.09  ? 72  TYR A O   1 
ATOM   547  C CB  . TYR A 1 72  ? -4.350  13.039  3.250   1.00 10.96 ? 72  TYR A CB  1 
ATOM   548  C CG  . TYR A 1 72  ? -5.733  13.237  3.890   1.00 14.55 ? 72  TYR A CG  1 
ATOM   549  C CD1 . TYR A 1 72  ? -6.354  12.221  4.610   1.00 15.94 ? 72  TYR A CD1 1 
ATOM   550  C CD2 . TYR A 1 72  ? -6.380  14.457  3.723   1.00 16.04 ? 72  TYR A CD2 1 
ATOM   551  C CE1 . TYR A 1 72  ? -7.631  12.421  5.161   1.00 18.28 ? 72  TYR A CE1 1 
ATOM   552  C CE2 . TYR A 1 72  ? -7.645  14.676  4.265   1.00 18.25 ? 72  TYR A CE2 1 
ATOM   553  C CZ  . TYR A 1 72  ? -8.244  13.659  4.992   1.00 19.30 ? 72  TYR A CZ  1 
ATOM   554  O OH  . TYR A 1 72  ? -9.492  13.881  5.544   1.00 21.79 ? 72  TYR A OH  1 
ATOM   555  N N   . SER A 1 73  ? -6.411  12.687  0.771   1.00 6.72  ? 73  SER A N   1 
ATOM   556  C CA  . SER A 1 73  ? -7.156  13.348  -0.338  1.00 7.65  ? 73  SER A CA  1 
ATOM   557  C C   . SER A 1 73  ? -8.482  13.771  0.324   1.00 8.90  ? 73  SER A C   1 
ATOM   558  O O   . SER A 1 73  ? -8.942  13.064  1.239   1.00 9.06  ? 73  SER A O   1 
ATOM   559  C CB  . SER A 1 73  ? -7.327  12.411  -1.518  1.00 7.47  ? 73  SER A CB  1 
ATOM   560  O OG  . SER A 1 73  ? -7.970  13.117  -2.596  1.00 7.92  ? 73  SER A OG  1 
ATOM   561  N N   . SER A 1 74  ? -8.994  14.913  -0.038  1.00 9.20  ? 74  SER A N   1 
ATOM   562  C CA  . SER A 1 74  ? -10.185 15.521  0.560   1.00 9.71  ? 74  SER A CA  1 
ATOM   563  C C   . SER A 1 74  ? -11.318 15.764  -0.429  1.00 9.60  ? 74  SER A C   1 
ATOM   564  O O   . SER A 1 74  ? -11.065 15.812  -1.627  1.00 8.61  ? 74  SER A O   1 
ATOM   565  C CB  . SER A 1 74  ? -9.710  16.977  0.904   1.00 12.11 ? 74  SER A CB  1 
ATOM   566  O OG  . SER A 1 74  ? -9.424  17.115  2.208   1.00 16.98 ? 74  SER A OG  1 
ATOM   567  N N   . ARG A 1 75  ? -12.495 16.058  0.144   1.00 10.02 ? 75  ARG A N   1 
ATOM   568  C CA  . ARG A 1 75  ? -13.679 16.327  -0.696  1.00 11.92 ? 75  ARG A CA  1 
ATOM   569  C C   . ARG A 1 75  ? -13.439 17.375  -1.765  1.00 11.83 ? 75  ARG A C   1 
ATOM   570  O O   . ARG A 1 75  ? -13.860 17.151  -2.917  1.00 12.39 ? 75  ARG A O   1 
ATOM   571  C CB  . ARG A 1 75  ? -14.932 16.666  0.123   1.00 15.67 ? 75  ARG A CB  1 
ATOM   572  C CG  . ARG A 1 75  ? -14.774 17.727  1.175   1.00 21.23 ? 75  ARG A CG  1 
ATOM   573  C CD  . ARG A 1 75  ? -15.858 17.704  2.235   1.00 25.02 ? 75  ARG A CD  1 
ATOM   574  N NE  . ARG A 1 75  ? -17.137 18.155  1.689   1.00 27.45 ? 75  ARG A NE  1 
ATOM   575  C CZ  . ARG A 1 75  ? -17.405 19.449  1.408   1.00 27.59 ? 75  ARG A CZ  1 
ATOM   576  N NH1 . ARG A 1 75  ? -16.551 20.415  1.627   1.00 27.62 ? 75  ARG A NH1 1 
ATOM   577  N NH2 . ARG A 1 75  ? -18.574 19.739  0.826   1.00 28.98 ? 75  ARG A NH2 1 
ATOM   578  N N   . ASP A 1 76  ? -12.795 18.482  -1.442  1.00 11.32 ? 76  ASP A N   1 
ATOM   579  C CA  . ASP A 1 76  ? -12.603 19.526  -2.472  1.00 12.34 ? 76  ASP A CA  1 
ATOM   580  C C   . ASP A 1 76  ? -11.133 19.738  -2.793  1.00 11.41 ? 76  ASP A C   1 
ATOM   581  O O   . ASP A 1 76  ? -10.785 20.831  -3.281  1.00 11.52 ? 76  ASP A O   1 
ATOM   582  C CB  . ASP A 1 76  ? -13.301 20.838  -2.054  1.00 15.66 ? 76  ASP A CB  1 
ATOM   583  C CG  . ASP A 1 76  ? -14.799 20.717  -1.899  1.00 18.63 ? 76  ASP A CG  1 
ATOM   584  O OD1 . ASP A 1 76  ? -15.440 19.848  -2.521  1.00 21.08 ? 76  ASP A OD1 1 
ATOM   585  O OD2 . ASP A 1 76  ? -15.432 21.504  -1.197  1.00 21.04 ? 76  ASP A OD2 1 
ATOM   586  N N   . ASN A 1 77  ? -10.332 18.714  -2.521  1.00 9.55  ? 77  ASN A N   1 
ATOM   587  C CA  . ASN A 1 77  ? -8.872  18.829  -2.787  1.00 8.28  ? 77  ASN A CA  1 
ATOM   588  C C   . ASN A 1 77  ? -8.400  17.419  -3.168  1.00 7.17  ? 77  ASN A C   1 
ATOM   589  O O   . ASN A 1 77  ? -7.925  16.671  -2.277  1.00 7.54  ? 77  ASN A O   1 
ATOM   590  C CB  . ASN A 1 77  ? -8.135  19.450  -1.587  1.00 7.31  ? 77  ASN A CB  1 
ATOM   591  C CG  . ASN A 1 77  ? -6.664  19.648  -1.955  1.00 9.72  ? 77  ASN A CG  1 
ATOM   592  O OD1 . ASN A 1 77  ? -6.420  20.366  -2.949  1.00 11.81 ? 77  ASN A OD1 1 
ATOM   593  N ND2 . ASN A 1 77  ? -5.734  19.029  -1.242  1.00 10.05 ? 77  ASN A ND2 1 
ATOM   594  N N   . TYR A 1 78  ? -8.545  17.072  -4.421  1.00 6.27  ? 78  TYR A N   1 
ATOM   595  C CA  . TYR A 1 78  ? -8.166  15.715  -4.888  1.00 5.84  ? 78  TYR A CA  1 
ATOM   596  C C   . TYR A 1 78  ? -6.641  15.597  -5.014  1.00 5.62  ? 78  TYR A C   1 
ATOM   597  O O   . TYR A 1 78  ? -6.004  16.469  -5.636  1.00 6.12  ? 78  TYR A O   1 
ATOM   598  C CB  . TYR A 1 78  ? -8.809  15.460  -6.280  1.00 6.26  ? 78  TYR A CB  1 
ATOM   599  C CG  . TYR A 1 78  ? -8.360  14.117  -6.853  1.00 5.83  ? 78  TYR A CG  1 
ATOM   600  C CD1 . TYR A 1 78  ? -8.940  12.938  -6.383  1.00 5.88  ? 78  TYR A CD1 1 
ATOM   601  C CD2 . TYR A 1 78  ? -7.323  14.034  -7.788  1.00 5.67  ? 78  TYR A CD2 1 
ATOM   602  C CE1 . TYR A 1 78  ? -8.528  11.713  -6.867  1.00 7.29  ? 78  TYR A CE1 1 
ATOM   603  C CE2 . TYR A 1 78  ? -6.905  12.785  -8.291  1.00 6.09  ? 78  TYR A CE2 1 
ATOM   604  C CZ  . TYR A 1 78  ? -7.504  11.638  -7.821  1.00 6.27  ? 78  TYR A CZ  1 
ATOM   605  O OH  . TYR A 1 78  ? -7.121  10.410  -8.302  1.00 6.99  ? 78  TYR A OH  1 
ATOM   606  N N   . VAL A 1 79  ? -6.089  14.505  -4.472  1.00 5.46  ? 79  VAL A N   1 
ATOM   607  C CA  . VAL A 1 79  ? -4.631  14.252  -4.575  1.00 4.74  ? 79  VAL A CA  1 
ATOM   608  C C   . VAL A 1 79  ? -4.492  12.844  -5.165  1.00 4.85  ? 79  VAL A C   1 
ATOM   609  O O   . VAL A 1 79  ? -5.165  11.921  -4.689  1.00 4.90  ? 79  VAL A O   1 
ATOM   610  C CB  . VAL A 1 79  ? -3.923  14.423  -3.222  1.00 6.83  ? 79  VAL A CB  1 
ATOM   611  C CG1 . VAL A 1 79  ? -2.444  14.013  -3.336  1.00 6.82  ? 79  VAL A CG1 1 
ATOM   612  C CG2 . VAL A 1 79  ? -4.070  15.838  -2.668  1.00 6.45  ? 79  VAL A CG2 1 
ATOM   613  N N   . SER A 1 80  ? -3.672  12.728  -6.210  1.00 4.91  ? 80  SER A N   1 
ATOM   614  C CA  . SER A 1 80  ? -3.512  11.413  -6.858  1.00 5.62  ? 80  SER A CA  1 
ATOM   615  C C   . SER A 1 80  ? -2.816  10.407  -5.935  1.00 5.57  ? 80  SER A C   1 
ATOM   616  O O   . SER A 1 80  ? -1.818  10.783  -5.295  1.00 5.11  ? 80  SER A O   1 
ATOM   617  C CB  . SER A 1 80  ? -2.674  11.571  -8.151  1.00 5.72  ? 80  SER A CB  1 
ATOM   618  O OG  . SER A 1 80  ? -2.422  10.240  -8.671  1.00 6.98  ? 80  SER A OG  1 
ATOM   619  N N   . PRO A 1 81  ? -3.303  9.181   -5.869  1.00 5.70  ? 81  PRO A N   1 
ATOM   620  C CA  . PRO A 1 81  ? -2.634  8.138   -5.075  1.00 6.31  ? 81  PRO A CA  1 
ATOM   621  C C   . PRO A 1 81  ? -1.318  7.696   -5.727  1.00 6.50  ? 81  PRO A C   1 
ATOM   622  O O   . PRO A 1 81  ? -0.485  7.035   -5.097  1.00 6.65  ? 81  PRO A O   1 
ATOM   623  C CB  . PRO A 1 81  ? -3.643  7.008   -5.045  1.00 6.19  ? 81  PRO A CB  1 
ATOM   624  C CG  . PRO A 1 81  ? -4.413  7.145   -6.318  1.00 6.76  ? 81  PRO A CG  1 
ATOM   625  C CD  . PRO A 1 81  ? -4.496  8.667   -6.559  1.00 6.16  ? 81  PRO A CD  1 
ATOM   626  N N   . GLY A 1 82  ? -1.104  8.017   -7.020  1.00 5.86  ? 82  GLY A N   1 
ATOM   627  C CA  . GLY A 1 82  ? 0.188   7.591   -7.650  1.00 6.09  ? 82  GLY A CA  1 
ATOM   628  C C   . GLY A 1 82  ? 0.075   6.092   -7.963  1.00 6.06  ? 82  GLY A C   1 
ATOM   629  O O   . GLY A 1 82  ? -0.976  5.443   -7.774  1.00 6.90  ? 82  GLY A O   1 
ATOM   630  N N   . PRO A 1 83  ? 1.191   5.510   -8.415  1.00 5.64  ? 83  PRO A N   1 
ATOM   631  C CA  . PRO A 1 83  ? 1.211   4.106   -8.800  1.00 5.16  ? 83  PRO A CA  1 
ATOM   632  C C   . PRO A 1 83  ? 1.604   3.090   -7.717  1.00 5.26  ? 83  PRO A C   1 
ATOM   633  O O   . PRO A 1 83  ? 1.419   1.880   -8.005  1.00 5.30  ? 83  PRO A O   1 
ATOM   634  C CB  . PRO A 1 83  ? 2.310   4.120   -9.901  1.00 5.61  ? 83  PRO A CB  1 
ATOM   635  C CG  . PRO A 1 83  ? 3.305   5.131   -9.401  1.00 5.36  ? 83  PRO A CG  1 
ATOM   636  C CD  . PRO A 1 83  ? 2.460   6.201   -8.693  1.00 5.97  ? 83  PRO A CD  1 
ATOM   637  N N   . ASP A 1 84  ? 2.114   3.514   -6.595  1.00 3.79  ? 84  ASP A N   1 
ATOM   638  C CA  . ASP A 1 84  ? 2.650   2.616   -5.549  1.00 4.42  ? 84  ASP A CA  1 
ATOM   639  C C   . ASP A 1 84  ? 1.727   2.377   -4.367  1.00 3.32  ? 84  ASP A C   1 
ATOM   640  O O   . ASP A 1 84  ? 1.005   3.258   -3.884  1.00 3.20  ? 84  ASP A O   1 
ATOM   641  C CB  . ASP A 1 84  ? 4.021   3.164   -5.109  1.00 4.60  ? 84  ASP A CB  1 
ATOM   642  C CG  . ASP A 1 84  ? 4.883   3.511   -6.344  1.00 6.07  ? 84  ASP A CG  1 
ATOM   643  O OD1 . ASP A 1 84  ? 4.888   2.808   -7.357  1.00 6.43  ? 84  ASP A OD1 1 
ATOM   644  O OD2 . ASP A 1 84  ? 5.497   4.587   -6.224  1.00 7.06  ? 84  ASP A OD2 1 
ATOM   645  N N   . ARG A 1 85  ? 1.758   1.141   -3.844  1.00 3.04  ? 85  ARG A N   1 
ATOM   646  C CA  . ARG A 1 85  ? 0.900   0.760   -2.739  1.00 3.72  ? 85  ARG A CA  1 
ATOM   647  C C   . ARG A 1 85  ? 1.592   -0.155  -1.733  1.00 4.11  ? 85  ARG A C   1 
ATOM   648  O O   . ARG A 1 85  ? 2.519   -0.881  -2.106  1.00 4.68  ? 85  ARG A O   1 
ATOM   649  C CB  . ARG A 1 85  ? -0.272  -0.160  -3.254  1.00 4.53  ? 85  ARG A CB  1 
ATOM   650  C CG  . ARG A 1 85  ? -1.040  0.477   -4.436  1.00 5.76  ? 85  ARG A CG  1 
ATOM   651  C CD  . ARG A 1 85  ? -2.018  1.542   -4.008  1.00 5.93  ? 85  ARG A CD  1 
ATOM   652  N NE  . ARG A 1 85  ? -2.754  2.000   -5.231  1.00 5.70  ? 85  ARG A NE  1 
ATOM   653  C CZ  . ARG A 1 85  ? -2.333  3.119   -5.864  1.00 6.70  ? 85  ARG A CZ  1 
ATOM   654  N NH1 . ARG A 1 85  ? -1.303  3.819   -5.378  1.00 6.14  ? 85  ARG A NH1 1 
ATOM   655  N NH2 . ARG A 1 85  ? -2.951  3.524   -6.993  1.00 5.78  ? 85  ARG A NH2 1 
ATOM   656  N N   . VAL A 1 86  ? 1.059   -0.123  -0.526  1.00 3.81  ? 86  VAL A N   1 
ATOM   657  C CA  . VAL A 1 86  ? 1.554   -1.063  0.505   1.00 4.93  ? 86  VAL A CA  1 
ATOM   658  C C   . VAL A 1 86  ? 0.384   -2.042  0.747   1.00 5.01  ? 86  VAL A C   1 
ATOM   659  O O   . VAL A 1 86  ? -0.785  -1.615  0.701   1.00 5.77  ? 86  VAL A O   1 
ATOM   660  C CB  . VAL A 1 86  ? 1.981   -0.354  1.800   1.00 5.47  ? 86  VAL A CB  1 
ATOM   661  C CG1 A VAL A 1 86  ? 0.890   0.544   2.370   0.60 6.27  ? 86  VAL A CG1 1 
ATOM   662  C CG1 B VAL A 1 86  ? 3.140   0.612   1.642   0.40 5.15  ? 86  VAL A CG1 1 
ATOM   663  C CG2 A VAL A 1 86  ? 2.420   -1.384  2.842   0.60 4.88  ? 86  VAL A CG2 1 
ATOM   664  C CG2 B VAL A 1 86  ? 0.796   0.359   2.460   0.40 5.99  ? 86  VAL A CG2 1 
ATOM   665  N N   . ILE A 1 87  ? 0.667   -3.306  0.991   1.00 4.64  ? 87  ILE A N   1 
ATOM   666  C CA  . ILE A 1 87  ? -0.394  -4.277  1.352   1.00 4.32  ? 87  ILE A CA  1 
ATOM   667  C C   . ILE A 1 87  ? -0.103  -4.674  2.813   1.00 4.33  ? 87  ILE A C   1 
ATOM   668  O O   . ILE A 1 87  ? 1.084   -4.996  3.084   1.00 4.35  ? 87  ILE A O   1 
ATOM   669  C CB  . ILE A 1 87  ? -0.383  -5.531  0.454   1.00 4.32  ? 87  ILE A CB  1 
ATOM   670  C CG1 . ILE A 1 87  ? -0.662  -5.085  -1.011  1.00 5.96  ? 87  ILE A CG1 1 
ATOM   671  C CG2 . ILE A 1 87  ? -1.403  -6.598  0.933   1.00 3.86  ? 87  ILE A CG2 1 
ATOM   672  C CD1 . ILE A 1 87  ? -0.409  -6.269  -1.996  1.00 7.95  ? 87  ILE A CD1 1 
ATOM   673  N N   . TYR A 1 88  ? -1.107  -4.651  3.660   1.00 4.23  ? 88  TYR A N   1 
ATOM   674  C CA  . TYR A 1 88  ? -0.904  -5.022  5.084   1.00 5.02  ? 88  TYR A CA  1 
ATOM   675  C C   . TYR A 1 88  ? -2.065  -5.920  5.518   1.00 6.26  ? 88  TYR A C   1 
ATOM   676  O O   . TYR A 1 88  ? -3.133  -5.925  4.868   1.00 5.97  ? 88  TYR A O   1 
ATOM   677  C CB  . TYR A 1 88  ? -0.715  -3.782  5.992   1.00 4.79  ? 88  TYR A CB  1 
ATOM   678  C CG  . TYR A 1 88  ? -1.938  -2.861  5.999   1.00 5.17  ? 88  TYR A CG  1 
ATOM   679  C CD1 . TYR A 1 88  ? -2.099  -1.882  5.031   1.00 6.90  ? 88  TYR A CD1 1 
ATOM   680  C CD2 . TYR A 1 88  ? -2.931  -3.012  6.963   1.00 6.63  ? 88  TYR A CD2 1 
ATOM   681  C CE1 . TYR A 1 88  ? -3.236  -1.058  4.986   1.00 6.27  ? 88  TYR A CE1 1 
ATOM   682  C CE2 . TYR A 1 88  ? -4.085  -2.185  6.972   1.00 7.47  ? 88  TYR A CE2 1 
ATOM   683  C CZ  . TYR A 1 88  ? -4.208  -1.229  5.971   1.00 7.99  ? 88  TYR A CZ  1 
ATOM   684  O OH  . TYR A 1 88  ? -5.356  -0.457  5.977   1.00 8.57  ? 88  TYR A OH  1 
ATOM   685  N N   . GLN A 1 89  ? -1.845  -6.633  6.612   1.00 6.65  ? 89  GLN A N   1 
ATOM   686  C CA  . GLN A 1 89  ? -2.901  -7.531  7.174   1.00 8.49  ? 89  GLN A CA  1 
ATOM   687  C C   . GLN A 1 89  ? -3.897  -6.656  7.942   1.00 9.19  ? 89  GLN A C   1 
ATOM   688  O O   . GLN A 1 89  ? -3.542  -6.013  8.935   1.00 9.91  ? 89  GLN A O   1 
ATOM   689  C CB  . GLN A 1 89  ? -2.212  -8.558  8.065   1.00 7.40  ? 89  GLN A CB  1 
ATOM   690  C CG  . GLN A 1 89  ? -3.087  -9.790  8.275   1.00 9.39  ? 89  GLN A CG  1 
ATOM   691  C CD  . GLN A 1 89  ? -2.269  -10.805 9.096   1.00 10.63 ? 89  GLN A CD  1 
ATOM   692  O OE1 . GLN A 1 89  ? -1.537  -10.395 9.990   1.00 12.16 ? 89  GLN A OE1 1 
ATOM   693  N NE2 . GLN A 1 89  ? -2.462  -12.059 8.750   1.00 11.07 ? 89  GLN A NE2 1 
ATOM   694  N N   . THR A 1 90  ? -5.133  -6.603  7.440   1.00 10.11 ? 90  THR A N   1 
ATOM   695  C CA  . THR A 1 90  ? -6.159  -5.709  7.989   1.00 11.14 ? 90  THR A CA  1 
ATOM   696  C C   . THR A 1 90  ? -6.253  -5.630  9.501   1.00 12.60 ? 90  THR A C   1 
ATOM   697  O O   . THR A 1 90  ? -6.239  -4.547  10.113  1.00 12.90 ? 90  THR A O   1 
ATOM   698  C CB  . THR A 1 90  ? -7.571  -6.056  7.318   1.00 10.63 ? 90  THR A CB  1 
ATOM   699  O OG1 . THR A 1 90  ? -7.304  -6.088  5.895   1.00 9.95  ? 90  THR A OG1 1 
ATOM   700  C CG2 . THR A 1 90  ? -8.695  -5.080  7.681   1.00 11.42 ? 90  THR A CG2 1 
ATOM   701  N N   . ASN A 1 91  ? -6.375  -6.805  10.114  1.00 13.93 ? 91  ASN A N   1 
ATOM   702  C CA  . ASN A 1 91  ? -6.578  -6.927  11.556  1.00 15.12 ? 91  ASN A CA  1 
ATOM   703  C C   . ASN A 1 91  ? -5.383  -6.711  12.410  1.00 15.10 ? 91  ASN A C   1 
ATOM   704  O O   . ASN A 1 91  ? -5.608  -6.417  13.616  1.00 16.73 ? 91  ASN A O   1 
ATOM   705  C CB  . ASN A 1 91  ? -7.315  -8.260  11.843  1.00 17.33 ? 91  ASN A CB  1 
ATOM   706  C CG  . ASN A 1 91  ? -8.740  -8.160  11.306  1.00 19.82 ? 91  ASN A CG  1 
ATOM   707  O OD1 . ASN A 1 91  ? -9.329  -7.058  11.289  1.00 22.04 ? 91  ASN A OD1 1 
ATOM   708  N ND2 . ASN A 1 91  ? -9.285  -9.277  10.827  1.00 21.19 ? 91  ASN A ND2 1 
ATOM   709  N N   . THR A 1 92  ? -4.174  -6.758  11.912  1.00 14.20 ? 92  THR A N   1 
ATOM   710  C CA  . THR A 1 92  ? -2.992  -6.597  12.743  1.00 12.84 ? 92  THR A CA  1 
ATOM   711  C C   . THR A 1 92  ? -2.051  -5.474  12.411  1.00 12.48 ? 92  THR A C   1 
ATOM   712  O O   . THR A 1 92  ? -1.232  -5.115  13.288  1.00 13.00 ? 92  THR A O   1 
ATOM   713  C CB  . THR A 1 92  ? -2.164  -7.954  12.609  1.00 12.53 ? 92  THR A CB  1 
ATOM   714  O OG1 . THR A 1 92  ? -1.788  -8.063  11.195  1.00 10.38 ? 92  THR A OG1 1 
ATOM   715  C CG2 . THR A 1 92  ? -2.957  -9.188  13.048  1.00 12.61 ? 92  THR A CG2 1 
ATOM   716  N N   . GLY A 1 93  ? -2.119  -5.002  11.186  1.00 11.39 ? 93  GLY A N   1 
ATOM   717  C CA  . GLY A 1 93  ? -1.215  -3.980  10.654  1.00 10.11 ? 93  GLY A CA  1 
ATOM   718  C C   . GLY A 1 93  ? 0.087   -4.647  10.206  1.00 9.14  ? 93  GLY A C   1 
ATOM   719  O O   . GLY A 1 93  ? 1.039   -3.940  9.885   1.00 9.91  ? 93  GLY A O   1 
ATOM   720  N N   . GLU A 1 94  ? 0.182   -5.980  10.183  1.00 8.25  ? 94  GLU A N   1 
ATOM   721  C CA  . GLU A 1 94  ? 1.447   -6.624  9.757   1.00 6.86  ? 94  GLU A CA  1 
ATOM   722  C C   . GLU A 1 94  ? 1.728   -6.281  8.301   1.00 6.64  ? 94  GLU A C   1 
ATOM   723  O O   . GLU A 1 94  ? 0.828   -6.381  7.449   1.00 7.03  ? 94  GLU A O   1 
ATOM   724  C CB  . GLU A 1 94  ? 1.330   -8.164  9.844   1.00 8.14  ? 94  GLU A CB  1 
ATOM   725  C CG  . GLU A 1 94  ? 2.617   -8.964  9.510   1.00 7.94  ? 94  GLU A CG  1 
ATOM   726  C CD  . GLU A 1 94  ? 3.626   -8.944  10.602  1.00 9.98  ? 94  GLU A CD  1 
ATOM   727  O OE1 . GLU A 1 94  ? 3.362   -8.731  11.797  1.00 9.83  ? 94  GLU A OE1 1 
ATOM   728  O OE2 . GLU A 1 94  ? 4.807   -9.116  10.182  1.00 9.47  ? 94  GLU A OE2 1 
ATOM   729  N N   . PHE A 1 95  ? 2.938   -5.882  7.988   1.00 5.98  ? 95  PHE A N   1 
ATOM   730  C CA  . PHE A 1 95  ? 3.373   -5.564  6.591   1.00 5.38  ? 95  PHE A CA  1 
ATOM   731  C C   . PHE A 1 95  ? 3.339   -6.850  5.765   1.00 4.96  ? 95  PHE A C   1 
ATOM   732  O O   . PHE A 1 95  ? 3.831   -7.914  6.203   1.00 5.04  ? 95  PHE A O   1 
ATOM   733  C CB  . PHE A 1 95  ? 4.800   -4.961  6.654   1.00 5.48  ? 95  PHE A CB  1 
ATOM   734  C CG  . PHE A 1 95  ? 5.475   -4.919  5.289   1.00 5.65  ? 95  PHE A CG  1 
ATOM   735  C CD1 . PHE A 1 95  ? 5.015   -3.997  4.340   1.00 7.16  ? 95  PHE A CD1 1 
ATOM   736  C CD2 . PHE A 1 95  ? 6.532   -5.760  4.979   1.00 6.80  ? 95  PHE A CD2 1 
ATOM   737  C CE1 . PHE A 1 95  ? 5.596   -3.927  3.065   1.00 5.12  ? 95  PHE A CE1 1 
ATOM   738  C CE2 . PHE A 1 95  ? 7.122   -5.724  3.708   1.00 6.92  ? 95  PHE A CE2 1 
ATOM   739  C CZ  . PHE A 1 95  ? 6.659   -4.806  2.756   1.00 6.70  ? 95  PHE A CZ  1 
ATOM   740  N N   . CYS A 1 96  ? 2.833   -6.796  4.542   1.00 4.93  ? 96  CYS A N   1 
ATOM   741  C CA  . CYS A 1 96  ? 2.770   -7.953  3.629   1.00 4.66  ? 96  CYS A CA  1 
ATOM   742  C C   . CYS A 1 96  ? 3.601   -7.784  2.369   1.00 4.93  ? 96  CYS A C   1 
ATOM   743  O O   . CYS A 1 96  ? 4.314   -8.733  1.969   1.00 4.26  ? 96  CYS A O   1 
ATOM   744  C CB  . CYS A 1 96  ? 1.334   -8.269  3.185   1.00 5.09  ? 96  CYS A CB  1 
ATOM   745  S SG  . CYS A 1 96  ? 0.184   -8.544  4.548   1.00 7.32  ? 96  CYS A SG  1 
ATOM   746  N N   . ALA A 1 97  ? 3.495   -6.609  1.717   1.00 5.16  ? 97  ALA A N   1 
ATOM   747  C CA  . ALA A 1 97  ? 4.269   -6.401  0.477   1.00 4.86  ? 97  ALA A CA  1 
ATOM   748  C C   . ALA A 1 97  ? 4.095   -4.948  -0.006  1.00 5.58  ? 97  ALA A C   1 
ATOM   749  O O   . ALA A 1 97  ? 3.177   -4.266  0.473   1.00 5.34  ? 97  ALA A O   1 
ATOM   750  C CB  . ALA A 1 97  ? 3.697   -7.308  -0.646  1.00 6.45  ? 97  ALA A CB  1 
ATOM   751  N N   . THR A 1 98  ? 4.987   -4.609  -0.912  1.00 5.30  ? 98  THR A N   1 
ATOM   752  C CA  . THR A 1 98  ? 4.874   -3.280  -1.609  1.00 5.83  ? 98  THR A CA  1 
ATOM   753  C C   . THR A 1 98  ? 4.689   -3.667  -3.089  1.00 5.60  ? 98  THR A C   1 
ATOM   754  O O   . THR A 1 98  ? 5.399   -4.576  -3.583  1.00 6.06  ? 98  THR A O   1 
ATOM   755  C CB  . THR A 1 98  ? 6.049   -2.284  -1.386  1.00 7.00  ? 98  THR A CB  1 
ATOM   756  O OG1 . THR A 1 98  ? 7.285   -3.019  -1.647  1.00 8.94  ? 98  THR A OG1 1 
ATOM   757  C CG2 . THR A 1 98  ? 6.065   -1.754  0.073   1.00 7.10  ? 98  THR A CG2 1 
ATOM   758  N N   . VAL A 1 99  ? 3.711   -3.068  -3.727  1.00 5.04  ? 99  VAL A N   1 
ATOM   759  C CA  . VAL A 1 99  ? 3.392   -3.322  -5.128  1.00 4.44  ? 99  VAL A CA  1 
ATOM   760  C C   . VAL A 1 99  ? 3.264   -1.989  -5.888  1.00 4.10  ? 99  VAL A C   1 
ATOM   761  O O   . VAL A 1 99  ? 3.069   -0.902  -5.324  1.00 4.03  ? 99  VAL A O   1 
ATOM   762  C CB  . VAL A 1 99  ? 2.135   -4.190  -5.323  1.00 4.10  ? 99  VAL A CB  1 
ATOM   763  C CG1 . VAL A 1 99  ? 2.314   -5.562  -4.691  1.00 5.88  ? 99  VAL A CG1 1 
ATOM   764  C CG2 . VAL A 1 99  ? 0.899   -3.446  -4.835  1.00 4.21  ? 99  VAL A CG2 1 
ATOM   765  N N   . THR A 1 100 ? 3.321   -2.140  -7.201  1.00 3.93  ? 100 THR A N   1 
ATOM   766  C CA  . THR A 1 100 ? 3.211   -0.939  -8.056  1.00 3.81  ? 100 THR A CA  1 
ATOM   767  C C   . THR A 1 100 ? 2.601   -1.225  -9.409  1.00 4.43  ? 100 THR A C   1 
ATOM   768  O O   . THR A 1 100 ? 2.717   -2.327  -9.948  1.00 5.01  ? 100 THR A O   1 
ATOM   769  C CB  . THR A 1 100 ? 4.712   -0.386  -8.252  1.00 3.00  ? 100 THR A CB  1 
ATOM   770  O OG1 . THR A 1 100 ? 4.525   0.858   -8.975  1.00 5.80  ? 100 THR A OG1 1 
ATOM   771  C CG2 . THR A 1 100 ? 5.634   -1.338  -9.041  1.00 3.00  ? 100 THR A CG2 1 
ATOM   772  N N   . HIS A 1 101 ? 2.007   -0.210  -9.997  1.00 4.43  ? 101 HIS A N   1 
ATOM   773  C CA  . HIS A 1 101 ? 1.467   -0.292  -11.373 1.00 5.91  ? 101 HIS A CA  1 
ATOM   774  C C   . HIS A 1 101 ? 2.637   -0.046  -12.339 1.00 6.87  ? 101 HIS A C   1 
ATOM   775  O O   . HIS A 1 101 ? 2.567   -0.364  -13.576 1.00 6.49  ? 101 HIS A O   1 
ATOM   776  C CB  . HIS A 1 101 ? 0.421   0.809   -11.675 1.00 6.28  ? 101 HIS A CB  1 
ATOM   777  C CG  . HIS A 1 101 ? -0.910  0.539   -11.059 1.00 7.51  ? 101 HIS A CG  1 
ATOM   778  N ND1 . HIS A 1 101 ? -1.632  -0.592  -11.390 1.00 8.57  ? 101 HIS A ND1 1 
ATOM   779  C CD2 . HIS A 1 101 ? -1.657  1.200   -10.143 1.00 8.47  ? 101 HIS A CD2 1 
ATOM   780  C CE1 . HIS A 1 101 ? -2.781  -0.622  -10.702 1.00 7.92  ? 101 HIS A CE1 1 
ATOM   781  N NE2 . HIS A 1 101 ? -2.807  0.460   -9.952  1.00 8.82  ? 101 HIS A NE2 1 
ATOM   782  N N   . THR A 1 102 ? 3.694   0.565   -11.835 1.00 6.89  ? 102 THR A N   1 
ATOM   783  C CA  . THR A 1 102 ? 4.844   0.867   -12.716 1.00 8.43  ? 102 THR A CA  1 
ATOM   784  C C   . THR A 1 102 ? 5.536   -0.428  -13.186 1.00 9.40  ? 102 THR A C   1 
ATOM   785  O O   . THR A 1 102 ? 5.975   -1.249  -12.360 1.00 10.42 ? 102 THR A O   1 
ATOM   786  C CB  . THR A 1 102 ? 5.927   1.789   -12.022 1.00 8.91  ? 102 THR A CB  1 
ATOM   787  O OG1 . THR A 1 102 ? 5.207   2.966   -11.538 1.00 8.21  ? 102 THR A OG1 1 
ATOM   788  C CG2 . THR A 1 102 ? 7.071   2.119   -13.016 1.00 7.52  ? 102 THR A CG2 1 
ATOM   789  N N   . GLY A 1 103 ? 5.653   -0.566  -14.497 1.00 9.60  ? 103 GLY A N   1 
ATOM   790  C CA  . GLY A 1 103 ? 6.317   -1.762  -15.031 1.00 10.10 ? 103 GLY A CA  1 
ATOM   791  C C   . GLY A 1 103 ? 5.379   -2.945  -15.219 1.00 9.79  ? 103 GLY A C   1 
ATOM   792  O O   . GLY A 1 103 ? 5.872   -4.044  -15.532 1.00 10.30 ? 103 GLY A O   1 
ATOM   793  N N   . ALA A 1 104 ? 4.100   -2.763  -14.982 1.00 9.37  ? 104 ALA A N   1 
ATOM   794  C CA  . ALA A 1 104 ? 3.114   -3.852  -15.179 1.00 9.32  ? 104 ALA A CA  1 
ATOM   795  C C   . ALA A 1 104 ? 2.730   -3.888  -16.656 1.00 7.95  ? 104 ALA A C   1 
ATOM   796  O O   . ALA A 1 104 ? 2.966   -2.935  -17.408 1.00 8.47  ? 104 ALA A O   1 
ATOM   797  C CB  . ALA A 1 104 ? 1.899   -3.642  -14.276 1.00 9.05  ? 104 ALA A CB  1 
ATOM   798  N N   . ALA A 1 105 ? 2.110   -4.977  -17.061 1.00 8.15  ? 105 ALA A N   1 
ATOM   799  C CA  . ALA A 1 105 ? 1.721   -5.155  -18.466 1.00 8.44  ? 105 ALA A CA  1 
ATOM   800  C C   . ALA A 1 105 ? 0.498   -4.358  -18.887 1.00 9.41  ? 105 ALA A C   1 
ATOM   801  O O   . ALA A 1 105 ? 0.356   -4.193  -20.121 1.00 10.62 ? 105 ALA A O   1 
ATOM   802  C CB  . ALA A 1 105 ? 1.444   -6.644  -18.724 1.00 7.55  ? 105 ALA A CB  1 
ATOM   803  N N   . SER A 1 106 ? -0.362  -3.923  -17.995 1.00 8.75  ? 106 SER A N   1 
ATOM   804  C CA  . SER A 1 106 ? -1.573  -3.142  -18.321 1.00 9.07  ? 106 SER A CA  1 
ATOM   805  C C   . SER A 1 106 ? -1.696  -1.995  -17.308 1.00 9.44  ? 106 SER A C   1 
ATOM   806  O O   . SER A 1 106 ? -1.049  -2.090  -16.241 1.00 8.70  ? 106 SER A O   1 
ATOM   807  C CB  . SER A 1 106 ? -2.807  -4.023  -18.272 1.00 8.07  ? 106 SER A CB  1 
ATOM   808  O OG  . SER A 1 106 ? -3.019  -4.477  -16.947 1.00 9.71  ? 106 SER A OG  1 
ATOM   809  N N   . TYR A 1 107 ? -2.521  -0.989  -17.588 1.00 9.46  ? 107 TYR A N   1 
ATOM   810  C CA  . TYR A 1 107 ? -2.669  0.123   -16.645 1.00 10.23 ? 107 TYR A CA  1 
ATOM   811  C C   . TYR A 1 107 ? -3.217  -0.290  -15.290 1.00 10.60 ? 107 TYR A C   1 
ATOM   812  O O   . TYR A 1 107 ? -2.895  0.395   -14.291 1.00 10.77 ? 107 TYR A O   1 
ATOM   813  C CB  . TYR A 1 107 ? -3.607  1.238   -17.251 1.00 12.69 ? 107 TYR A CB  1 
ATOM   814  C CG  A TYR A 1 107 ? -2.803  2.000   -18.307 0.50 12.93 ? 107 TYR A CG  1 
ATOM   815  C CG  B TYR A 1 107 ? -5.050  0.778   -17.082 0.50 13.75 ? 107 TYR A CG  1 
ATOM   816  C CD1 A TYR A 1 107 ? -1.757  2.849   -17.965 0.50 13.61 ? 107 TYR A CD1 1 
ATOM   817  C CD1 B TYR A 1 107 ? -5.564  -0.306  -17.813 0.50 14.35 ? 107 TYR A CD1 1 
ATOM   818  C CD2 A TYR A 1 107 ? -3.074  1.777   -19.652 0.50 13.72 ? 107 TYR A CD2 1 
ATOM   819  C CD2 B TYR A 1 107 ? -5.850  1.368   -16.096 0.50 14.42 ? 107 TYR A CD2 1 
ATOM   820  C CE1 A TYR A 1 107 ? -1.016  3.493   -18.954 0.50 14.71 ? 107 TYR A CE1 1 
ATOM   821  C CE1 B TYR A 1 107 ? -6.869  -0.745  -17.609 0.50 14.28 ? 107 TYR A CE1 1 
ATOM   822  C CE2 A TYR A 1 107 ? -2.342  2.405   -20.650 0.50 14.09 ? 107 TYR A CE2 1 
ATOM   823  C CE2 B TYR A 1 107 ? -7.153  0.925   -15.878 0.50 14.61 ? 107 TYR A CE2 1 
ATOM   824  C CZ  A TYR A 1 107 ? -1.322  3.266   -20.297 0.50 13.99 ? 107 TYR A CZ  1 
ATOM   825  C CZ  B TYR A 1 107 ? -7.657  -0.112  -16.641 0.50 14.58 ? 107 TYR A CZ  1 
ATOM   826  O OH  A TYR A 1 107 ? -0.627  3.874   -21.309 0.50 14.84 ? 107 TYR A OH  1 
ATOM   827  O OH  B TYR A 1 107 ? -8.941  -0.509  -16.380 0.50 16.37 ? 107 TYR A OH  1 
ATOM   828  N N   . ASP A 1 108 ? -4.027  -1.339  -15.218 1.00 9.80  ? 108 ASP A N   1 
ATOM   829  C CA  . ASP A 1 108 ? -4.608  -1.783  -13.951 1.00 9.71  ? 108 ASP A CA  1 
ATOM   830  C C   . ASP A 1 108 ? -3.839  -2.918  -13.289 1.00 9.27  ? 108 ASP A C   1 
ATOM   831  O O   . ASP A 1 108 ? -4.235  -3.406  -12.210 1.00 9.77  ? 108 ASP A O   1 
ATOM   832  C CB  . ASP A 1 108 ? -6.084  -2.127  -14.162 1.00 12.13 ? 108 ASP A CB  1 
ATOM   833  C CG  . ASP A 1 108 ? -6.348  -3.170  -15.207 1.00 14.85 ? 108 ASP A CG  1 
ATOM   834  O OD1 . ASP A 1 108 ? -5.410  -3.604  -15.933 1.00 16.19 ? 108 ASP A OD1 1 
ATOM   835  O OD2 . ASP A 1 108 ? -7.510  -3.605  -15.379 1.00 16.47 ? 108 ASP A OD2 1 
ATOM   836  N N   . GLY A 1 109 ? -2.765  -3.335  -13.926 1.00 7.95  ? 109 GLY A N   1 
ATOM   837  C CA  . GLY A 1 109 ? -1.957  -4.449  -13.445 1.00 6.44  ? 109 GLY A CA  1 
ATOM   838  C C   . GLY A 1 109 ? -0.938  -4.024  -12.398 1.00 6.78  ? 109 GLY A C   1 
ATOM   839  O O   . GLY A 1 109 ? -0.564  -2.840  -12.315 1.00 6.46  ? 109 GLY A O   1 
ATOM   840  N N   . PHE A 1 110 ? -0.518  -5.024  -11.648 1.00 6.31  ? 110 PHE A N   1 
ATOM   841  C CA  . PHE A 1 110 ? 0.483   -4.788  -10.573 1.00 6.11  ? 110 PHE A CA  1 
ATOM   842  C C   . PHE A 1 110 ? 1.634   -5.782  -10.685 1.00 6.42  ? 110 PHE A C   1 
ATOM   843  O O   . PHE A 1 110 ? 1.449   -6.961  -11.058 1.00 6.61  ? 110 PHE A O   1 
ATOM   844  C CB  . PHE A 1 110 ? -0.169  -5.034  -9.216  1.00 7.54  ? 110 PHE A CB  1 
ATOM   845  C CG  . PHE A 1 110 ? -1.094  -3.989  -8.702  1.00 9.04  ? 110 PHE A CG  1 
ATOM   846  C CD1 . PHE A 1 110 ? -0.573  -2.824  -8.152  1.00 8.83  ? 110 PHE A CD1 1 
ATOM   847  C CD2 . PHE A 1 110 ? -2.495  -4.201  -8.830  1.00 9.11  ? 110 PHE A CD2 1 
ATOM   848  C CE1 . PHE A 1 110 ? -1.451  -1.842  -7.665  1.00 10.90 ? 110 PHE A CE1 1 
ATOM   849  C CE2 . PHE A 1 110 ? -3.358  -3.232  -8.296  1.00 10.49 ? 110 PHE A CE2 1 
ATOM   850  C CZ  . PHE A 1 110 ? -2.823  -2.088  -7.730  1.00 9.97  ? 110 PHE A CZ  1 
ATOM   851  N N   . THR A 1 111 ? 2.761   -5.310  -10.224 1.00 6.03  ? 111 THR A N   1 
ATOM   852  C CA  . THR A 1 111 ? 3.996   -6.075  -10.122 1.00 7.38  ? 111 THR A CA  1 
ATOM   853  C C   . THR A 1 111 ? 4.530   -5.761  -8.717  1.00 7.45  ? 111 THR A C   1 
ATOM   854  O O   . THR A 1 111 ? 4.143   -4.732  -8.151  1.00 7.74  ? 111 THR A O   1 
ATOM   855  C CB  . THR A 1 111 ? 5.023   -5.729  -11.260 1.00 9.78  ? 111 THR A CB  1 
ATOM   856  O OG1 . THR A 1 111 ? 6.052   -6.774  -11.137 1.00 12.87 ? 111 THR A OG1 1 
ATOM   857  C CG2 . THR A 1 111 ? 5.577   -4.322  -11.231 1.00 10.59 ? 111 THR A CG2 1 
ATOM   858  N N   . GLN A 1 112 ? 5.366   -6.639  -8.210  1.00 7.64  ? 112 GLN A N   1 
ATOM   859  C CA  . GLN A 1 112 ? 5.903   -6.419  -6.835  1.00 8.08  ? 112 GLN A CA  1 
ATOM   860  C C   . GLN A 1 112 ? 7.104   -5.498  -6.875  1.00 8.46  ? 112 GLN A C   1 
ATOM   861  O O   . GLN A 1 112 ? 7.928   -5.524  -7.809  1.00 9.59  ? 112 GLN A O   1 
ATOM   862  C CB  . GLN A 1 112 ? 6.268   -7.787  -6.209  1.00 9.18  ? 112 GLN A CB  1 
ATOM   863  C CG  . GLN A 1 112 ? 6.606   -7.653  -4.699  1.00 11.00 ? 112 GLN A CG  1 
ATOM   864  C CD  . GLN A 1 112 ? 6.311   -8.955  -3.963  1.00 11.15 ? 112 GLN A CD  1 
ATOM   865  O OE1 . GLN A 1 112 ? 6.101   -9.998  -4.599  1.00 11.95 ? 112 GLN A OE1 1 
ATOM   866  N NE2 . GLN A 1 112 ? 6.312   -8.891  -2.636  1.00 11.35 ? 112 GLN A NE2 1 
ATOM   867  N N   . CYS A 1 113 ? 7.229   -4.644  -5.862  1.00 8.63  ? 113 CYS A N   1 
ATOM   868  C CA  . CYS A 1 113 ? 8.429   -3.780  -5.743  1.00 9.72  ? 113 CYS A CA  1 
ATOM   869  C C   . CYS A 1 113 ? 9.598   -4.667  -5.282  1.00 11.71 ? 113 CYS A C   1 
ATOM   870  O O   . CYS A 1 113 ? 9.391   -5.728  -4.678  1.00 11.33 ? 113 CYS A O   1 
ATOM   871  C CB  . CYS A 1 113 ? 8.195   -2.663  -4.722  1.00 7.65  ? 113 CYS A CB  1 
ATOM   872  S SG  . CYS A 1 113 ? 6.754   -1.681  -5.329  1.00 7.15  ? 113 CYS A SG  1 
ATOM   873  N N   . SER A 1 114 ? 10.793  -4.153  -5.518  1.00 14.09 ? 114 SER A N   1 
ATOM   874  C CA  . SER A 1 114 ? 11.990  -4.934  -5.121  1.00 17.98 ? 114 SER A CA  1 
ATOM   875  C C   . SER A 1 114 ? 12.560  -4.408  -3.821  1.00 19.44 ? 114 SER A C   1 
ATOM   876  O O   . SER A 1 114 ? 12.415  -3.201  -3.576  1.00 20.21 ? 114 SER A O   1 
ATOM   877  C CB  . SER A 1 114 ? 12.979  -5.041  -6.248  1.00 20.63 ? 114 SER A CB  1 
ATOM   878  O OG  . SER A 1 114 ? 13.414  -3.883  -6.897  1.00 23.69 ? 114 SER A OG  1 
ATOM   879  O OXT . SER A 1 114 ? 13.158  -5.228  -3.079  1.00 23.57 ? 114 SER A OXT 1 
HETATM 880  S S   . SO4 B 2 .   ? -5.756  0.977   -7.404  1.00 23.10 ? 201 SO4 A S   1 
HETATM 881  O O1  . SO4 B 2 .   ? -5.257  1.373   -6.064  1.00 25.00 ? 201 SO4 A O1  1 
HETATM 882  O O2  . SO4 B 2 .   ? -5.906  -0.468  -7.424  1.00 24.87 ? 201 SO4 A O2  1 
HETATM 883  O O3  . SO4 B 2 .   ? -7.095  1.627   -7.673  1.00 25.05 ? 201 SO4 A O3  1 
HETATM 884  O O4  . SO4 B 2 .   ? -4.839  1.507   -8.480  1.00 24.08 ? 201 SO4 A O4  1 
HETATM 885  O O   . HOH C 3 .   ? 6.655   3.643   -9.318  1.00 6.64  ? 301 HOH A O   1 
HETATM 886  O O   . HOH C 3 .   ? 0.814   6.755   2.534   1.00 6.41  ? 302 HOH A O   1 
HETATM 887  O O   . HOH C 3 .   ? 3.744   6.875   2.794   1.00 7.85  ? 303 HOH A O   1 
HETATM 888  O O   . HOH C 3 .   ? -4.070  9.390   5.630   1.00 12.16 ? 304 HOH A O   1 
HETATM 889  O O   . HOH C 3 .   ? 7.600   -11.514 0.107   1.00 32.41 ? 305 HOH A O   1 
HETATM 890  O O   . HOH C 3 .   ? 0.926   -12.081 9.475   1.00 15.38 ? 306 HOH A O   1 
HETATM 891  O O   . HOH C 3 .   ? -0.107  -15.213 3.038   1.00 26.88 ? 307 HOH A O   1 
HETATM 892  O O   . HOH C 3 .   ? 9.063   10.902  2.492   1.00 10.34 ? 308 HOH A O   1 
HETATM 893  O O   . HOH C 3 .   ? 6.198   9.161   4.166   1.00 13.85 ? 309 HOH A O   1 
HETATM 894  O O   . HOH C 3 .   ? 7.196   9.480   6.766   1.00 25.81 ? 310 HOH A O   1 
HETATM 895  O O   . HOH C 3 .   ? 2.102   6.289   -5.189  1.00 4.12  ? 311 HOH A O   1 
HETATM 896  O O   . HOH C 3 .   ? -6.396  -9.446  8.707   1.00 13.73 ? 312 HOH A O   1 
HETATM 897  O O   . HOH C 3 .   ? 3.551   -3.274  10.138  1.00 31.50 ? 313 HOH A O   1 
HETATM 898  O O   . HOH C 3 .   ? 5.109   -5.600  10.085  1.00 10.46 ? 314 HOH A O   1 
HETATM 899  O O   . HOH C 3 .   ? 7.256   -6.431  -1.410  1.00 16.05 ? 315 HOH A O   1 
HETATM 900  O O   . HOH C 3 .   ? 4.713   1.315   -16.379 1.00 28.51 ? 316 HOH A O   1 
HETATM 901  O O   . HOH C 3 .   ? -6.138  -4.014  -10.548 1.00 10.45 ? 317 HOH A O   1 
HETATM 902  O O   . HOH C 3 .   ? 11.290  -9.651  8.088   1.00 24.72 ? 318 HOH A O   1 
HETATM 903  O O   . HOH C 3 .   ? 7.125   5.596   10.734  1.00 14.16 ? 319 HOH A O   1 
HETATM 904  O O   . HOH C 3 .   ? 16.012  2.356   -9.899  1.00 40.25 ? 320 HOH A O   1 
HETATM 905  O O   . HOH C 3 .   ? 13.593  7.491   -5.647  1.00 18.21 ? 321 HOH A O   1 
HETATM 906  O O   . HOH C 3 .   ? 15.880  -0.093  -2.544  1.00 32.03 ? 322 HOH A O   1 
HETATM 907  O O   . HOH C 3 .   ? -6.019  -5.392  -17.817 1.00 31.72 ? 323 HOH A O   1 
HETATM 908  O O   . HOH C 3 .   ? -16.712 18.342  -4.030  1.00 39.36 ? 324 HOH A O   1 
HETATM 909  O O   . HOH C 3 .   ? 1.010   7.770   9.729   1.00 21.99 ? 325 HOH A O   1 
HETATM 910  O O   . HOH C 3 .   ? -3.732  9.260   9.637   1.00 28.75 ? 326 HOH A O   1 
HETATM 911  O O   . HOH C 3 .   ? 12.571  -9.645  14.771  1.00 45.80 ? 327 HOH A O   1 
HETATM 912  O O   . HOH C 3 .   ? -8.692  -9.639  1.739   1.00 13.92 ? 328 HOH A O   1 
HETATM 913  O O   . HOH C 3 .   ? -11.810 14.423  -3.959  1.00 13.90 ? 329 HOH A O   1 
HETATM 914  O O   . HOH C 3 .   ? -0.460  -12.123 -3.167  1.00 18.51 ? 330 HOH A O   1 
HETATM 915  O O   . HOH C 3 .   ? -0.850  13.619  5.426   1.00 41.76 ? 331 HOH A O   1 
HETATM 916  O O   . HOH C 3 .   ? -0.908  12.882  0.008   1.00 25.33 ? 332 HOH A O   1 
HETATM 917  O O   . HOH C 3 .   ? -6.911  -7.354  -5.074  1.00 8.91  ? 333 HOH A O   1 
HETATM 918  O O   . HOH C 3 .   ? 11.963  8.738   1.493   1.00 20.39 ? 334 HOH A O   1 
HETATM 919  O O   . HOH C 3 .   ? -10.331 12.057  -3.077  1.00 13.11 ? 335 HOH A O   1 
HETATM 920  O O   . HOH C 3 .   ? -11.827 11.666  -0.595  1.00 21.34 ? 336 HOH A O   1 
HETATM 921  O O   . HOH C 3 .   ? 0.679   -15.290 -3.812  1.00 31.37 ? 337 HOH A O   1 
HETATM 922  O O   . HOH C 3 .   ? 1.641   -15.002 -1.206  1.00 22.14 ? 338 HOH A O   1 
HETATM 923  O O   . HOH C 3 .   ? 7.331   -8.776  0.960   1.00 24.74 ? 339 HOH A O   1 
HETATM 924  O O   . HOH C 3 .   ? -6.532  17.329  0.872   1.00 30.45 ? 340 HOH A O   1 
HETATM 925  O O   . HOH C 3 .   ? 0.769   0.009   -15.355 1.00 28.92 ? 341 HOH A O   1 
HETATM 926  O O   . HOH C 3 .   ? 8.239   -2.427  -11.753 1.00 23.34 ? 342 HOH A O   1 
HETATM 927  O O   . HOH C 3 .   ? 5.613   -8.852  -12.634 1.00 21.94 ? 343 HOH A O   1 
HETATM 928  O O   . HOH C 3 .   ? 11.282  -7.615  5.504   1.00 35.49 ? 344 HOH A O   1 
HETATM 929  O O   . HOH C 3 .   ? 6.090   -0.795  12.804  1.00 36.41 ? 345 HOH A O   1 
HETATM 930  O O   . HOH C 3 .   ? -12.143 3.319   16.250  1.00 30.04 ? 346 HOH A O   1 
HETATM 931  O O   . HOH C 3 .   ? -10.503 4.626   -4.638  1.00 16.97 ? 347 HOH A O   1 
HETATM 932  O O   . HOH C 3 .   ? -8.934  -14.560 -4.914  1.00 31.30 ? 348 HOH A O   1 
HETATM 933  O O   . HOH C 3 .   ? 2.049   -16.093 1.707   1.00 41.30 ? 350 HOH A O   1 
HETATM 934  O O   . HOH C 3 .   ? -3.336  -18.581 9.768   1.00 33.89 ? 351 HOH A O   1 
HETATM 935  O O   . HOH C 3 .   ? -6.015  -12.196 9.751   1.00 33.22 ? 352 HOH A O   1 
HETATM 936  O O   . HOH C 3 .   ? -6.615  -15.936 3.954   1.00 33.92 ? 353 HOH A O   1 
HETATM 937  O O   . HOH C 3 .   ? 2.248   13.552  0.346   1.00 29.26 ? 354 HOH A O   1 
HETATM 938  O O   . HOH C 3 .   ? 3.190   12.077  8.690   1.00 34.59 ? 355 HOH A O   1 
HETATM 939  O O   . HOH C 3 .   ? -12.950 14.979  2.786   1.00 28.79 ? 356 HOH A O   1 
HETATM 940  O O   . HOH C 3 .   ? -10.989 12.220  2.968   1.00 24.31 ? 357 HOH A O   1 
HETATM 941  O O   . HOH C 3 .   ? -8.539  22.142  -3.842  1.00 41.27 ? 358 HOH A O   1 
HETATM 942  O O   . HOH C 3 .   ? 12.796  -1.480  9.263   1.00 28.20 ? 359 HOH A O   1 
HETATM 943  O O   . HOH C 3 .   ? 16.032  3.519   3.708   1.00 30.44 ? 360 HOH A O   1 
HETATM 944  O O   . HOH C 3 .   ? 15.379  4.825   1.017   1.00 28.89 ? 361 HOH A O   1 
HETATM 945  O O   . HOH C 3 .   ? 16.546  -3.434  2.227   1.00 51.08 ? 362 HOH A O   1 
HETATM 946  O O   . HOH C 3 .   ? 9.291   -2.637  -9.296  1.00 29.27 ? 363 HOH A O   1 
HETATM 947  O O   . HOH C 3 .   ? 10.015  -1.370  -13.480 1.00 40.75 ? 364 HOH A O   1 
HETATM 948  O O   . HOH C 3 .   ? 14.204  8.321   -2.298  1.00 61.05 ? 365 HOH A O   1 
HETATM 949  O O   . HOH C 3 .   ? 13.725  7.125   0.081   1.00 32.71 ? 366 HOH A O   1 
HETATM 950  O O   . HOH C 3 .   ? 16.257  1.572   10.135  1.00 52.31 ? 367 HOH A O   1 
HETATM 951  O O   . HOH C 3 .   ? 14.402  5.692   7.337   1.00 41.14 ? 368 HOH A O   1 
HETATM 952  O O   . HOH C 3 .   ? -1.533  3.679   13.690  1.00 36.07 ? 369 HOH A O   1 
HETATM 953  O O   . HOH C 3 .   ? -0.621  6.546   14.722  1.00 46.51 ? 370 HOH A O   1 
HETATM 954  O O   . HOH C 3 .   ? -3.988  11.766  7.340   1.00 33.65 ? 371 HOH A O   1 
HETATM 955  O O   . HOH C 3 .   ? -7.806  0.625   12.564  1.00 27.46 ? 372 HOH A O   1 
HETATM 956  O O   . HOH C 3 .   ? 4.086   -15.539 4.367   1.00 32.72 ? 373 HOH A O   1 
HETATM 957  O O   . HOH C 3 .   ? 1.397   -9.827  13.362  1.00 37.69 ? 374 HOH A O   1 
HETATM 958  O O   . HOH C 3 .   ? 6.196   -14.466 -6.902  1.00 62.18 ? 375 HOH A O   1 
HETATM 959  O O   . HOH C 3 .   ? 6.344   -9.350  -9.280  1.00 23.54 ? 376 HOH A O   1 
HETATM 960  O O   . HOH C 3 .   ? 6.863   -12.063 -6.301  1.00 34.93 ? 377 HOH A O   1 
HETATM 961  O O   . HOH C 3 .   ? -6.280  -15.870 -1.119  1.00 21.36 ? 378 HOH A O   1 
HETATM 962  O O   . HOH C 3 .   ? -9.620  -13.043 -0.881  1.00 39.57 ? 379 HOH A O   1 
HETATM 963  O O   . HOH C 3 .   ? 0.404   13.208  2.555   1.00 37.48 ? 380 HOH A O   1 
HETATM 964  O O   . HOH C 3 .   ? 14.120  -8.604  10.554  1.00 34.15 ? 381 HOH A O   1 
HETATM 965  O O   . HOH C 3 .   ? 9.759   -6.688  -2.307  1.00 38.76 ? 382 HOH A O   1 
HETATM 966  O O   . HOH C 3 .   ? 8.919   -3.873  11.084  1.00 26.90 ? 383 HOH A O   1 
HETATM 967  O O   . HOH C 3 .   ? 13.973  -7.136  3.883   1.00 53.30 ? 384 HOH A O   1 
HETATM 968  O O   . HOH C 3 .   ? 15.895  -4.543  4.877   1.00 34.00 ? 385 HOH A O   1 
HETATM 969  O O   . HOH C 3 .   ? 3.322   8.477   -5.735  1.00 25.03 ? 386 HOH A O   1 
HETATM 970  O O   . HOH C 3 .   ? 13.050  -4.246  -0.221  1.00 37.63 ? 387 HOH A O   1 
HETATM 971  O O   . HOH C 3 .   ? 15.333  -2.519  -2.736  1.00 38.22 ? 388 HOH A O   1 
HETATM 972  O O   . HOH C 3 .   ? 7.279   5.636   -11.009 1.00 53.36 ? 389 HOH A O   1 
HETATM 973  O O   . HOH C 3 .   ? -11.428 14.560  8.579   1.00 55.77 ? 390 HOH A O   1 
HETATM 974  O O   . HOH C 3 .   ? -12.143 1.924   3.048   1.00 31.87 ? 391 HOH A O   1 
HETATM 975  O O   . HOH C 3 .   ? -13.031 -2.961  -2.468  1.00 32.75 ? 392 HOH A O   1 
HETATM 976  O O   . HOH C 3 .   ? -3.779  -17.918 -10.078 1.00 25.71 ? 393 HOH A O   1 
HETATM 977  O O   . HOH C 3 .   ? -9.728  -6.409  3.324   1.00 31.05 ? 394 HOH A O   1 
HETATM 978  O O   . HOH C 3 .   ? -9.770  -2.963  3.647   1.00 30.70 ? 395 HOH A O   1 
HETATM 979  O O   . HOH C 3 .   ? -7.177  -2.405  -8.109  1.00 33.10 ? 396 HOH A O   1 
HETATM 980  O O   . HOH C 3 .   ? 4.920   10.790  -3.457  1.00 23.89 ? 397 HOH A O   1 
HETATM 981  O O   . HOH C 3 .   ? 2.423   14.541  5.988   1.00 40.52 ? 398 HOH A O   1 
HETATM 982  O O   . HOH C 3 .   ? -2.015  15.023  0.704   1.00 33.53 ? 399 HOH A O   1 
HETATM 983  O O   . HOH C 3 .   ? 0.267   10.479  -10.026 1.00 51.25 ? 400 HOH A O   1 
HETATM 984  O O   . HOH C 3 .   ? 3.923   4.523   -13.253 1.00 35.42 ? 401 HOH A O   1 
HETATM 985  O O   . HOH C 3 .   ? -7.380  -1.245  7.435   1.00 31.91 ? 402 HOH A O   1 
HETATM 986  O O   . HOH C 3 .   ? -7.750  -1.959  10.049  1.00 46.27 ? 403 HOH A O   1 
HETATM 987  O O   . HOH C 3 .   ? 1.652   0.056   -18.205 1.00 36.84 ? 404 HOH A O   1 
HETATM 988  O O   . HOH C 3 .   ? 8.768   -6.505  -10.627 1.00 40.27 ? 405 HOH A O   1 
HETATM 989  O O   . HOH C 3 .   ? 9.435   -5.088  -13.080 1.00 49.41 ? 406 HOH A O   1 
HETATM 990  O O   . HOH C 3 .   ? 11.202  -3.487  12.735  1.00 44.02 ? 407 HOH A O   1 
HETATM 991  O O   . HOH C 3 .   ? 13.646  -5.109  8.119   1.00 35.05 ? 408 HOH A O   1 
HETATM 992  O O   . HOH C 3 .   ? 14.391  -6.956  6.556   1.00 50.52 ? 409 HOH A O   1 
HETATM 993  O O   . HOH C 3 .   ? 9.758   -7.743  2.017   1.00 38.42 ? 410 HOH A O   1 
HETATM 994  O O   . HOH C 3 .   ? -1.213  15.721  3.387   1.00 43.92 ? 411 HOH A O   1 
HETATM 995  O O   . HOH C 3 .   ? 17.165  0.317   -4.974  1.00 43.74 ? 412 HOH A O   1 
HETATM 996  O O   . HOH C 3 .   ? 9.932   4.173   -13.808 1.00 60.32 ? 413 HOH A O   1 
HETATM 997  O O   . HOH C 3 .   ? 15.892  5.804   -8.668  1.00 68.25 ? 414 HOH A O   1 
HETATM 998  O O   . HOH C 3 .   ? 11.769  9.148   -6.182  1.00 51.04 ? 415 HOH A O   1 
HETATM 999  O O   . HOH C 3 .   ? 5.697   9.032   -4.866  1.00 36.07 ? 416 HOH A O   1 
HETATM 1000 O O   . HOH C 3 .   ? 17.856  5.756   5.255   1.00 53.76 ? 417 HOH A O   1 
HETATM 1001 O O   . HOH C 3 .   ? 16.009  7.331   3.732   1.00 38.35 ? 418 HOH A O   1 
HETATM 1002 O O   . HOH C 3 .   ? 16.393  4.271   9.961   1.00 51.68 ? 419 HOH A O   1 
HETATM 1003 O O   . HOH C 3 .   ? 7.546   -14.129 1.544   1.00 42.81 ? 420 HOH A O   1 
HETATM 1004 O O   . HOH C 3 .   ? 13.119  8.290   5.053   1.00 49.75 ? 421 HOH A O   1 
HETATM 1005 O O   . HOH C 3 .   ? 9.929   9.601   5.368   1.00 33.36 ? 422 HOH A O   1 
HETATM 1006 O O   . HOH C 3 .   ? 3.613   -0.564  10.998  1.00 48.76 ? 423 HOH A O   1 
HETATM 1007 O O   . HOH C 3 .   ? -1.504  8.789   10.942  1.00 30.17 ? 424 HOH A O   1 
HETATM 1008 O O   . HOH C 3 .   ? 5.243   -6.003  13.206  1.00 46.08 ? 425 HOH A O   1 
HETATM 1009 O O   . HOH C 3 .   ? 8.544   -5.649  12.940  1.00 43.73 ? 426 HOH A O   1 
HETATM 1010 O O   . HOH C 3 .   ? -18.651 6.537   -3.170  1.00 67.47 ? 427 HOH A O   1 
HETATM 1011 O O   . HOH C 3 .   ? -16.004 8.554   -3.172  1.00 47.97 ? 428 HOH A O   1 
HETATM 1012 O O   . HOH C 3 .   ? -13.513 3.195   -4.634  1.00 43.79 ? 429 HOH A O   1 
HETATM 1013 O O   . HOH C 3 .   ? -11.995 -11.374 1.330   1.00 41.96 ? 430 HOH A O   1 
HETATM 1014 O O   . HOH C 3 .   ? 1.176   8.518   -11.766 1.00 47.00 ? 431 HOH A O   1 
HETATM 1015 O O   . HOH C 3 .   ? -5.343  -4.908  -5.610  1.00 23.32 ? 432 HOH A O   1 
HETATM 1016 O O   . HOH C 3 .   ? -2.707  -4.746  -5.403  1.00 41.51 ? 433 HOH A O   1 
HETATM 1017 O O   . HOH C 3 .   ? -6.087  -17.725 1.911   1.00 54.24 ? 434 HOH A O   1 
HETATM 1018 O O   . HOH C 3 .   ? 6.057   15.307  -0.690  1.00 49.52 ? 436 HOH A O   1 
HETATM 1019 O O   . HOH C 3 .   ? 0.503   11.895  -3.102  1.00 46.04 ? 437 HOH A O   1 
HETATM 1020 O O   . HOH C 3 .   ? -2.072  -14.835 10.421  1.00 42.55 ? 438 HOH A O   1 
HETATM 1021 O O   . HOH C 3 .   ? 9.005   -4.368  0.055   1.00 36.79 ? 440 HOH A O   1 
HETATM 1022 O O   . HOH C 3 .   ? 6.975   -6.523  -14.613 1.00 54.59 ? 441 HOH A O   1 
HETATM 1023 O O   . HOH C 3 .   ? -3.781  -1.418  -20.270 1.00 33.48 ? 443 HOH A O   1 
HETATM 1024 O O   . HOH C 3 .   ? 11.813  -2.566  -9.138  1.00 40.87 ? 444 HOH A O   1 
HETATM 1025 O O   . HOH C 3 .   ? -5.929  -0.456  -10.922 1.00 30.44 ? 445 HOH A O   1 
# 
